data_2ROV
#
_entry.id   2ROV
#
_entity_poly.entity_id   1
_entity_poly.type   'polypeptide(L)'
_entity_poly.pdbx_seq_one_letter_code
;SRLEGWLSLPVRNNTKKFGWVKKYVIVSSKKILFYDSEQDKEQSNPYMVLDIDKLFHVRPVTQTDVYRADAKEIPRIFQI
LYANEGISSAKNLLLLANSTEEQQKWVSRLVKKIPKK
;
_entity_poly.pdbx_strand_id   A
#
# COMPACT_ATOMS: atom_id res chain seq x y z
N SER A 1 4.79 16.51 -8.68
CA SER A 1 4.09 15.25 -8.37
C SER A 1 4.68 14.57 -7.13
N ARG A 2 4.18 13.38 -6.83
CA ARG A 2 4.67 12.62 -5.67
C ARG A 2 4.47 11.13 -5.87
N LEU A 3 4.81 10.35 -4.85
CA LEU A 3 4.67 8.89 -4.91
C LEU A 3 3.29 8.51 -5.43
N GLU A 4 3.25 7.95 -6.65
CA GLU A 4 1.99 7.55 -7.24
C GLU A 4 2.20 6.44 -8.28
N GLY A 5 1.12 5.71 -8.56
CA GLY A 5 1.18 4.64 -9.53
C GLY A 5 0.16 3.56 -9.23
N TRP A 6 0.46 2.33 -9.60
CA TRP A 6 -0.45 1.22 -9.36
C TRP A 6 0.20 0.15 -8.49
N LEU A 7 -0.47 -0.16 -7.40
CA LEU A 7 0.02 -1.18 -6.49
C LEU A 7 -1.04 -2.28 -6.37
N SER A 8 -0.59 -3.49 -6.09
CA SER A 8 -1.50 -4.62 -5.99
C SER A 8 -1.98 -4.83 -4.56
N LEU A 9 -3.29 -5.06 -4.44
CA LEU A 9 -3.91 -5.31 -3.14
C LEU A 9 -4.64 -6.64 -3.16
N PRO A 10 -4.68 -7.34 -2.02
CA PRO A 10 -5.35 -8.65 -1.92
C PRO A 10 -6.84 -8.57 -2.26
N VAL A 11 -7.20 -9.12 -3.42
CA VAL A 11 -8.59 -9.11 -3.86
C VAL A 11 -9.19 -10.51 -3.86
N ARG A 12 -10.46 -10.60 -3.48
CA ARG A 12 -11.15 -11.88 -3.43
C ARG A 12 -11.75 -12.24 -4.78
N ASN A 13 -10.94 -12.85 -5.63
CA ASN A 13 -11.38 -13.25 -6.96
C ASN A 13 -12.30 -14.47 -6.87
N ASN A 14 -12.08 -15.29 -5.86
CA ASN A 14 -12.89 -16.50 -5.66
C ASN A 14 -13.94 -16.28 -4.59
N THR A 15 -13.50 -16.11 -3.35
CA THR A 15 -14.40 -15.90 -2.22
C THR A 15 -13.62 -15.68 -0.92
N LYS A 16 -12.70 -16.59 -0.65
CA LYS A 16 -11.88 -16.49 0.57
C LYS A 16 -10.45 -16.13 0.24
N LYS A 17 -9.99 -16.57 -0.94
CA LYS A 17 -8.62 -16.29 -1.38
C LYS A 17 -8.45 -14.80 -1.69
N PHE A 18 -7.20 -14.37 -1.76
CA PHE A 18 -6.89 -12.98 -2.06
C PHE A 18 -5.69 -12.88 -3.00
N GLY A 19 -5.96 -12.51 -4.25
CA GLY A 19 -4.89 -12.39 -5.22
C GLY A 19 -4.28 -11.00 -5.23
N TRP A 20 -4.33 -10.34 -6.38
CA TRP A 20 -3.79 -8.99 -6.51
C TRP A 20 -4.57 -8.16 -7.51
N VAL A 21 -4.50 -6.84 -7.33
CA VAL A 21 -5.19 -5.92 -8.21
C VAL A 21 -4.51 -4.55 -8.18
N LYS A 22 -4.02 -4.09 -9.34
CA LYS A 22 -3.35 -2.81 -9.42
C LYS A 22 -4.33 -1.66 -9.25
N LYS A 23 -4.24 -0.98 -8.12
CA LYS A 23 -5.08 0.17 -7.83
C LYS A 23 -4.22 1.41 -7.84
N TYR A 24 -4.78 2.53 -8.30
CA TYR A 24 -4.01 3.75 -8.37
C TYR A 24 -3.81 4.36 -6.99
N VAL A 25 -2.62 4.15 -6.44
CA VAL A 25 -2.28 4.69 -5.14
C VAL A 25 -1.39 5.92 -5.30
N ILE A 26 -1.72 6.97 -4.58
CA ILE A 26 -0.94 8.21 -4.65
C ILE A 26 -0.77 8.82 -3.26
N VAL A 27 0.48 8.85 -2.79
CA VAL A 27 0.78 9.40 -1.49
C VAL A 27 1.02 10.91 -1.56
N SER A 28 0.04 11.68 -1.11
CA SER A 28 0.14 13.13 -1.14
C SER A 28 0.95 13.63 0.06
N SER A 29 1.42 14.87 -0.01
CA SER A 29 2.20 15.47 1.06
C SER A 29 1.50 15.31 2.41
N LYS A 30 2.05 14.44 3.25
CA LYS A 30 1.48 14.19 4.58
C LYS A 30 0.09 13.58 4.47
N LYS A 31 -0.16 12.86 3.39
CA LYS A 31 -1.45 12.22 3.17
C LYS A 31 -1.34 11.06 2.18
N ILE A 32 -2.26 10.10 2.30
CA ILE A 32 -2.25 8.94 1.41
C ILE A 32 -3.61 8.79 0.72
N LEU A 33 -3.57 8.73 -0.61
CA LEU A 33 -4.80 8.59 -1.39
C LEU A 33 -4.84 7.26 -2.12
N PHE A 34 -6.06 6.75 -2.34
CA PHE A 34 -6.25 5.48 -3.02
C PHE A 34 -7.36 5.60 -4.06
N TYR A 35 -7.09 5.15 -5.28
CA TYR A 35 -8.06 5.21 -6.35
C TYR A 35 -8.09 3.90 -7.16
N ASP A 36 -9.09 3.75 -7.99
CA ASP A 36 -9.23 2.55 -8.81
C ASP A 36 -8.94 2.86 -10.28
N SER A 37 -9.05 4.13 -10.66
CA SER A 37 -8.80 4.55 -12.03
C SER A 37 -8.69 6.06 -12.13
N GLU A 38 -8.30 6.55 -13.30
CA GLU A 38 -8.15 7.98 -13.52
C GLU A 38 -9.51 8.67 -13.52
N GLN A 39 -10.52 7.99 -14.07
CA GLN A 39 -11.87 8.53 -14.13
C GLN A 39 -12.39 8.86 -12.73
N ASP A 40 -12.02 8.03 -11.77
CA ASP A 40 -12.46 8.22 -10.39
C ASP A 40 -11.63 9.31 -9.71
N LYS A 41 -10.38 9.43 -10.10
CA LYS A 41 -9.48 10.43 -9.53
C LYS A 41 -9.89 11.84 -9.96
N GLU A 42 -10.11 12.01 -11.27
CA GLU A 42 -10.51 13.30 -11.81
C GLU A 42 -11.86 13.73 -11.26
N GLN A 43 -12.68 12.76 -10.89
CA GLN A 43 -14.01 13.04 -10.34
C GLN A 43 -13.97 13.20 -8.82
N SER A 44 -12.76 13.28 -8.26
CA SER A 44 -12.60 13.45 -6.82
C SER A 44 -13.27 12.30 -6.07
N ASN A 45 -13.09 11.08 -6.55
CA ASN A 45 -13.69 9.90 -5.92
C ASN A 45 -12.60 8.98 -5.36
N PRO A 46 -12.02 9.33 -4.21
CA PRO A 46 -10.97 8.53 -3.58
C PRO A 46 -11.52 7.25 -2.94
N TYR A 47 -11.15 6.11 -3.52
CA TYR A 47 -11.61 4.82 -3.00
C TYR A 47 -11.20 4.65 -1.54
N MET A 48 -10.03 5.19 -1.20
CA MET A 48 -9.52 5.10 0.16
C MET A 48 -8.50 6.20 0.42
N VAL A 49 -8.33 6.56 1.69
CA VAL A 49 -7.38 7.60 2.06
C VAL A 49 -6.82 7.37 3.46
N LEU A 50 -5.50 7.38 3.58
CA LEU A 50 -4.85 7.17 4.87
C LEU A 50 -3.96 8.36 5.21
N ASP A 51 -3.72 8.56 6.51
CA ASP A 51 -2.90 9.66 6.97
C ASP A 51 -1.45 9.20 7.22
N ILE A 52 -0.51 9.83 6.52
CA ILE A 52 0.89 9.49 6.65
C ILE A 52 1.36 9.62 8.10
N ASP A 53 0.87 10.65 8.77
CA ASP A 53 1.23 10.89 10.17
C ASP A 53 0.71 9.78 11.08
N LYS A 54 -0.36 9.10 10.62
CA LYS A 54 -0.95 8.02 11.40
C LYS A 54 -0.12 6.75 11.31
N LEU A 55 0.66 6.63 10.23
CA LEU A 55 1.50 5.46 10.02
C LEU A 55 2.38 5.19 11.23
N PHE A 56 2.54 3.93 11.59
CA PHE A 56 3.36 3.54 12.73
C PHE A 56 4.73 3.07 12.27
N HIS A 57 4.77 2.38 11.13
CA HIS A 57 6.01 1.87 10.58
C HIS A 57 5.78 1.17 9.24
N VAL A 58 6.65 1.45 8.28
CA VAL A 58 6.56 0.84 6.97
C VAL A 58 7.78 -0.02 6.67
N ARG A 59 7.56 -1.31 6.44
CA ARG A 59 8.66 -2.23 6.16
C ARG A 59 8.21 -3.33 5.19
N PRO A 60 9.17 -3.91 4.44
CA PRO A 60 8.87 -4.98 3.47
C PRO A 60 8.32 -6.22 4.15
N VAL A 61 7.56 -7.02 3.40
CA VAL A 61 6.97 -8.25 3.93
C VAL A 61 7.86 -9.45 3.65
N THR A 62 7.47 -10.60 4.19
CA THR A 62 8.23 -11.83 3.98
C THR A 62 7.33 -12.98 3.54
N GLN A 63 7.90 -14.17 3.39
CA GLN A 63 7.14 -15.33 2.98
C GLN A 63 6.00 -15.63 3.94
N THR A 64 6.12 -15.13 5.17
CA THR A 64 5.09 -15.35 6.18
C THR A 64 3.84 -14.53 5.89
N ASP A 65 4.01 -13.43 5.17
CA ASP A 65 2.89 -12.56 4.82
C ASP A 65 1.89 -13.27 3.92
N VAL A 66 2.41 -14.11 3.02
CA VAL A 66 1.56 -14.85 2.09
C VAL A 66 2.15 -16.22 1.78
N TYR A 67 1.28 -17.17 1.49
CA TYR A 67 1.70 -18.54 1.18
C TYR A 67 1.53 -18.82 -0.31
N ARG A 68 0.35 -18.50 -0.85
CA ARG A 68 0.07 -18.73 -2.25
C ARG A 68 0.95 -17.85 -3.14
N ALA A 69 1.40 -16.73 -2.59
CA ALA A 69 2.24 -15.80 -3.33
C ALA A 69 3.49 -16.50 -3.89
N ASP A 70 4.39 -15.72 -4.46
CA ASP A 70 5.62 -16.27 -5.03
C ASP A 70 6.85 -15.67 -4.35
N ALA A 71 7.83 -16.52 -4.07
CA ALA A 71 9.07 -16.07 -3.42
C ALA A 71 9.65 -14.85 -4.12
N LYS A 72 9.38 -14.72 -5.41
CA LYS A 72 9.88 -13.59 -6.19
C LYS A 72 9.05 -12.34 -5.93
N GLU A 73 7.77 -12.54 -5.62
CA GLU A 73 6.86 -11.43 -5.36
C GLU A 73 7.04 -10.90 -3.94
N ILE A 74 7.42 -11.79 -3.02
CA ILE A 74 7.62 -11.41 -1.63
C ILE A 74 8.49 -10.16 -1.50
N PRO A 75 9.69 -10.15 -2.12
CA PRO A 75 10.60 -9.00 -2.05
C PRO A 75 10.03 -7.77 -2.75
N ARG A 76 8.96 -7.95 -3.52
CA ARG A 76 8.34 -6.83 -4.24
C ARG A 76 7.09 -6.35 -3.52
N ILE A 77 6.81 -6.91 -2.36
CA ILE A 77 5.63 -6.53 -1.58
C ILE A 77 6.04 -5.90 -0.24
N PHE A 78 5.46 -4.74 0.06
CA PHE A 78 5.75 -4.04 1.30
C PHE A 78 4.49 -3.82 2.11
N GLN A 79 4.64 -3.68 3.43
CA GLN A 79 3.51 -3.47 4.32
C GLN A 79 3.61 -2.13 5.04
N ILE A 80 2.46 -1.47 5.19
CA ILE A 80 2.40 -0.17 5.87
C ILE A 80 1.39 -0.20 7.00
N LEU A 81 1.87 -0.05 8.23
CA LEU A 81 0.99 -0.05 9.40
C LEU A 81 0.47 1.35 9.69
N TYR A 82 -0.79 1.44 10.09
CA TYR A 82 -1.41 2.72 10.40
C TYR A 82 -2.51 2.55 11.44
N ALA A 83 -2.66 3.55 12.30
CA ALA A 83 -3.68 3.52 13.34
C ALA A 83 -5.07 3.68 12.75
N ASN A 84 -5.95 2.72 13.03
CA ASN A 84 -7.32 2.77 12.53
C ASN A 84 -8.30 3.18 13.62
N GLU A 85 -8.13 2.60 14.81
CA GLU A 85 -8.98 2.90 15.95
C GLU A 85 -8.17 3.47 17.10
N GLY A 86 -6.99 2.90 17.34
CA GLY A 86 -6.13 3.36 18.40
C GLY A 86 -4.67 3.14 18.11
N ILE A 87 -4.13 2.04 18.63
CA ILE A 87 -2.72 1.71 18.41
C ILE A 87 -2.55 0.23 18.09
N SER A 88 -2.83 -0.62 19.08
CA SER A 88 -2.71 -2.06 18.90
C SER A 88 -3.62 -2.56 17.78
N SER A 89 -4.75 -1.89 17.60
CA SER A 89 -5.70 -2.25 16.55
C SER A 89 -5.21 -1.82 15.18
N ALA A 90 -4.29 -0.85 15.15
CA ALA A 90 -3.73 -0.33 13.91
C ALA A 90 -3.52 -1.43 12.87
N LYS A 91 -4.20 -1.30 11.73
CA LYS A 91 -4.09 -2.28 10.66
C LYS A 91 -2.92 -1.94 9.73
N ASN A 92 -2.73 -2.78 8.72
CA ASN A 92 -1.65 -2.58 7.75
C ASN A 92 -2.17 -2.70 6.33
N LEU A 93 -1.37 -2.24 5.37
CA LEU A 93 -1.74 -2.30 3.96
C LEU A 93 -0.66 -2.98 3.14
N LEU A 94 -1.02 -4.08 2.50
CA LEU A 94 -0.07 -4.83 1.68
C LEU A 94 -0.12 -4.36 0.23
N LEU A 95 1.02 -3.92 -0.28
CA LEU A 95 1.09 -3.43 -1.66
C LEU A 95 2.22 -4.09 -2.42
N LEU A 96 1.89 -4.70 -3.56
CA LEU A 96 2.87 -5.38 -4.40
C LEU A 96 3.40 -4.42 -5.46
N ALA A 97 4.69 -4.55 -5.77
CA ALA A 97 5.32 -3.71 -6.78
C ALA A 97 5.79 -4.55 -7.96
N ASN A 98 5.42 -4.13 -9.16
CA ASN A 98 5.80 -4.83 -10.38
C ASN A 98 7.30 -5.14 -10.38
N SER A 99 8.06 -4.29 -9.70
CA SER A 99 9.51 -4.46 -9.61
C SER A 99 9.99 -4.20 -8.19
N THR A 100 10.97 -4.96 -7.75
CA THR A 100 11.53 -4.81 -6.41
C THR A 100 11.88 -3.36 -6.13
N GLU A 101 12.49 -2.71 -7.11
CA GLU A 101 12.90 -1.31 -6.99
C GLU A 101 11.71 -0.44 -6.58
N GLU A 102 10.56 -0.71 -7.16
CA GLU A 102 9.35 0.06 -6.85
C GLU A 102 9.02 -0.03 -5.37
N GLN A 103 9.21 -1.20 -4.79
CA GLN A 103 8.92 -1.41 -3.38
C GLN A 103 9.89 -0.60 -2.51
N GLN A 104 11.13 -0.47 -2.97
CA GLN A 104 12.14 0.28 -2.25
C GLN A 104 11.84 1.78 -2.31
N LYS A 105 11.32 2.22 -3.44
CA LYS A 105 10.98 3.63 -3.64
C LYS A 105 9.69 3.99 -2.91
N TRP A 106 8.64 3.21 -3.14
CA TRP A 106 7.34 3.45 -2.52
C TRP A 106 7.47 3.49 -1.00
N VAL A 107 8.10 2.48 -0.44
CA VAL A 107 8.28 2.38 1.01
C VAL A 107 9.18 3.49 1.53
N SER A 108 10.35 3.64 0.92
CA SER A 108 11.31 4.66 1.34
C SER A 108 10.74 6.07 1.20
N ARG A 109 9.95 6.30 0.16
CA ARG A 109 9.35 7.61 -0.07
C ARG A 109 8.19 7.87 0.90
N LEU A 110 7.23 6.95 0.92
CA LEU A 110 6.07 7.09 1.79
C LEU A 110 6.49 7.15 3.26
N VAL A 111 7.50 6.37 3.62
CA VAL A 111 7.98 6.34 4.99
C VAL A 111 8.74 7.62 5.32
N LYS A 112 9.56 8.08 4.38
CA LYS A 112 10.33 9.31 4.58
C LYS A 112 9.40 10.49 4.81
N LYS A 113 8.21 10.42 4.22
CA LYS A 113 7.22 11.48 4.37
C LYS A 113 6.62 11.48 5.77
N ILE A 114 6.68 10.33 6.44
CA ILE A 114 6.14 10.18 7.78
C ILE A 114 6.91 11.06 8.77
N PRO A 115 6.19 11.76 9.67
CA PRO A 115 6.82 12.64 10.67
C PRO A 115 7.50 11.84 11.78
N LYS A 116 6.86 10.78 12.22
CA LYS A 116 7.41 9.93 13.28
C LYS A 116 8.25 8.80 12.68
N LYS A 117 9.19 9.16 11.81
CA LYS A 117 10.05 8.18 11.17
C LYS A 117 10.98 7.52 12.19
N SER A 1 4.87 16.24 -9.13
CA SER A 1 4.06 15.10 -8.64
C SER A 1 4.71 14.45 -7.42
N ARG A 2 4.21 13.28 -7.05
CA ARG A 2 4.74 12.56 -5.89
C ARG A 2 4.49 11.06 -6.03
N LEU A 3 4.86 10.31 -4.99
CA LEU A 3 4.68 8.86 -5.00
C LEU A 3 3.28 8.49 -5.48
N GLU A 4 3.21 7.94 -6.70
CA GLU A 4 1.93 7.56 -7.28
C GLU A 4 2.10 6.43 -8.28
N GLY A 5 1.00 5.73 -8.54
CA GLY A 5 1.02 4.63 -9.49
C GLY A 5 -0.01 3.58 -9.16
N TRP A 6 0.29 2.33 -9.47
CA TRP A 6 -0.62 1.23 -9.20
C TRP A 6 0.03 0.17 -8.34
N LEU A 7 -0.62 -0.16 -7.24
CA LEU A 7 -0.12 -1.18 -6.34
C LEU A 7 -1.13 -2.29 -6.22
N SER A 8 -0.66 -3.50 -5.96
CA SER A 8 -1.54 -4.65 -5.86
C SER A 8 -1.93 -4.97 -4.43
N LEU A 9 -3.21 -5.23 -4.24
CA LEU A 9 -3.75 -5.57 -2.93
C LEU A 9 -4.48 -6.91 -2.99
N PRO A 10 -4.58 -7.61 -1.85
CA PRO A 10 -5.26 -8.91 -1.79
C PRO A 10 -6.75 -8.80 -2.17
N VAL A 11 -7.07 -9.24 -3.38
CA VAL A 11 -8.44 -9.19 -3.87
C VAL A 11 -9.08 -10.58 -3.90
N ARG A 12 -10.14 -10.75 -3.13
CA ARG A 12 -10.85 -12.03 -3.07
C ARG A 12 -11.68 -12.25 -4.32
N ASN A 13 -11.19 -13.13 -5.20
CA ASN A 13 -11.89 -13.43 -6.45
C ASN A 13 -13.13 -14.28 -6.19
N ASN A 14 -13.00 -15.24 -5.29
CA ASN A 14 -14.11 -16.13 -4.95
C ASN A 14 -14.82 -15.66 -3.68
N THR A 15 -14.11 -15.71 -2.56
CA THR A 15 -14.68 -15.29 -1.28
C THR A 15 -13.66 -15.44 -0.15
N LYS A 16 -12.86 -16.51 -0.22
CA LYS A 16 -11.85 -16.77 0.79
C LYS A 16 -10.45 -16.47 0.25
N LYS A 17 -10.28 -16.61 -1.05
CA LYS A 17 -8.99 -16.37 -1.68
C LYS A 17 -8.67 -14.87 -1.71
N PHE A 18 -7.51 -14.53 -2.26
CA PHE A 18 -7.08 -13.14 -2.35
C PHE A 18 -5.79 -13.02 -3.15
N GLY A 19 -5.91 -12.70 -4.43
CA GLY A 19 -4.74 -12.57 -5.28
C GLY A 19 -4.16 -11.17 -5.23
N TRP A 20 -4.22 -10.47 -6.36
CA TRP A 20 -3.70 -9.11 -6.43
C TRP A 20 -4.50 -8.27 -7.41
N VAL A 21 -4.51 -6.96 -7.17
CA VAL A 21 -5.23 -6.03 -8.03
C VAL A 21 -4.59 -4.65 -7.97
N LYS A 22 -4.11 -4.17 -9.11
CA LYS A 22 -3.46 -2.87 -9.16
C LYS A 22 -4.47 -1.73 -8.99
N LYS A 23 -4.39 -1.07 -7.85
CA LYS A 23 -5.25 0.07 -7.56
C LYS A 23 -4.41 1.32 -7.57
N TYR A 24 -4.98 2.41 -8.06
CA TYR A 24 -4.23 3.66 -8.15
C TYR A 24 -3.98 4.25 -6.77
N VAL A 25 -2.73 4.21 -6.34
CA VAL A 25 -2.34 4.75 -5.04
C VAL A 25 -1.45 5.97 -5.23
N ILE A 26 -1.72 7.03 -4.47
CA ILE A 26 -0.93 8.25 -4.56
C ILE A 26 -0.70 8.84 -3.19
N VAL A 27 0.56 8.87 -2.77
CA VAL A 27 0.92 9.42 -1.46
C VAL A 27 1.13 10.92 -1.53
N SER A 28 0.16 11.67 -1.02
CA SER A 28 0.24 13.13 -1.01
C SER A 28 0.91 13.61 0.27
N SER A 29 1.43 14.84 0.22
CA SER A 29 2.11 15.42 1.38
C SER A 29 1.23 15.38 2.62
N LYS A 30 1.62 14.55 3.59
CA LYS A 30 0.88 14.41 4.82
C LYS A 30 -0.53 13.88 4.57
N LYS A 31 -0.66 12.98 3.59
CA LYS A 31 -1.95 12.40 3.25
C LYS A 31 -1.83 11.37 2.15
N ILE A 32 -2.44 10.20 2.35
CA ILE A 32 -2.40 9.13 1.36
C ILE A 32 -3.76 8.98 0.70
N LEU A 33 -3.77 8.83 -0.63
CA LEU A 33 -5.02 8.68 -1.36
C LEU A 33 -5.07 7.35 -2.11
N PHE A 34 -6.25 6.74 -2.13
CA PHE A 34 -6.44 5.47 -2.81
C PHE A 34 -7.62 5.55 -3.78
N TYR A 35 -7.36 5.16 -5.02
CA TYR A 35 -8.39 5.17 -6.05
C TYR A 35 -8.52 3.80 -6.72
N ASP A 36 -9.48 3.68 -7.64
CA ASP A 36 -9.71 2.44 -8.35
C ASP A 36 -9.39 2.58 -9.83
N SER A 37 -9.42 3.82 -10.33
CA SER A 37 -9.14 4.07 -11.73
C SER A 37 -8.68 5.52 -11.94
N GLU A 38 -8.17 5.81 -13.13
CA GLU A 38 -7.70 7.14 -13.46
C GLU A 38 -8.87 8.10 -13.71
N GLN A 39 -9.94 7.56 -14.31
CA GLN A 39 -11.12 8.36 -14.60
C GLN A 39 -11.72 8.95 -13.33
N ASP A 40 -11.74 8.13 -12.27
CA ASP A 40 -12.29 8.58 -10.99
C ASP A 40 -11.34 9.55 -10.30
N LYS A 41 -10.04 9.37 -10.53
CA LYS A 41 -9.04 10.24 -9.93
C LYS A 41 -9.20 11.68 -10.40
N GLU A 42 -9.28 11.86 -11.71
CA GLU A 42 -9.45 13.18 -12.30
C GLU A 42 -10.74 13.84 -11.81
N GLN A 43 -11.72 13.01 -11.47
CA GLN A 43 -13.01 13.50 -10.99
C GLN A 43 -12.96 13.87 -9.52
N SER A 44 -11.79 13.68 -8.89
CA SER A 44 -11.62 14.00 -7.48
C SER A 44 -12.51 13.11 -6.61
N ASN A 45 -12.53 11.83 -6.92
CA ASN A 45 -13.35 10.87 -6.16
C ASN A 45 -12.47 9.78 -5.54
N PRO A 46 -11.87 10.06 -4.37
CA PRO A 46 -11.01 9.10 -3.68
C PRO A 46 -11.79 7.97 -3.04
N TYR A 47 -11.23 6.76 -3.10
CA TYR A 47 -11.87 5.58 -2.52
C TYR A 47 -11.53 5.45 -1.04
N MET A 48 -10.28 5.71 -0.71
CA MET A 48 -9.83 5.63 0.68
C MET A 48 -8.55 6.44 0.88
N VAL A 49 -8.45 7.09 2.03
CA VAL A 49 -7.29 7.91 2.35
C VAL A 49 -6.68 7.52 3.69
N LEU A 50 -5.36 7.52 3.76
CA LEU A 50 -4.65 7.18 4.99
C LEU A 50 -3.79 8.35 5.47
N ASP A 51 -3.60 8.44 6.78
CA ASP A 51 -2.80 9.51 7.35
C ASP A 51 -1.34 9.09 7.49
N ILE A 52 -0.46 9.74 6.72
CA ILE A 52 0.96 9.44 6.76
C ILE A 52 1.52 9.62 8.16
N ASP A 53 0.98 10.58 8.90
CA ASP A 53 1.43 10.84 10.26
C ASP A 53 0.90 9.78 11.22
N LYS A 54 -0.24 9.19 10.88
CA LYS A 54 -0.84 8.16 11.72
C LYS A 54 -0.09 6.84 11.60
N LEU A 55 0.64 6.67 10.49
CA LEU A 55 1.40 5.44 10.26
C LEU A 55 2.30 5.13 11.45
N PHE A 56 2.54 3.84 11.68
CA PHE A 56 3.38 3.40 12.78
C PHE A 56 4.72 2.90 12.27
N HIS A 57 4.73 2.30 11.09
CA HIS A 57 5.95 1.78 10.50
C HIS A 57 5.69 1.20 9.11
N VAL A 58 6.63 1.43 8.20
CA VAL A 58 6.52 0.92 6.84
C VAL A 58 7.75 0.12 6.45
N ARG A 59 7.56 -1.17 6.19
CA ARG A 59 8.67 -2.04 5.82
C ARG A 59 8.22 -3.18 4.90
N PRO A 60 9.15 -3.77 4.14
CA PRO A 60 8.84 -4.86 3.21
C PRO A 60 8.41 -6.13 3.95
N VAL A 61 7.85 -7.07 3.21
CA VAL A 61 7.40 -8.33 3.79
C VAL A 61 8.34 -9.48 3.42
N THR A 62 8.06 -10.66 3.96
CA THR A 62 8.89 -11.84 3.69
C THR A 62 8.02 -13.02 3.29
N GLN A 63 8.64 -14.19 3.15
CA GLN A 63 7.92 -15.40 2.77
C GLN A 63 6.93 -15.83 3.84
N THR A 64 7.07 -15.25 5.04
CA THR A 64 6.17 -15.57 6.14
C THR A 64 4.85 -14.80 6.03
N ASP A 65 4.90 -13.64 5.39
CA ASP A 65 3.73 -12.80 5.22
C ASP A 65 2.68 -13.50 4.34
N VAL A 66 3.15 -14.35 3.43
CA VAL A 66 2.27 -15.07 2.54
C VAL A 66 2.71 -16.52 2.38
N TYR A 67 1.99 -17.27 1.56
CA TYR A 67 2.32 -18.67 1.32
C TYR A 67 2.02 -19.06 -0.13
N ARG A 68 0.83 -18.71 -0.59
CA ARG A 68 0.41 -19.01 -1.96
C ARG A 68 1.13 -18.11 -2.96
N ALA A 69 1.58 -16.95 -2.49
CA ALA A 69 2.27 -15.99 -3.34
C ALA A 69 3.51 -16.62 -3.97
N ASP A 70 4.37 -15.77 -4.53
CA ASP A 70 5.59 -16.24 -5.18
C ASP A 70 6.82 -15.58 -4.57
N ALA A 71 7.90 -16.34 -4.44
CA ALA A 71 9.15 -15.83 -3.87
C ALA A 71 9.59 -14.55 -4.58
N LYS A 72 9.19 -14.40 -5.84
CA LYS A 72 9.54 -13.23 -6.63
C LYS A 72 8.70 -12.02 -6.23
N GLU A 73 7.47 -12.29 -5.79
CA GLU A 73 6.56 -11.23 -5.38
C GLU A 73 6.88 -10.74 -3.96
N ILE A 74 7.30 -11.66 -3.11
CA ILE A 74 7.64 -11.33 -1.72
C ILE A 74 8.51 -10.07 -1.64
N PRO A 75 9.64 -10.01 -2.38
CA PRO A 75 10.54 -8.86 -2.37
C PRO A 75 9.90 -7.61 -2.96
N ARG A 76 8.75 -7.78 -3.62
CA ARG A 76 8.05 -6.66 -4.24
C ARG A 76 6.79 -6.29 -3.46
N ILE A 77 6.61 -6.89 -2.29
CA ILE A 77 5.45 -6.62 -1.46
C ILE A 77 5.86 -5.96 -0.14
N PHE A 78 5.28 -4.79 0.13
CA PHE A 78 5.59 -4.06 1.36
C PHE A 78 4.32 -3.82 2.17
N GLN A 79 4.47 -3.80 3.50
CA GLN A 79 3.34 -3.59 4.39
C GLN A 79 3.47 -2.26 5.14
N ILE A 80 2.34 -1.58 5.32
CA ILE A 80 2.31 -0.31 6.01
C ILE A 80 1.26 -0.32 7.13
N LEU A 81 1.72 -0.22 8.37
CA LEU A 81 0.83 -0.22 9.53
C LEU A 81 0.35 1.19 9.85
N TYR A 82 -0.91 1.31 10.25
CA TYR A 82 -1.49 2.61 10.58
C TYR A 82 -2.62 2.45 11.60
N ALA A 83 -2.76 3.45 12.45
CA ALA A 83 -3.81 3.43 13.48
C ALA A 83 -5.19 3.67 12.86
N ASN A 84 -6.11 2.75 13.12
CA ASN A 84 -7.46 2.86 12.59
C ASN A 84 -8.45 3.29 13.68
N GLU A 85 -8.27 2.73 14.87
CA GLU A 85 -9.15 3.05 16.00
C GLU A 85 -8.33 3.54 17.19
N GLY A 86 -7.23 2.86 17.47
CA GLY A 86 -6.37 3.24 18.58
C GLY A 86 -4.91 3.00 18.30
N ILE A 87 -4.39 1.86 18.76
CA ILE A 87 -2.99 1.51 18.54
C ILE A 87 -2.85 0.05 18.16
N SER A 88 -3.17 -0.84 19.10
CA SER A 88 -3.07 -2.27 18.86
C SER A 88 -3.98 -2.70 17.71
N SER A 89 -5.10 -1.99 17.55
CA SER A 89 -6.05 -2.30 16.49
C SER A 89 -5.51 -1.85 15.13
N ALA A 90 -4.57 -0.91 15.15
CA ALA A 90 -3.95 -0.39 13.93
C ALA A 90 -3.74 -1.48 12.89
N LYS A 91 -4.41 -1.36 11.75
CA LYS A 91 -4.28 -2.34 10.68
C LYS A 91 -3.11 -2.01 9.77
N ASN A 92 -2.91 -2.83 8.75
CA ASN A 92 -1.81 -2.62 7.81
C ASN A 92 -2.31 -2.71 6.36
N LEU A 93 -1.47 -2.27 5.44
CA LEU A 93 -1.82 -2.29 4.02
C LEU A 93 -0.75 -2.99 3.20
N LEU A 94 -1.14 -4.07 2.51
CA LEU A 94 -0.21 -4.82 1.68
C LEU A 94 -0.27 -4.33 0.24
N LEU A 95 0.88 -3.90 -0.28
CA LEU A 95 0.95 -3.40 -1.64
C LEU A 95 2.05 -4.09 -2.43
N LEU A 96 1.63 -4.84 -3.46
CA LEU A 96 2.58 -5.56 -4.31
C LEU A 96 3.02 -4.68 -5.47
N ALA A 97 4.33 -4.60 -5.69
CA ALA A 97 4.88 -3.79 -6.77
C ALA A 97 5.29 -4.67 -7.94
N ASN A 98 5.02 -4.18 -9.16
CA ASN A 98 5.36 -4.92 -10.37
C ASN A 98 6.85 -5.22 -10.41
N SER A 99 7.64 -4.36 -9.78
CA SER A 99 9.09 -4.54 -9.75
C SER A 99 9.63 -4.29 -8.35
N THR A 100 10.73 -4.97 -8.02
CA THR A 100 11.35 -4.82 -6.70
C THR A 100 11.70 -3.37 -6.42
N GLU A 101 12.28 -2.71 -7.41
CA GLU A 101 12.68 -1.32 -7.28
C GLU A 101 11.51 -0.44 -6.82
N GLU A 102 10.33 -0.72 -7.36
CA GLU A 102 9.14 0.04 -7.01
C GLU A 102 8.86 -0.05 -5.51
N GLN A 103 9.04 -1.25 -4.95
CA GLN A 103 8.81 -1.46 -3.52
C GLN A 103 9.78 -0.63 -2.69
N GLN A 104 11.03 -0.53 -3.15
CA GLN A 104 12.04 0.24 -2.43
C GLN A 104 11.72 1.73 -2.48
N LYS A 105 11.19 2.17 -3.62
CA LYS A 105 10.83 3.58 -3.80
C LYS A 105 9.57 3.94 -3.03
N TRP A 106 8.51 3.16 -3.23
CA TRP A 106 7.24 3.41 -2.56
C TRP A 106 7.40 3.47 -1.04
N VAL A 107 8.05 2.44 -0.49
CA VAL A 107 8.27 2.34 0.94
C VAL A 107 9.16 3.47 1.45
N SER A 108 10.31 3.66 0.80
CA SER A 108 11.25 4.69 1.19
C SER A 108 10.66 6.09 1.07
N ARG A 109 9.86 6.31 0.03
CA ARG A 109 9.24 7.61 -0.20
C ARG A 109 8.08 7.85 0.77
N LEU A 110 7.13 6.92 0.80
CA LEU A 110 5.98 7.04 1.67
C LEU A 110 6.40 7.10 3.14
N VAL A 111 7.43 6.33 3.49
CA VAL A 111 7.92 6.31 4.87
C VAL A 111 8.64 7.61 5.21
N LYS A 112 9.47 8.08 4.28
CA LYS A 112 10.22 9.31 4.48
C LYS A 112 9.27 10.48 4.72
N LYS A 113 8.08 10.40 4.10
CA LYS A 113 7.08 11.45 4.25
C LYS A 113 6.55 11.49 5.68
N ILE A 114 6.62 10.36 6.37
CA ILE A 114 6.13 10.27 7.75
C ILE A 114 6.99 11.12 8.69
N PRO A 115 6.36 11.86 9.62
CA PRO A 115 7.07 12.72 10.57
C PRO A 115 7.74 11.92 11.67
N LYS A 116 7.04 10.90 12.18
CA LYS A 116 7.58 10.06 13.24
C LYS A 116 8.33 8.86 12.67
N LYS A 117 9.23 9.13 11.74
CA LYS A 117 10.02 8.07 11.10
C LYS A 117 10.97 7.42 12.11
N SER A 1 4.72 15.91 -9.31
CA SER A 1 3.80 14.91 -8.72
C SER A 1 4.42 14.27 -7.47
N ARG A 2 3.75 13.27 -6.93
CA ARG A 2 4.24 12.57 -5.73
C ARG A 2 4.18 11.06 -5.94
N LEU A 3 4.57 10.32 -4.89
CA LEU A 3 4.56 8.85 -4.95
C LEU A 3 3.20 8.33 -5.41
N GLU A 4 3.05 8.15 -6.70
CA GLU A 4 1.79 7.65 -7.26
C GLU A 4 2.04 6.52 -8.26
N GLY A 5 0.98 5.78 -8.56
CA GLY A 5 1.09 4.68 -9.50
C GLY A 5 0.07 3.60 -9.21
N TRP A 6 0.38 2.38 -9.61
CA TRP A 6 -0.54 1.26 -9.37
C TRP A 6 0.13 0.19 -8.53
N LEU A 7 -0.49 -0.15 -7.42
CA LEU A 7 0.02 -1.18 -6.53
C LEU A 7 -0.99 -2.28 -6.40
N SER A 8 -0.52 -3.50 -6.23
CA SER A 8 -1.40 -4.66 -6.13
C SER A 8 -1.82 -4.95 -4.69
N LEU A 9 -3.09 -5.27 -4.52
CA LEU A 9 -3.65 -5.58 -3.22
C LEU A 9 -4.36 -6.92 -3.25
N PRO A 10 -4.48 -7.60 -2.09
CA PRO A 10 -5.15 -8.90 -2.00
C PRO A 10 -6.61 -8.83 -2.43
N VAL A 11 -6.92 -9.48 -3.54
CA VAL A 11 -8.29 -9.50 -4.06
C VAL A 11 -8.86 -10.90 -4.08
N ARG A 12 -9.83 -11.15 -3.20
CA ARG A 12 -10.46 -12.46 -3.12
C ARG A 12 -11.04 -12.89 -4.46
N ASN A 13 -10.35 -13.81 -5.13
CA ASN A 13 -10.80 -14.30 -6.43
C ASN A 13 -12.06 -15.14 -6.30
N ASN A 14 -11.92 -16.34 -5.78
CA ASN A 14 -13.06 -17.24 -5.61
C ASN A 14 -13.79 -16.95 -4.30
N THR A 15 -13.05 -16.95 -3.19
CA THR A 15 -13.62 -16.69 -1.88
C THR A 15 -12.55 -16.60 -0.81
N LYS A 16 -11.84 -17.71 -0.59
CA LYS A 16 -10.79 -17.75 0.41
C LYS A 16 -9.41 -17.67 -0.23
N LYS A 17 -9.31 -16.91 -1.32
CA LYS A 17 -8.05 -16.74 -2.03
C LYS A 17 -7.94 -15.36 -2.65
N PHE A 18 -7.02 -14.55 -2.11
CA PHE A 18 -6.83 -13.19 -2.61
C PHE A 18 -5.61 -13.10 -3.51
N GLY A 19 -5.83 -12.70 -4.76
CA GLY A 19 -4.73 -12.57 -5.70
C GLY A 19 -4.09 -11.21 -5.65
N TRP A 20 -4.09 -10.51 -6.78
CA TRP A 20 -3.50 -9.18 -6.84
C TRP A 20 -4.23 -8.31 -7.86
N VAL A 21 -4.39 -7.04 -7.51
CA VAL A 21 -5.05 -6.06 -8.37
C VAL A 21 -4.42 -4.69 -8.17
N LYS A 22 -3.73 -4.20 -9.19
CA LYS A 22 -3.07 -2.91 -9.07
C LYS A 22 -4.06 -1.76 -9.08
N LYS A 23 -4.22 -1.12 -7.93
CA LYS A 23 -5.11 0.02 -7.80
C LYS A 23 -4.29 1.30 -7.80
N TYR A 24 -4.83 2.36 -8.37
CA TYR A 24 -4.10 3.62 -8.44
C TYR A 24 -3.90 4.23 -7.06
N VAL A 25 -2.70 4.08 -6.54
CA VAL A 25 -2.36 4.62 -5.23
C VAL A 25 -1.52 5.88 -5.38
N ILE A 26 -1.96 6.96 -4.76
CA ILE A 26 -1.25 8.23 -4.83
C ILE A 26 -1.07 8.82 -3.44
N VAL A 27 0.19 8.91 -3.01
CA VAL A 27 0.50 9.45 -1.71
C VAL A 27 0.76 10.95 -1.78
N SER A 28 -0.21 11.74 -1.32
CA SER A 28 -0.09 13.19 -1.34
C SER A 28 0.78 13.67 -0.18
N SER A 29 1.28 14.89 -0.30
CA SER A 29 2.13 15.47 0.74
C SER A 29 1.45 15.39 2.11
N LYS A 30 1.97 14.52 2.97
CA LYS A 30 1.42 14.34 4.30
C LYS A 30 0.01 13.75 4.24
N LYS A 31 -0.21 12.87 3.27
CA LYS A 31 -1.51 12.23 3.11
C LYS A 31 -1.44 11.10 2.09
N ILE A 32 -2.29 10.09 2.26
CA ILE A 32 -2.32 8.95 1.36
C ILE A 32 -3.67 8.84 0.67
N LEU A 33 -3.66 8.71 -0.65
CA LEU A 33 -4.89 8.60 -1.43
C LEU A 33 -4.95 7.28 -2.18
N PHE A 34 -6.16 6.79 -2.40
CA PHE A 34 -6.37 5.53 -3.11
C PHE A 34 -7.52 5.66 -4.11
N TYR A 35 -7.26 5.23 -5.34
CA TYR A 35 -8.27 5.30 -6.39
C TYR A 35 -8.29 4.01 -7.21
N ASP A 36 -9.29 3.88 -8.07
CA ASP A 36 -9.42 2.71 -8.93
C ASP A 36 -9.12 3.06 -10.39
N SER A 37 -9.26 4.34 -10.72
CA SER A 37 -9.00 4.80 -12.08
C SER A 37 -8.55 6.26 -12.08
N GLU A 38 -8.16 6.77 -13.25
CA GLU A 38 -7.71 8.14 -13.37
C GLU A 38 -8.89 9.11 -13.36
N GLN A 39 -10.01 8.68 -13.94
CA GLN A 39 -11.21 9.51 -14.00
C GLN A 39 -11.74 9.80 -12.60
N ASP A 40 -11.90 8.75 -11.80
CA ASP A 40 -12.39 8.90 -10.44
C ASP A 40 -11.45 9.76 -9.61
N LYS A 41 -10.18 9.81 -10.01
CA LYS A 41 -9.18 10.59 -9.30
C LYS A 41 -9.42 12.09 -9.52
N GLU A 42 -9.53 12.49 -10.77
CA GLU A 42 -9.76 13.89 -11.10
C GLU A 42 -11.12 14.36 -10.60
N GLN A 43 -12.02 13.41 -10.33
CA GLN A 43 -13.36 13.73 -9.84
C GLN A 43 -13.37 13.87 -8.31
N SER A 44 -12.20 13.84 -7.70
CA SER A 44 -12.09 13.97 -6.25
C SER A 44 -12.83 12.83 -5.55
N ASN A 45 -12.84 11.67 -6.17
CA ASN A 45 -13.51 10.50 -5.60
C ASN A 45 -12.50 9.45 -5.14
N PRO A 46 -11.83 9.69 -4.00
CA PRO A 46 -10.83 8.76 -3.47
C PRO A 46 -11.46 7.52 -2.85
N TYR A 47 -11.18 6.37 -3.44
CA TYR A 47 -11.71 5.10 -2.94
C TYR A 47 -11.30 4.89 -1.49
N MET A 48 -10.10 5.37 -1.15
CA MET A 48 -9.59 5.23 0.21
C MET A 48 -8.52 6.28 0.48
N VAL A 49 -8.39 6.69 1.73
CA VAL A 49 -7.40 7.70 2.10
C VAL A 49 -6.84 7.44 3.50
N LEU A 50 -5.52 7.46 3.61
CA LEU A 50 -4.85 7.22 4.89
C LEU A 50 -3.98 8.42 5.27
N ASP A 51 -3.73 8.57 6.56
CA ASP A 51 -2.91 9.67 7.05
C ASP A 51 -1.46 9.24 7.23
N ILE A 52 -0.54 10.01 6.64
CA ILE A 52 0.88 9.71 6.74
C ILE A 52 1.34 9.70 8.20
N ASP A 53 0.84 10.66 8.97
CA ASP A 53 1.19 10.77 10.38
C ASP A 53 0.65 9.59 11.17
N LYS A 54 -0.48 9.06 10.72
CA LYS A 54 -1.11 7.92 11.39
C LYS A 54 -0.27 6.65 11.23
N LEU A 55 0.54 6.61 10.18
CA LEU A 55 1.40 5.46 9.92
C LEU A 55 2.24 5.12 11.15
N PHE A 56 2.51 3.83 11.33
CA PHE A 56 3.29 3.38 12.47
C PHE A 56 4.65 2.86 12.02
N HIS A 57 4.67 2.11 10.94
CA HIS A 57 5.92 1.56 10.41
C HIS A 57 5.71 0.92 9.03
N VAL A 58 6.56 1.29 8.09
CA VAL A 58 6.48 0.75 6.73
C VAL A 58 7.74 -0.02 6.38
N ARG A 59 7.59 -1.26 5.95
CA ARG A 59 8.73 -2.09 5.57
C ARG A 59 8.30 -3.28 4.72
N PRO A 60 9.22 -3.81 3.90
CA PRO A 60 8.93 -4.96 3.03
C PRO A 60 8.58 -6.21 3.83
N VAL A 61 7.82 -7.10 3.19
CA VAL A 61 7.41 -8.34 3.84
C VAL A 61 8.36 -9.48 3.52
N THR A 62 8.12 -10.65 4.12
CA THR A 62 8.96 -11.81 3.90
C THR A 62 8.11 -13.03 3.53
N GLN A 63 8.76 -14.19 3.44
CA GLN A 63 8.06 -15.42 3.10
C GLN A 63 7.08 -15.83 4.20
N THR A 64 7.20 -15.20 5.37
CA THR A 64 6.32 -15.50 6.49
C THR A 64 4.98 -14.76 6.36
N ASP A 65 5.00 -13.65 5.64
CA ASP A 65 3.79 -12.85 5.46
C ASP A 65 2.72 -13.67 4.72
N VAL A 66 3.16 -14.50 3.78
CA VAL A 66 2.24 -15.32 3.00
C VAL A 66 2.85 -16.68 2.70
N TYR A 67 2.07 -17.54 2.07
CA TYR A 67 2.52 -18.88 1.72
C TYR A 67 2.19 -19.21 0.27
N ARG A 68 0.94 -19.03 -0.10
CA ARG A 68 0.49 -19.29 -1.46
C ARG A 68 1.16 -18.33 -2.45
N ALA A 69 1.59 -17.18 -1.94
CA ALA A 69 2.24 -16.18 -2.77
C ALA A 69 3.46 -16.76 -3.48
N ASP A 70 4.27 -15.87 -4.08
CA ASP A 70 5.47 -16.31 -4.79
C ASP A 70 6.71 -15.65 -4.20
N ALA A 71 7.77 -16.44 -4.01
CA ALA A 71 9.01 -15.95 -3.45
C ALA A 71 9.50 -14.70 -4.18
N LYS A 72 9.15 -14.60 -5.46
CA LYS A 72 9.54 -13.45 -6.28
C LYS A 72 8.70 -12.23 -5.93
N GLU A 73 7.46 -12.46 -5.52
CA GLU A 73 6.55 -11.37 -5.16
C GLU A 73 6.84 -10.86 -3.76
N ILE A 74 7.32 -11.75 -2.88
CA ILE A 74 7.63 -11.38 -1.51
C ILE A 74 8.50 -10.11 -1.44
N PRO A 75 9.63 -10.07 -2.16
CA PRO A 75 10.51 -8.91 -2.17
C PRO A 75 9.87 -7.68 -2.82
N ARG A 76 8.77 -7.90 -3.54
CA ARG A 76 8.07 -6.82 -4.21
C ARG A 76 6.79 -6.43 -3.47
N ILE A 77 6.64 -6.93 -2.25
CA ILE A 77 5.45 -6.63 -1.45
C ILE A 77 5.85 -5.98 -0.13
N PHE A 78 5.31 -4.78 0.11
CA PHE A 78 5.60 -4.05 1.34
C PHE A 78 4.32 -3.79 2.14
N GLN A 79 4.46 -3.83 3.46
CA GLN A 79 3.31 -3.61 4.35
C GLN A 79 3.42 -2.28 5.07
N ILE A 80 2.30 -1.58 5.18
CA ILE A 80 2.26 -0.28 5.85
C ILE A 80 1.23 -0.28 6.98
N LEU A 81 1.72 -0.17 8.21
CA LEU A 81 0.85 -0.16 9.38
C LEU A 81 0.38 1.26 9.70
N TYR A 82 -0.90 1.38 10.05
CA TYR A 82 -1.47 2.68 10.40
C TYR A 82 -2.56 2.52 11.43
N ALA A 83 -2.79 3.57 12.22
CA ALA A 83 -3.82 3.55 13.25
C ALA A 83 -5.21 3.74 12.65
N ASN A 84 -6.08 2.76 12.86
CA ASN A 84 -7.43 2.82 12.34
C ASN A 84 -8.39 3.34 13.40
N GLU A 85 -8.24 2.86 14.62
CA GLU A 85 -9.08 3.28 15.73
C GLU A 85 -8.24 3.80 16.88
N GLY A 86 -7.14 3.10 17.16
CA GLY A 86 -6.26 3.52 18.24
C GLY A 86 -4.81 3.19 17.95
N ILE A 87 -4.33 2.08 18.51
CA ILE A 87 -2.94 1.67 18.30
C ILE A 87 -2.85 0.16 18.06
N SER A 88 -3.20 -0.62 19.07
CA SER A 88 -3.15 -2.07 18.96
C SER A 88 -4.03 -2.57 17.82
N SER A 89 -5.13 -1.87 17.57
CA SER A 89 -6.05 -2.25 16.50
C SER A 89 -5.52 -1.82 15.14
N ALA A 90 -4.57 -0.89 15.13
CA ALA A 90 -3.98 -0.40 13.88
C ALA A 90 -3.78 -1.51 12.87
N LYS A 91 -4.41 -1.36 11.71
CA LYS A 91 -4.31 -2.35 10.64
C LYS A 91 -3.12 -2.05 9.73
N ASN A 92 -2.95 -2.87 8.70
CA ASN A 92 -1.86 -2.69 7.75
C ASN A 92 -2.35 -2.81 6.31
N LEU A 93 -1.50 -2.42 5.37
CA LEU A 93 -1.84 -2.48 3.95
C LEU A 93 -0.72 -3.14 3.15
N LEU A 94 -1.05 -4.20 2.43
CA LEU A 94 -0.07 -4.91 1.62
C LEU A 94 -0.16 -4.48 0.16
N LEU A 95 0.95 -3.97 -0.37
CA LEU A 95 0.99 -3.52 -1.75
C LEU A 95 2.09 -4.23 -2.54
N LEU A 96 1.68 -4.92 -3.60
CA LEU A 96 2.61 -5.65 -4.45
C LEU A 96 3.05 -4.77 -5.62
N ALA A 97 4.36 -4.57 -5.74
CA ALA A 97 4.91 -3.76 -6.81
C ALA A 97 5.36 -4.63 -7.99
N ASN A 98 5.05 -4.19 -9.20
CA ASN A 98 5.41 -4.92 -10.40
C ASN A 98 6.90 -5.25 -10.41
N SER A 99 7.69 -4.40 -9.77
CA SER A 99 9.14 -4.60 -9.69
C SER A 99 9.64 -4.35 -8.28
N THR A 100 10.73 -5.02 -7.93
CA THR A 100 11.33 -4.87 -6.60
C THR A 100 11.69 -3.42 -6.33
N GLU A 101 12.31 -2.78 -7.31
CA GLU A 101 12.72 -1.39 -7.20
C GLU A 101 11.55 -0.50 -6.75
N GLU A 102 10.36 -0.79 -7.28
CA GLU A 102 9.16 -0.03 -6.94
C GLU A 102 8.89 -0.10 -5.44
N GLN A 103 9.02 -1.30 -4.88
CA GLN A 103 8.79 -1.50 -3.46
C GLN A 103 9.77 -0.69 -2.61
N GLN A 104 11.00 -0.56 -3.12
CA GLN A 104 12.03 0.20 -2.41
C GLN A 104 11.71 1.69 -2.44
N LYS A 105 11.19 2.15 -3.57
CA LYS A 105 10.86 3.57 -3.74
C LYS A 105 9.59 3.92 -2.97
N TRP A 106 8.53 3.15 -3.18
CA TRP A 106 7.25 3.40 -2.52
C TRP A 106 7.41 3.43 -1.00
N VAL A 107 8.04 2.38 -0.47
CA VAL A 107 8.25 2.26 0.97
C VAL A 107 9.14 3.37 1.50
N SER A 108 10.28 3.58 0.87
CA SER A 108 11.23 4.60 1.31
C SER A 108 10.66 6.00 1.17
N ARG A 109 9.88 6.24 0.11
CA ARG A 109 9.29 7.55 -0.12
C ARG A 109 8.11 7.80 0.82
N LEU A 110 7.16 6.87 0.83
CA LEU A 110 5.97 7.00 1.68
C LEU A 110 6.36 7.08 3.16
N VAL A 111 7.37 6.29 3.54
CA VAL A 111 7.83 6.28 4.92
C VAL A 111 8.56 7.58 5.26
N LYS A 112 9.39 8.04 4.33
CA LYS A 112 10.15 9.27 4.52
C LYS A 112 9.19 10.44 4.75
N LYS A 113 8.01 10.36 4.15
CA LYS A 113 7.01 11.41 4.28
C LYS A 113 6.44 11.44 5.70
N ILE A 114 6.54 10.31 6.40
CA ILE A 114 6.04 10.20 7.76
C ILE A 114 6.79 11.17 8.70
N PRO A 115 6.05 11.87 9.58
CA PRO A 115 6.66 12.83 10.52
C PRO A 115 7.41 12.13 11.64
N LYS A 116 6.82 11.06 12.17
CA LYS A 116 7.44 10.30 13.25
C LYS A 116 8.16 9.06 12.71
N LYS A 117 8.76 9.20 11.53
CA LYS A 117 9.48 8.11 10.91
C LYS A 117 10.62 7.62 11.79
N SER A 1 5.17 16.27 -9.08
CA SER A 1 4.33 15.15 -8.60
C SER A 1 4.94 14.50 -7.37
N ARG A 2 4.40 13.34 -7.00
CA ARG A 2 4.89 12.61 -5.83
C ARG A 2 4.65 11.12 -5.98
N LEU A 3 4.98 10.36 -4.93
CA LEU A 3 4.80 8.91 -4.95
C LEU A 3 3.42 8.54 -5.48
N GLU A 4 3.38 7.95 -6.66
CA GLU A 4 2.11 7.56 -7.27
C GLU A 4 2.31 6.42 -8.26
N GLY A 5 1.21 5.74 -8.57
CA GLY A 5 1.26 4.63 -9.50
C GLY A 5 0.23 3.58 -9.19
N TRP A 6 0.50 2.35 -9.58
CA TRP A 6 -0.43 1.25 -9.32
C TRP A 6 0.23 0.17 -8.48
N LEU A 7 -0.40 -0.15 -7.36
CA LEU A 7 0.10 -1.19 -6.47
C LEU A 7 -0.93 -2.28 -6.34
N SER A 8 -0.46 -3.51 -6.17
CA SER A 8 -1.36 -4.65 -6.07
C SER A 8 -1.79 -4.94 -4.64
N LEU A 9 -3.05 -5.32 -4.49
CA LEU A 9 -3.61 -5.64 -3.19
C LEU A 9 -4.26 -7.02 -3.21
N PRO A 10 -4.36 -7.67 -2.04
CA PRO A 10 -4.97 -9.01 -1.94
C PRO A 10 -6.44 -9.00 -2.34
N VAL A 11 -6.74 -9.57 -3.50
CA VAL A 11 -8.11 -9.62 -3.98
C VAL A 11 -8.71 -11.01 -3.79
N ARG A 12 -10.04 -11.09 -3.85
CA ARG A 12 -10.74 -12.34 -3.69
C ARG A 12 -11.81 -12.50 -4.76
N ASN A 13 -11.43 -13.15 -5.87
CA ASN A 13 -12.34 -13.36 -6.99
C ASN A 13 -13.73 -13.80 -6.51
N ASN A 14 -13.76 -14.71 -5.55
CA ASN A 14 -15.02 -15.22 -5.02
C ASN A 14 -14.94 -15.37 -3.50
N THR A 15 -14.27 -16.44 -3.06
CA THR A 15 -14.12 -16.70 -1.62
C THR A 15 -12.88 -17.55 -1.37
N LYS A 16 -12.73 -18.61 -2.15
CA LYS A 16 -11.59 -19.51 -2.00
C LYS A 16 -10.40 -19.03 -2.84
N LYS A 17 -10.71 -18.27 -3.89
CA LYS A 17 -9.67 -17.75 -4.78
C LYS A 17 -9.16 -16.40 -4.29
N PHE A 18 -8.13 -15.89 -4.94
CA PHE A 18 -7.53 -14.60 -4.58
C PHE A 18 -6.25 -14.37 -5.38
N GLY A 19 -6.00 -13.11 -5.71
CA GLY A 19 -4.80 -12.77 -6.48
C GLY A 19 -4.30 -11.37 -6.18
N TRP A 20 -3.96 -10.64 -7.22
CA TRP A 20 -3.46 -9.27 -7.06
C TRP A 20 -4.14 -8.33 -8.05
N VAL A 21 -4.37 -7.10 -7.60
CA VAL A 21 -5.00 -6.09 -8.44
C VAL A 21 -4.36 -4.73 -8.18
N LYS A 22 -3.65 -4.20 -9.19
CA LYS A 22 -2.98 -2.92 -9.04
C LYS A 22 -3.97 -1.76 -9.07
N LYS A 23 -4.11 -1.09 -7.93
CA LYS A 23 -4.98 0.07 -7.83
C LYS A 23 -4.15 1.34 -7.84
N TYR A 24 -4.70 2.43 -8.34
CA TYR A 24 -3.96 3.68 -8.41
C TYR A 24 -3.75 4.27 -7.02
N VAL A 25 -2.51 4.16 -6.54
CA VAL A 25 -2.15 4.69 -5.23
C VAL A 25 -1.26 5.91 -5.39
N ILE A 26 -1.57 6.96 -4.63
CA ILE A 26 -0.78 8.19 -4.70
C ILE A 26 -0.59 8.78 -3.31
N VAL A 27 0.65 8.81 -2.86
CA VAL A 27 0.98 9.34 -1.54
C VAL A 27 1.20 10.85 -1.61
N SER A 28 0.22 11.60 -1.13
CA SER A 28 0.31 13.06 -1.13
C SER A 28 1.18 13.55 0.03
N SER A 29 1.61 14.82 -0.04
CA SER A 29 2.44 15.41 1.00
C SER A 29 1.76 15.30 2.35
N LYS A 30 2.27 14.43 3.21
CA LYS A 30 1.71 14.24 4.54
C LYS A 30 0.32 13.62 4.47
N LYS A 31 0.08 12.84 3.41
CA LYS A 31 -1.21 12.19 3.22
C LYS A 31 -1.11 11.05 2.21
N ILE A 32 -2.02 10.09 2.32
CA ILE A 32 -2.05 8.94 1.43
C ILE A 32 -3.39 8.81 0.74
N LEU A 33 -3.38 8.80 -0.59
CA LEU A 33 -4.61 8.69 -1.37
C LEU A 33 -4.71 7.32 -2.04
N PHE A 34 -5.94 6.83 -2.18
CA PHE A 34 -6.18 5.54 -2.82
C PHE A 34 -7.37 5.62 -3.77
N TYR A 35 -7.15 5.17 -5.00
CA TYR A 35 -8.19 5.20 -6.02
C TYR A 35 -8.25 3.87 -6.78
N ASP A 36 -9.23 3.75 -7.67
CA ASP A 36 -9.40 2.53 -8.45
C ASP A 36 -9.03 2.77 -9.91
N SER A 37 -9.14 4.03 -10.35
CA SER A 37 -8.81 4.39 -11.73
C SER A 37 -8.78 5.90 -11.89
N GLU A 38 -8.22 6.35 -13.02
CA GLU A 38 -8.12 7.77 -13.30
C GLU A 38 -9.50 8.39 -13.50
N GLN A 39 -10.44 7.58 -13.99
CA GLN A 39 -11.80 8.05 -14.22
C GLN A 39 -12.44 8.53 -12.92
N ASP A 40 -12.26 7.76 -11.86
CA ASP A 40 -12.83 8.12 -10.56
C ASP A 40 -12.03 9.24 -9.91
N LYS A 41 -10.73 9.29 -10.22
CA LYS A 41 -9.86 10.32 -9.66
C LYS A 41 -10.32 11.71 -10.10
N GLU A 42 -10.63 11.86 -11.38
CA GLU A 42 -11.08 13.14 -11.91
C GLU A 42 -12.36 13.60 -11.21
N GLN A 43 -13.16 12.64 -10.74
CA GLN A 43 -14.41 12.95 -10.06
C GLN A 43 -14.16 13.38 -8.61
N SER A 44 -12.89 13.33 -8.18
CA SER A 44 -12.53 13.72 -6.82
C SER A 44 -13.18 12.78 -5.80
N ASN A 45 -13.18 11.49 -6.11
CA ASN A 45 -13.76 10.49 -5.23
C ASN A 45 -12.71 9.44 -4.82
N PRO A 46 -11.95 9.71 -3.76
CA PRO A 46 -10.91 8.79 -3.27
C PRO A 46 -11.50 7.54 -2.63
N TYR A 47 -11.16 6.38 -3.19
CA TYR A 47 -11.66 5.11 -2.68
C TYR A 47 -11.24 4.92 -1.22
N MET A 48 -10.10 5.50 -0.86
CA MET A 48 -9.58 5.39 0.50
C MET A 48 -8.39 6.33 0.69
N VAL A 49 -8.35 7.00 1.84
CA VAL A 49 -7.27 7.92 2.15
C VAL A 49 -6.72 7.69 3.55
N LEU A 50 -5.40 7.56 3.65
CA LEU A 50 -4.75 7.32 4.93
C LEU A 50 -3.84 8.49 5.29
N ASP A 51 -3.60 8.68 6.58
CA ASP A 51 -2.74 9.77 7.06
C ASP A 51 -1.33 9.27 7.31
N ILE A 52 -0.36 9.87 6.63
CA ILE A 52 1.04 9.49 6.77
C ILE A 52 1.47 9.58 8.23
N ASP A 53 1.00 10.62 8.92
CA ASP A 53 1.35 10.82 10.32
C ASP A 53 0.78 9.71 11.20
N LYS A 54 -0.29 9.07 10.71
CA LYS A 54 -0.94 7.99 11.45
C LYS A 54 -0.15 6.69 11.32
N LEU A 55 0.66 6.59 10.26
CA LEU A 55 1.45 5.38 10.03
C LEU A 55 2.29 5.04 11.25
N PHE A 56 2.37 3.75 11.55
CA PHE A 56 3.14 3.27 12.70
C PHE A 56 4.45 2.64 12.24
N HIS A 57 4.42 2.00 11.07
CA HIS A 57 5.61 1.36 10.54
C HIS A 57 5.34 0.76 9.16
N VAL A 58 6.29 0.92 8.25
CA VAL A 58 6.15 0.40 6.89
C VAL A 58 7.47 -0.22 6.43
N ARG A 59 7.42 -1.47 5.98
CA ARG A 59 8.61 -2.16 5.51
C ARG A 59 8.24 -3.39 4.68
N PRO A 60 9.16 -3.85 3.80
CA PRO A 60 8.92 -5.02 2.95
C PRO A 60 8.52 -6.25 3.75
N VAL A 61 7.63 -7.06 3.19
CA VAL A 61 7.17 -8.28 3.86
C VAL A 61 7.99 -9.49 3.43
N THR A 62 7.90 -10.56 4.20
CA THR A 62 8.64 -11.78 3.90
C THR A 62 7.69 -12.90 3.46
N GLN A 63 8.24 -14.07 3.22
CA GLN A 63 7.44 -15.22 2.80
C GLN A 63 6.46 -15.65 3.89
N THR A 64 6.69 -15.19 5.12
CA THR A 64 5.83 -15.52 6.24
C THR A 64 4.56 -14.68 6.21
N ASP A 65 4.64 -13.49 5.64
CA ASP A 65 3.50 -12.59 5.56
C ASP A 65 2.44 -13.13 4.59
N VAL A 66 2.88 -13.91 3.62
CA VAL A 66 1.98 -14.49 2.62
C VAL A 66 2.24 -15.98 2.44
N TYR A 67 1.48 -16.60 1.55
CA TYR A 67 1.63 -18.02 1.27
C TYR A 67 1.35 -18.31 -0.20
N ARG A 68 0.24 -17.78 -0.70
CA ARG A 68 -0.14 -17.97 -2.09
C ARG A 68 0.78 -17.17 -3.02
N ALA A 69 1.36 -16.11 -2.48
CA ALA A 69 2.27 -15.26 -3.26
C ALA A 69 3.42 -16.07 -3.83
N ASP A 70 4.43 -15.37 -4.33
CA ASP A 70 5.61 -16.02 -4.91
C ASP A 70 6.89 -15.47 -4.31
N ALA A 71 7.88 -16.35 -4.11
CA ALA A 71 9.15 -15.95 -3.54
C ALA A 71 9.72 -14.72 -4.24
N LYS A 72 9.38 -14.56 -5.52
CA LYS A 72 9.85 -13.43 -6.30
C LYS A 72 9.05 -12.17 -5.99
N GLU A 73 7.78 -12.36 -5.62
CA GLU A 73 6.90 -11.24 -5.30
C GLU A 73 7.15 -10.74 -3.87
N ILE A 74 7.56 -11.64 -2.99
CA ILE A 74 7.83 -11.29 -1.60
C ILE A 74 8.67 -10.01 -1.49
N PRO A 75 9.82 -9.95 -2.18
CA PRO A 75 10.69 -8.77 -2.14
C PRO A 75 10.06 -7.55 -2.80
N ARG A 76 8.95 -7.76 -3.51
CA ARG A 76 8.27 -6.66 -4.18
C ARG A 76 6.98 -6.26 -3.45
N ILE A 77 6.78 -6.82 -2.25
CA ILE A 77 5.59 -6.52 -1.47
C ILE A 77 5.98 -5.85 -0.15
N PHE A 78 5.32 -4.72 0.15
CA PHE A 78 5.59 -3.99 1.38
C PHE A 78 4.29 -3.74 2.16
N GLN A 79 4.39 -3.77 3.49
CA GLN A 79 3.23 -3.56 4.34
C GLN A 79 3.32 -2.22 5.07
N ILE A 80 2.19 -1.54 5.21
CA ILE A 80 2.14 -0.25 5.89
C ILE A 80 1.07 -0.23 6.96
N LEU A 81 1.50 -0.16 8.23
CA LEU A 81 0.57 -0.14 9.35
C LEU A 81 0.12 1.28 9.65
N TYR A 82 -1.17 1.45 9.94
CA TYR A 82 -1.72 2.76 10.26
C TYR A 82 -2.80 2.63 11.32
N ALA A 83 -2.87 3.62 12.21
CA ALA A 83 -3.86 3.62 13.29
C ALA A 83 -5.26 3.91 12.75
N ASN A 84 -6.18 2.97 12.97
CA ASN A 84 -7.55 3.14 12.51
C ASN A 84 -8.46 3.51 13.68
N GLU A 85 -8.29 2.81 14.80
CA GLU A 85 -9.10 3.05 15.98
C GLU A 85 -8.25 3.68 17.09
N GLY A 86 -6.97 3.31 17.13
CA GLY A 86 -6.08 3.85 18.13
C GLY A 86 -4.64 3.44 17.90
N ILE A 87 -4.25 2.29 18.45
CA ILE A 87 -2.90 1.78 18.31
C ILE A 87 -2.90 0.28 18.06
N SER A 88 -3.37 -0.47 19.05
CA SER A 88 -3.42 -1.92 18.95
C SER A 88 -4.33 -2.36 17.80
N SER A 89 -5.28 -1.51 17.43
CA SER A 89 -6.21 -1.82 16.36
C SER A 89 -5.60 -1.49 15.00
N ALA A 90 -4.68 -0.53 14.98
CA ALA A 90 -4.01 -0.10 13.74
C ALA A 90 -3.88 -1.24 12.74
N LYS A 91 -4.42 -1.03 11.55
CA LYS A 91 -4.38 -2.03 10.49
C LYS A 91 -3.21 -1.77 9.55
N ASN A 92 -3.02 -2.67 8.60
CA ASN A 92 -1.92 -2.53 7.64
C ASN A 92 -2.43 -2.63 6.21
N LEU A 93 -1.61 -2.15 5.28
CA LEU A 93 -1.96 -2.18 3.86
C LEU A 93 -0.85 -2.86 3.05
N LEU A 94 -1.19 -4.01 2.47
CA LEU A 94 -0.23 -4.75 1.67
C LEU A 94 -0.28 -4.30 0.22
N LEU A 95 0.87 -3.84 -0.29
CA LEU A 95 0.95 -3.36 -1.66
C LEU A 95 2.05 -4.08 -2.43
N LEU A 96 1.65 -4.84 -3.45
CA LEU A 96 2.60 -5.58 -4.27
C LEU A 96 3.08 -4.73 -5.45
N ALA A 97 4.39 -4.63 -5.61
CA ALA A 97 4.97 -3.85 -6.69
C ALA A 97 5.39 -4.73 -7.85
N ASN A 98 5.14 -4.27 -9.07
CA ASN A 98 5.50 -5.02 -10.27
C ASN A 98 6.99 -5.34 -10.29
N SER A 99 7.78 -4.46 -9.68
CA SER A 99 9.23 -4.65 -9.63
C SER A 99 9.76 -4.39 -8.22
N THR A 100 10.86 -5.04 -7.88
CA THR A 100 11.47 -4.88 -6.57
C THR A 100 11.84 -3.42 -6.31
N GLU A 101 12.44 -2.79 -7.32
CA GLU A 101 12.84 -1.40 -7.22
C GLU A 101 11.69 -0.51 -6.77
N GLU A 102 10.50 -0.79 -7.28
CA GLU A 102 9.31 -0.02 -6.94
C GLU A 102 9.04 -0.08 -5.44
N GLN A 103 9.16 -1.28 -4.87
CA GLN A 103 8.93 -1.47 -3.44
C GLN A 103 9.91 -0.64 -2.62
N GLN A 104 11.14 -0.51 -3.12
CA GLN A 104 12.16 0.27 -2.42
C GLN A 104 11.84 1.76 -2.46
N LYS A 105 11.32 2.21 -3.59
CA LYS A 105 10.99 3.62 -3.76
C LYS A 105 9.72 3.98 -3.00
N TRP A 106 8.67 3.18 -3.18
CA TRP A 106 7.40 3.43 -2.51
C TRP A 106 7.56 3.47 -0.99
N VAL A 107 8.20 2.44 -0.45
CA VAL A 107 8.42 2.35 1.00
C VAL A 107 9.33 3.46 1.50
N SER A 108 10.48 3.61 0.84
CA SER A 108 11.45 4.63 1.23
C SER A 108 10.85 6.03 1.13
N ARG A 109 10.03 6.26 0.12
CA ARG A 109 9.40 7.56 -0.07
C ARG A 109 8.26 7.78 0.93
N LEU A 110 7.32 6.84 0.95
CA LEU A 110 6.18 6.92 1.85
C LEU A 110 6.63 6.96 3.31
N VAL A 111 7.65 6.17 3.63
CA VAL A 111 8.17 6.12 5.00
C VAL A 111 8.88 7.41 5.35
N LYS A 112 9.65 7.94 4.41
CA LYS A 112 10.39 9.18 4.62
C LYS A 112 9.41 10.32 4.91
N LYS A 113 8.22 10.23 4.33
CA LYS A 113 7.19 11.24 4.54
C LYS A 113 6.63 11.16 5.96
N ILE A 114 6.74 9.98 6.58
CA ILE A 114 6.24 9.78 7.93
C ILE A 114 7.02 10.63 8.94
N PRO A 115 6.32 11.28 9.88
CA PRO A 115 6.95 12.12 10.89
C PRO A 115 7.69 11.30 11.96
N LYS A 116 7.06 10.20 12.38
CA LYS A 116 7.65 9.32 13.39
C LYS A 116 8.39 8.16 12.73
N LYS A 117 9.15 8.46 11.68
CA LYS A 117 9.91 7.45 10.97
C LYS A 117 10.95 6.81 11.88
N SER A 1 4.18 15.80 -9.63
CA SER A 1 3.36 14.83 -8.83
C SER A 1 4.19 14.21 -7.71
N ARG A 2 3.58 13.28 -6.99
CA ARG A 2 4.25 12.60 -5.89
C ARG A 2 4.20 11.09 -6.06
N LEU A 3 4.67 10.36 -5.04
CA LEU A 3 4.68 8.90 -5.09
C LEU A 3 3.31 8.34 -5.46
N GLU A 4 3.09 8.13 -6.75
CA GLU A 4 1.83 7.61 -7.24
C GLU A 4 2.05 6.49 -8.24
N GLY A 5 1.00 5.74 -8.52
CA GLY A 5 1.09 4.64 -9.46
C GLY A 5 0.10 3.54 -9.15
N TRP A 6 0.40 2.33 -9.58
CA TRP A 6 -0.49 1.21 -9.32
C TRP A 6 0.20 0.13 -8.49
N LEU A 7 -0.42 -0.23 -7.37
CA LEU A 7 0.12 -1.26 -6.51
C LEU A 7 -0.90 -2.37 -6.39
N SER A 8 -0.41 -3.59 -6.19
CA SER A 8 -1.31 -4.74 -6.11
C SER A 8 -1.77 -5.01 -4.69
N LEU A 9 -3.04 -5.39 -4.56
CA LEU A 9 -3.63 -5.71 -3.28
C LEU A 9 -4.32 -7.07 -3.33
N PRO A 10 -4.71 -7.61 -2.17
CA PRO A 10 -5.38 -8.91 -2.10
C PRO A 10 -6.74 -8.91 -2.79
N VAL A 11 -6.73 -9.17 -4.09
CA VAL A 11 -7.96 -9.21 -4.87
C VAL A 11 -8.76 -10.47 -4.57
N ARG A 12 -9.98 -10.55 -5.09
CA ARG A 12 -10.82 -11.72 -4.87
C ARG A 12 -11.43 -12.18 -6.18
N ASN A 13 -10.72 -13.05 -6.89
CA ASN A 13 -11.19 -13.58 -8.17
C ASN A 13 -12.56 -14.22 -8.02
N ASN A 14 -12.60 -15.41 -7.44
CA ASN A 14 -13.86 -16.13 -7.25
C ASN A 14 -14.60 -15.61 -6.02
N THR A 15 -14.18 -16.07 -4.85
CA THR A 15 -14.81 -15.65 -3.59
C THR A 15 -13.86 -15.85 -2.42
N LYS A 16 -13.33 -17.06 -2.30
CA LYS A 16 -12.41 -17.39 -1.23
C LYS A 16 -10.96 -17.12 -1.64
N LYS A 17 -10.65 -17.39 -2.90
CA LYS A 17 -9.30 -17.17 -3.42
C LYS A 17 -8.94 -15.69 -3.38
N PHE A 18 -7.73 -15.37 -3.84
CA PHE A 18 -7.27 -13.99 -3.85
C PHE A 18 -5.89 -13.89 -4.49
N GLY A 19 -5.78 -13.04 -5.51
CA GLY A 19 -4.52 -12.85 -6.20
C GLY A 19 -3.95 -11.46 -6.00
N TRP A 20 -3.87 -10.70 -7.08
CA TRP A 20 -3.35 -9.34 -7.02
C TRP A 20 -4.06 -8.42 -8.02
N VAL A 21 -4.31 -7.19 -7.59
CA VAL A 21 -4.96 -6.21 -8.43
C VAL A 21 -4.35 -4.83 -8.19
N LYS A 22 -3.66 -4.29 -9.19
CA LYS A 22 -3.01 -3.00 -9.03
C LYS A 22 -4.02 -1.86 -9.03
N LYS A 23 -4.14 -1.20 -7.88
CA LYS A 23 -5.04 -0.07 -7.74
C LYS A 23 -4.23 1.22 -7.73
N TYR A 24 -4.76 2.28 -8.29
CA TYR A 24 -4.05 3.54 -8.33
C TYR A 24 -3.85 4.13 -6.94
N VAL A 25 -2.61 4.04 -6.46
CA VAL A 25 -2.26 4.58 -5.15
C VAL A 25 -1.44 5.84 -5.29
N ILE A 26 -1.85 6.90 -4.60
CA ILE A 26 -1.14 8.16 -4.65
C ILE A 26 -0.86 8.69 -3.25
N VAL A 27 0.41 8.77 -2.90
CA VAL A 27 0.82 9.25 -1.59
C VAL A 27 1.08 10.74 -1.61
N SER A 28 0.15 11.53 -1.07
CA SER A 28 0.29 12.97 -1.04
C SER A 28 1.37 13.39 -0.06
N SER A 29 1.72 14.68 -0.09
CA SER A 29 2.76 15.22 0.78
C SER A 29 2.55 14.80 2.23
N LYS A 30 1.29 14.74 2.67
CA LYS A 30 0.97 14.36 4.03
C LYS A 30 -0.38 13.65 4.11
N LYS A 31 -0.63 12.77 3.15
CA LYS A 31 -1.88 12.02 3.11
C LYS A 31 -1.86 10.99 1.98
N ILE A 32 -2.24 9.76 2.31
CA ILE A 32 -2.27 8.68 1.33
C ILE A 32 -3.66 8.55 0.70
N LEU A 33 -3.72 8.57 -0.62
CA LEU A 33 -4.98 8.46 -1.33
C LEU A 33 -5.04 7.17 -2.15
N PHE A 34 -6.24 6.61 -2.27
CA PHE A 34 -6.43 5.38 -3.03
C PHE A 34 -7.56 5.55 -4.03
N TYR A 35 -7.27 5.21 -5.29
CA TYR A 35 -8.26 5.32 -6.36
C TYR A 35 -8.28 4.07 -7.23
N ASP A 36 -9.16 4.06 -8.21
CA ASP A 36 -9.28 2.92 -9.13
C ASP A 36 -8.79 3.29 -10.52
N SER A 37 -8.87 4.59 -10.84
CA SER A 37 -8.44 5.08 -12.14
C SER A 37 -8.32 6.60 -12.14
N GLU A 38 -7.61 7.14 -13.14
CA GLU A 38 -7.41 8.57 -13.24
C GLU A 38 -8.75 9.29 -13.34
N GLN A 39 -9.74 8.63 -13.94
CA GLN A 39 -11.07 9.22 -14.09
C GLN A 39 -11.71 9.47 -12.73
N ASP A 40 -11.53 8.53 -11.81
CA ASP A 40 -12.10 8.67 -10.47
C ASP A 40 -11.30 9.67 -9.63
N LYS A 41 -10.00 9.74 -9.89
CA LYS A 41 -9.13 10.66 -9.17
C LYS A 41 -9.49 12.11 -9.47
N GLU A 42 -9.65 12.42 -10.75
CA GLU A 42 -10.01 13.77 -11.18
C GLU A 42 -11.37 14.18 -10.63
N GLN A 43 -12.21 13.20 -10.35
CA GLN A 43 -13.54 13.46 -9.82
C GLN A 43 -13.51 13.72 -8.32
N SER A 44 -12.31 13.67 -7.73
CA SER A 44 -12.15 13.91 -6.30
C SER A 44 -12.88 12.85 -5.48
N ASN A 45 -12.98 11.65 -6.04
CA ASN A 45 -13.65 10.54 -5.36
C ASN A 45 -12.65 9.45 -4.97
N PRO A 46 -11.90 9.67 -3.88
CA PRO A 46 -10.90 8.71 -3.40
C PRO A 46 -11.53 7.47 -2.78
N TYR A 47 -11.21 6.31 -3.33
CA TYR A 47 -11.74 5.05 -2.83
C TYR A 47 -11.36 4.84 -1.37
N MET A 48 -10.16 5.28 -1.02
CA MET A 48 -9.66 5.15 0.35
C MET A 48 -8.54 6.15 0.61
N VAL A 49 -8.63 6.85 1.73
CA VAL A 49 -7.63 7.84 2.09
C VAL A 49 -7.07 7.59 3.49
N LEU A 50 -5.76 7.39 3.57
CA LEU A 50 -5.09 7.15 4.85
C LEU A 50 -4.24 8.36 5.23
N ASP A 51 -3.98 8.51 6.53
CA ASP A 51 -3.17 9.61 7.02
C ASP A 51 -1.71 9.20 7.16
N ILE A 52 -0.84 9.85 6.39
CA ILE A 52 0.59 9.56 6.42
C ILE A 52 1.15 9.76 7.83
N ASP A 53 0.53 10.66 8.59
CA ASP A 53 0.97 10.94 9.96
C ASP A 53 0.52 9.84 10.91
N LYS A 54 -0.58 9.19 10.59
CA LYS A 54 -1.11 8.12 11.43
C LYS A 54 -0.31 6.83 11.26
N LEU A 55 0.47 6.74 10.19
CA LEU A 55 1.28 5.55 9.93
C LEU A 55 2.13 5.19 11.15
N PHE A 56 2.28 3.89 11.39
CA PHE A 56 3.06 3.42 12.53
C PHE A 56 4.44 2.94 12.07
N HIS A 57 4.48 2.28 10.93
CA HIS A 57 5.74 1.76 10.39
C HIS A 57 5.54 1.13 9.01
N VAL A 58 6.43 1.43 8.09
CA VAL A 58 6.37 0.89 6.74
C VAL A 58 7.61 0.06 6.42
N ARG A 59 7.42 -1.23 6.17
CA ARG A 59 8.52 -2.12 5.86
C ARG A 59 8.08 -3.26 4.94
N PRO A 60 9.04 -3.88 4.23
CA PRO A 60 8.74 -4.98 3.30
C PRO A 60 8.30 -6.25 4.04
N VAL A 61 7.80 -7.21 3.29
CA VAL A 61 7.34 -8.47 3.86
C VAL A 61 8.24 -9.63 3.44
N THR A 62 8.11 -10.75 4.13
CA THR A 62 8.91 -11.94 3.81
C THR A 62 8.02 -13.13 3.50
N GLN A 63 8.64 -14.30 3.33
CA GLN A 63 7.90 -15.51 3.03
C GLN A 63 6.94 -15.88 4.17
N THR A 64 7.15 -15.28 5.34
CA THR A 64 6.29 -15.55 6.49
C THR A 64 4.98 -14.79 6.40
N ASP A 65 5.00 -13.67 5.68
CA ASP A 65 3.80 -12.84 5.52
C ASP A 65 2.76 -13.54 4.65
N VAL A 66 3.23 -14.37 3.72
CA VAL A 66 2.34 -15.09 2.82
C VAL A 66 2.74 -16.56 2.72
N TYR A 67 2.02 -17.30 1.89
CA TYR A 67 2.29 -18.72 1.70
C TYR A 67 1.99 -19.13 0.27
N ARG A 68 0.82 -18.74 -0.22
CA ARG A 68 0.42 -19.08 -1.58
C ARG A 68 1.16 -18.22 -2.60
N ALA A 69 1.61 -17.04 -2.17
CA ALA A 69 2.33 -16.13 -3.05
C ALA A 69 3.58 -16.80 -3.63
N ASP A 70 4.45 -16.00 -4.23
CA ASP A 70 5.67 -16.51 -4.83
C ASP A 70 6.90 -15.79 -4.26
N ALA A 71 7.98 -16.54 -4.05
CA ALA A 71 9.21 -15.98 -3.51
C ALA A 71 9.64 -14.74 -4.27
N LYS A 72 9.25 -14.65 -5.54
CA LYS A 72 9.60 -13.51 -6.37
C LYS A 72 8.76 -12.28 -5.99
N GLU A 73 7.51 -12.51 -5.58
CA GLU A 73 6.62 -11.43 -5.20
C GLU A 73 6.91 -10.94 -3.79
N ILE A 74 7.37 -11.85 -2.94
CA ILE A 74 7.68 -11.50 -1.55
C ILE A 74 8.50 -10.22 -1.45
N PRO A 75 9.63 -10.13 -2.18
CA PRO A 75 10.49 -8.94 -2.15
C PRO A 75 9.83 -7.72 -2.80
N ARG A 76 8.71 -7.95 -3.49
CA ARG A 76 7.99 -6.87 -4.16
C ARG A 76 6.72 -6.49 -3.40
N ILE A 77 6.57 -7.02 -2.18
CA ILE A 77 5.40 -6.73 -1.37
C ILE A 77 5.79 -6.02 -0.07
N PHE A 78 5.26 -4.81 0.12
CA PHE A 78 5.55 -4.04 1.32
C PHE A 78 4.27 -3.74 2.09
N GLN A 79 4.38 -3.71 3.42
CA GLN A 79 3.22 -3.44 4.27
C GLN A 79 3.35 -2.09 4.98
N ILE A 80 2.22 -1.42 5.15
CA ILE A 80 2.18 -0.12 5.82
C ILE A 80 1.15 -0.12 6.95
N LEU A 81 1.64 0.01 8.18
CA LEU A 81 0.76 0.02 9.35
C LEU A 81 0.34 1.45 9.70
N TYR A 82 -0.89 1.59 10.19
CA TYR A 82 -1.42 2.89 10.57
C TYR A 82 -2.53 2.74 11.61
N ALA A 83 -2.60 3.69 12.53
CA ALA A 83 -3.60 3.65 13.59
C ALA A 83 -4.99 3.95 13.03
N ASN A 84 -5.92 3.03 13.25
CA ASN A 84 -7.29 3.20 12.78
C ASN A 84 -8.20 3.69 13.90
N GLU A 85 -8.03 3.09 15.08
CA GLU A 85 -8.83 3.46 16.23
C GLU A 85 -7.94 3.87 17.41
N GLY A 86 -6.86 3.12 17.61
CA GLY A 86 -5.94 3.41 18.69
C GLY A 86 -4.51 3.08 18.33
N ILE A 87 -4.04 1.91 18.79
CA ILE A 87 -2.68 1.47 18.52
C ILE A 87 -2.64 0.00 18.14
N SER A 88 -2.96 -0.86 19.10
CA SER A 88 -2.97 -2.30 18.87
C SER A 88 -3.91 -2.67 17.73
N SER A 89 -4.98 -1.91 17.58
CA SER A 89 -5.97 -2.16 16.53
C SER A 89 -5.46 -1.68 15.17
N ALA A 90 -4.46 -0.79 15.19
CA ALA A 90 -3.88 -0.25 13.96
C ALA A 90 -3.72 -1.32 12.89
N LYS A 91 -4.41 -1.15 11.77
CA LYS A 91 -4.35 -2.10 10.67
C LYS A 91 -3.17 -1.78 9.74
N ASN A 92 -3.04 -2.57 8.68
CA ASN A 92 -1.96 -2.37 7.71
C ASN A 92 -2.46 -2.53 6.29
N LEU A 93 -1.63 -2.13 5.33
CA LEU A 93 -1.99 -2.22 3.92
C LEU A 93 -0.90 -2.91 3.12
N LEU A 94 -1.25 -4.02 2.49
CA LEU A 94 -0.29 -4.78 1.69
C LEU A 94 -0.34 -4.33 0.23
N LEU A 95 0.80 -3.89 -0.28
CA LEU A 95 0.88 -3.43 -1.66
C LEU A 95 1.99 -4.15 -2.43
N LEU A 96 1.59 -4.88 -3.46
CA LEU A 96 2.54 -5.62 -4.29
C LEU A 96 2.96 -4.80 -5.50
N ALA A 97 4.26 -4.56 -5.64
CA ALA A 97 4.78 -3.78 -6.76
C ALA A 97 5.22 -4.69 -7.90
N ASN A 98 4.86 -4.31 -9.12
CA ASN A 98 5.21 -5.08 -10.30
C ASN A 98 6.73 -5.32 -10.37
N SER A 99 7.48 -4.42 -9.74
CA SER A 99 8.94 -4.54 -9.73
C SER A 99 9.49 -4.30 -8.32
N THR A 100 10.57 -5.00 -8.00
CA THR A 100 11.20 -4.87 -6.68
C THR A 100 11.61 -3.43 -6.42
N GLU A 101 12.22 -2.81 -7.42
CA GLU A 101 12.68 -1.42 -7.30
C GLU A 101 11.53 -0.51 -6.87
N GLU A 102 10.34 -0.76 -7.41
CA GLU A 102 9.17 0.04 -7.08
C GLU A 102 8.87 -0.01 -5.58
N GLN A 103 8.97 -1.21 -5.01
CA GLN A 103 8.72 -1.40 -3.59
C GLN A 103 9.71 -0.60 -2.75
N GLN A 104 10.97 -0.59 -3.17
CA GLN A 104 12.02 0.14 -2.45
C GLN A 104 11.72 1.63 -2.45
N LYS A 105 11.28 2.14 -3.60
CA LYS A 105 10.97 3.55 -3.73
C LYS A 105 9.69 3.92 -2.98
N TRP A 106 8.64 3.15 -3.20
CA TRP A 106 7.36 3.39 -2.54
C TRP A 106 7.50 3.43 -1.02
N VAL A 107 8.14 2.40 -0.48
CA VAL A 107 8.34 2.30 0.96
C VAL A 107 9.22 3.43 1.50
N SER A 108 10.34 3.67 0.84
CA SER A 108 11.27 4.71 1.27
C SER A 108 10.67 6.11 1.12
N ARG A 109 9.89 6.31 0.07
CA ARG A 109 9.27 7.60 -0.17
C ARG A 109 8.09 7.84 0.77
N LEU A 110 7.15 6.90 0.78
CA LEU A 110 5.98 7.01 1.63
C LEU A 110 6.37 7.08 3.10
N VAL A 111 7.39 6.33 3.49
CA VAL A 111 7.86 6.31 4.87
C VAL A 111 8.57 7.62 5.21
N LYS A 112 9.42 8.08 4.29
CA LYS A 112 10.15 9.32 4.50
C LYS A 112 9.20 10.50 4.70
N LYS A 113 8.02 10.40 4.09
CA LYS A 113 7.02 11.46 4.21
C LYS A 113 6.32 11.41 5.57
N ILE A 114 6.62 10.39 6.36
CA ILE A 114 6.01 10.24 7.68
C ILE A 114 6.74 11.09 8.72
N PRO A 115 5.99 11.80 9.59
CA PRO A 115 6.57 12.64 10.63
C PRO A 115 7.09 11.83 11.81
N LYS A 116 6.34 10.80 12.18
CA LYS A 116 6.74 9.94 13.30
C LYS A 116 7.46 8.69 12.81
N LYS A 117 8.44 8.89 11.92
CA LYS A 117 9.21 7.79 11.37
C LYS A 117 9.92 7.02 12.48
N SER A 1 4.79 15.29 -9.73
CA SER A 1 3.83 14.69 -8.78
C SER A 1 4.55 14.04 -7.60
N ARG A 2 3.82 13.22 -6.86
CA ARG A 2 4.39 12.53 -5.70
C ARG A 2 4.30 11.01 -5.88
N LEU A 3 4.74 10.27 -4.85
CA LEU A 3 4.70 8.81 -4.89
C LEU A 3 3.34 8.30 -5.35
N GLU A 4 3.22 8.03 -6.64
CA GLU A 4 1.97 7.54 -7.19
C GLU A 4 2.20 6.40 -8.17
N GLY A 5 1.12 5.70 -8.50
CA GLY A 5 1.22 4.57 -9.42
C GLY A 5 0.18 3.51 -9.12
N TRP A 6 0.44 2.29 -9.56
CA TRP A 6 -0.47 1.19 -9.32
C TRP A 6 0.17 0.11 -8.46
N LEU A 7 -0.47 -0.21 -7.34
CA LEU A 7 0.02 -1.24 -6.45
C LEU A 7 -1.04 -2.32 -6.31
N SER A 8 -0.60 -3.55 -6.14
CA SER A 8 -1.52 -4.67 -6.04
C SER A 8 -1.95 -4.94 -4.61
N LEU A 9 -3.23 -5.28 -4.46
CA LEU A 9 -3.80 -5.57 -3.15
C LEU A 9 -4.51 -6.93 -3.19
N PRO A 10 -4.65 -7.58 -2.02
CA PRO A 10 -5.32 -8.87 -1.94
C PRO A 10 -6.75 -8.84 -2.45
N VAL A 11 -6.91 -9.20 -3.72
CA VAL A 11 -8.23 -9.21 -4.35
C VAL A 11 -8.99 -10.50 -4.01
N ARG A 12 -10.25 -10.56 -4.41
CA ARG A 12 -11.07 -11.74 -4.15
C ARG A 12 -11.81 -12.17 -5.41
N ASN A 13 -11.17 -13.01 -6.21
CA ASN A 13 -11.76 -13.49 -7.45
C ASN A 13 -13.17 -14.02 -7.23
N ASN A 14 -13.30 -15.07 -6.43
CA ASN A 14 -14.60 -15.66 -6.15
C ASN A 14 -14.99 -15.45 -4.67
N THR A 15 -14.47 -16.30 -3.80
CA THR A 15 -14.76 -16.20 -2.38
C THR A 15 -13.63 -16.79 -1.54
N LYS A 16 -13.25 -18.02 -1.86
CA LYS A 16 -12.18 -18.69 -1.14
C LYS A 16 -10.85 -18.55 -1.87
N LYS A 17 -10.71 -17.47 -2.64
CA LYS A 17 -9.50 -17.21 -3.40
C LYS A 17 -9.16 -15.72 -3.37
N PHE A 18 -7.88 -15.41 -3.60
CA PHE A 18 -7.43 -14.03 -3.60
C PHE A 18 -6.12 -13.87 -4.35
N GLY A 19 -6.13 -13.00 -5.35
CA GLY A 19 -4.94 -12.76 -6.15
C GLY A 19 -4.37 -11.37 -5.93
N TRP A 20 -4.24 -10.60 -7.00
CA TRP A 20 -3.71 -9.24 -6.90
C TRP A 20 -4.39 -8.31 -7.90
N VAL A 21 -4.54 -7.06 -7.51
CA VAL A 21 -5.16 -6.05 -8.35
C VAL A 21 -4.49 -4.70 -8.13
N LYS A 22 -3.77 -4.21 -9.14
CA LYS A 22 -3.08 -2.94 -9.01
C LYS A 22 -4.05 -1.76 -9.05
N LYS A 23 -4.20 -1.09 -7.92
CA LYS A 23 -5.06 0.08 -7.82
C LYS A 23 -4.19 1.33 -7.81
N TYR A 24 -4.72 2.43 -8.34
CA TYR A 24 -3.96 3.67 -8.39
C TYR A 24 -3.76 4.26 -7.01
N VAL A 25 -2.57 4.08 -6.47
CA VAL A 25 -2.22 4.62 -5.15
C VAL A 25 -1.38 5.86 -5.30
N ILE A 26 -1.78 6.93 -4.62
CA ILE A 26 -1.05 8.18 -4.68
C ILE A 26 -0.87 8.78 -3.29
N VAL A 27 0.37 8.85 -2.84
CA VAL A 27 0.68 9.38 -1.52
C VAL A 27 0.89 10.89 -1.58
N SER A 28 -0.10 11.65 -1.12
CA SER A 28 -0.01 13.11 -1.13
C SER A 28 0.85 13.60 0.02
N SER A 29 1.28 14.86 -0.07
CA SER A 29 2.12 15.46 0.96
C SER A 29 1.47 15.32 2.34
N LYS A 30 2.05 14.46 3.18
CA LYS A 30 1.53 14.24 4.52
C LYS A 30 0.15 13.59 4.48
N LYS A 31 -0.10 12.81 3.43
CA LYS A 31 -1.38 12.14 3.28
C LYS A 31 -1.29 11.01 2.26
N ILE A 32 -2.14 10.00 2.41
CA ILE A 32 -2.15 8.86 1.50
C ILE A 32 -3.50 8.74 0.80
N LEU A 33 -3.48 8.73 -0.52
CA LEU A 33 -4.70 8.63 -1.31
C LEU A 33 -4.78 7.28 -2.02
N PHE A 34 -6.01 6.80 -2.24
CA PHE A 34 -6.22 5.53 -2.92
C PHE A 34 -7.37 5.63 -3.91
N TYR A 35 -7.13 5.17 -5.13
CA TYR A 35 -8.14 5.22 -6.18
C TYR A 35 -8.17 3.91 -6.96
N ASP A 36 -9.12 3.80 -7.89
CA ASP A 36 -9.26 2.61 -8.71
C ASP A 36 -8.78 2.86 -10.13
N SER A 37 -8.87 4.12 -10.57
CA SER A 37 -8.45 4.50 -11.91
C SER A 37 -8.30 6.02 -12.02
N GLU A 38 -7.82 6.47 -13.17
CA GLU A 38 -7.62 7.89 -13.41
C GLU A 38 -8.96 8.63 -13.44
N GLN A 39 -9.99 7.95 -13.95
CA GLN A 39 -11.32 8.54 -14.03
C GLN A 39 -11.83 8.93 -12.65
N ASP A 40 -11.77 7.98 -11.71
CA ASP A 40 -12.24 8.23 -10.36
C ASP A 40 -11.34 9.24 -9.65
N LYS A 41 -10.07 9.29 -10.04
CA LYS A 41 -9.12 10.22 -9.45
C LYS A 41 -9.42 11.65 -9.87
N GLU A 42 -9.56 11.86 -11.18
CA GLU A 42 -9.85 13.19 -11.71
C GLU A 42 -11.17 13.72 -11.16
N GLN A 43 -12.04 12.82 -10.72
CA GLN A 43 -13.33 13.22 -10.17
C GLN A 43 -13.24 13.51 -8.68
N SER A 44 -12.02 13.53 -8.14
CA SER A 44 -11.80 13.80 -6.72
C SER A 44 -12.54 12.78 -5.85
N ASN A 45 -12.69 11.57 -6.37
CA ASN A 45 -13.38 10.51 -5.63
C ASN A 45 -12.39 9.45 -5.16
N PRO A 46 -11.71 9.70 -4.02
CA PRO A 46 -10.74 8.78 -3.45
C PRO A 46 -11.39 7.55 -2.83
N TYR A 47 -11.07 6.37 -3.35
CA TYR A 47 -11.62 5.13 -2.84
C TYR A 47 -11.26 4.94 -1.36
N MET A 48 -10.07 5.41 -0.99
CA MET A 48 -9.60 5.30 0.39
C MET A 48 -8.43 6.25 0.64
N VAL A 49 -8.40 6.84 1.82
CA VAL A 49 -7.35 7.78 2.18
C VAL A 49 -6.84 7.53 3.59
N LEU A 50 -5.53 7.53 3.77
CA LEU A 50 -4.92 7.30 5.08
C LEU A 50 -3.96 8.44 5.42
N ASP A 51 -3.85 8.75 6.71
CA ASP A 51 -2.97 9.81 7.17
C ASP A 51 -1.55 9.28 7.40
N ILE A 52 -0.58 9.87 6.71
CA ILE A 52 0.81 9.44 6.85
C ILE A 52 1.28 9.57 8.29
N ASP A 53 0.89 10.66 8.94
CA ASP A 53 1.27 10.89 10.33
C ASP A 53 0.70 9.81 11.25
N LYS A 54 -0.39 9.18 10.81
CA LYS A 54 -1.03 8.13 11.58
C LYS A 54 -0.27 6.81 11.46
N LEU A 55 0.58 6.70 10.44
CA LEU A 55 1.36 5.49 10.22
C LEU A 55 2.14 5.11 11.47
N PHE A 56 2.35 3.81 11.66
CA PHE A 56 3.09 3.32 12.81
C PHE A 56 4.41 2.68 12.38
N HIS A 57 4.40 2.02 11.22
CA HIS A 57 5.60 1.38 10.70
C HIS A 57 5.32 0.73 9.34
N VAL A 58 6.18 1.01 8.38
CA VAL A 58 6.04 0.45 7.03
C VAL A 58 7.36 -0.13 6.56
N ARG A 59 7.32 -1.37 6.07
CA ARG A 59 8.52 -2.04 5.59
C ARG A 59 8.17 -3.24 4.71
N PRO A 60 9.11 -3.67 3.85
CA PRO A 60 8.90 -4.81 2.95
C PRO A 60 8.66 -6.11 3.71
N VAL A 61 7.79 -6.95 3.17
CA VAL A 61 7.48 -8.23 3.80
C VAL A 61 8.34 -9.35 3.22
N THR A 62 8.33 -10.50 3.88
CA THR A 62 9.11 -11.65 3.44
C THR A 62 8.21 -12.86 3.19
N GLN A 63 8.83 -14.00 2.91
CA GLN A 63 8.09 -15.23 2.66
C GLN A 63 7.29 -15.66 3.89
N THR A 64 7.63 -15.12 5.04
CA THR A 64 6.95 -15.46 6.29
C THR A 64 5.62 -14.73 6.40
N ASP A 65 5.52 -13.56 5.74
CA ASP A 65 4.30 -12.77 5.78
C ASP A 65 3.20 -13.39 4.92
N VAL A 66 3.61 -14.20 3.93
CA VAL A 66 2.66 -14.85 3.05
C VAL A 66 3.02 -16.32 2.84
N TYR A 67 2.24 -17.00 2.01
CA TYR A 67 2.47 -18.42 1.73
C TYR A 67 2.04 -18.75 0.30
N ARG A 68 0.83 -18.33 -0.07
CA ARG A 68 0.31 -18.59 -1.40
C ARG A 68 0.96 -17.67 -2.44
N ALA A 69 1.52 -16.55 -1.97
CA ALA A 69 2.18 -15.60 -2.86
C ALA A 69 3.29 -16.27 -3.66
N ASP A 70 4.12 -15.45 -4.32
CA ASP A 70 5.22 -15.97 -5.11
C ASP A 70 6.55 -15.42 -4.62
N ALA A 71 7.56 -16.28 -4.57
CA ALA A 71 8.89 -15.88 -4.10
C ALA A 71 9.38 -14.61 -4.81
N LYS A 72 8.90 -14.40 -6.03
CA LYS A 72 9.28 -13.23 -6.80
C LYS A 72 8.52 -12.00 -6.33
N GLU A 73 7.31 -12.21 -5.84
CA GLU A 73 6.47 -11.11 -5.35
C GLU A 73 6.88 -10.70 -3.94
N ILE A 74 7.37 -11.65 -3.15
CA ILE A 74 7.78 -11.38 -1.77
C ILE A 74 8.65 -10.12 -1.69
N PRO A 75 9.72 -10.02 -2.49
CA PRO A 75 10.61 -8.86 -2.49
C PRO A 75 9.96 -7.61 -3.09
N ARG A 76 8.77 -7.78 -3.68
CA ARG A 76 8.06 -6.66 -4.29
C ARG A 76 6.79 -6.31 -3.51
N ILE A 77 6.69 -6.82 -2.28
CA ILE A 77 5.51 -6.55 -1.45
C ILE A 77 5.91 -5.86 -0.15
N PHE A 78 5.19 -4.80 0.19
CA PHE A 78 5.46 -4.05 1.41
C PHE A 78 4.18 -3.78 2.19
N GLN A 79 4.27 -3.78 3.51
CA GLN A 79 3.10 -3.54 4.36
C GLN A 79 3.23 -2.20 5.09
N ILE A 80 2.10 -1.49 5.19
CA ILE A 80 2.07 -0.21 5.87
C ILE A 80 1.05 -0.21 7.01
N LEU A 81 1.53 -0.04 8.24
CA LEU A 81 0.65 -0.02 9.40
C LEU A 81 0.17 1.39 9.70
N TYR A 82 -1.12 1.51 10.00
CA TYR A 82 -1.71 2.81 10.31
C TYR A 82 -2.78 2.68 11.38
N ALA A 83 -2.83 3.64 12.29
CA ALA A 83 -3.81 3.63 13.37
C ALA A 83 -5.20 3.95 12.85
N ASN A 84 -6.14 3.04 13.09
CA ASN A 84 -7.51 3.21 12.63
C ASN A 84 -8.42 3.67 13.77
N GLU A 85 -8.28 3.02 14.93
CA GLU A 85 -9.09 3.35 16.09
C GLU A 85 -8.21 3.87 17.23
N GLY A 86 -7.11 3.17 17.48
CA GLY A 86 -6.20 3.58 18.54
C GLY A 86 -4.75 3.26 18.20
N ILE A 87 -4.30 2.10 18.65
CA ILE A 87 -2.92 1.68 18.40
C ILE A 87 -2.87 0.19 18.01
N SER A 88 -3.15 -0.67 18.97
CA SER A 88 -3.13 -2.11 18.73
C SER A 88 -4.09 -2.49 17.61
N SER A 89 -5.19 -1.75 17.49
CA SER A 89 -6.18 -2.02 16.46
C SER A 89 -5.68 -1.61 15.09
N ALA A 90 -4.69 -0.70 15.06
CA ALA A 90 -4.11 -0.20 13.83
C ALA A 90 -3.96 -1.32 12.79
N LYS A 91 -4.62 -1.15 11.65
CA LYS A 91 -4.55 -2.14 10.58
C LYS A 91 -3.35 -1.88 9.68
N ASN A 92 -3.21 -2.69 8.64
CA ASN A 92 -2.10 -2.55 7.71
C ASN A 92 -2.59 -2.64 6.26
N LEU A 93 -1.76 -2.16 5.34
CA LEU A 93 -2.09 -2.19 3.92
C LEU A 93 -1.01 -2.89 3.11
N LEU A 94 -1.37 -4.02 2.50
CA LEU A 94 -0.42 -4.78 1.70
C LEU A 94 -0.46 -4.31 0.25
N LEU A 95 0.70 -3.88 -0.26
CA LEU A 95 0.78 -3.39 -1.62
C LEU A 95 1.90 -4.11 -2.39
N LEU A 96 1.51 -4.80 -3.44
CA LEU A 96 2.47 -5.53 -4.28
C LEU A 96 2.91 -4.66 -5.45
N ALA A 97 4.22 -4.61 -5.69
CA ALA A 97 4.78 -3.83 -6.78
C ALA A 97 5.17 -4.71 -7.96
N ASN A 98 4.92 -4.23 -9.16
CA ASN A 98 5.25 -4.97 -10.38
C ASN A 98 6.74 -5.27 -10.44
N SER A 99 7.53 -4.39 -9.83
CA SER A 99 8.98 -4.55 -9.81
C SER A 99 9.53 -4.33 -8.40
N THR A 100 10.62 -5.04 -8.09
CA THR A 100 11.24 -4.91 -6.77
C THR A 100 11.64 -3.47 -6.49
N GLU A 101 12.25 -2.83 -7.48
CA GLU A 101 12.68 -1.45 -7.35
C GLU A 101 11.53 -0.55 -6.89
N GLU A 102 10.33 -0.82 -7.41
CA GLU A 102 9.15 -0.03 -7.05
C GLU A 102 8.89 -0.11 -5.56
N GLN A 103 9.01 -1.31 -5.00
CA GLN A 103 8.78 -1.52 -3.57
C GLN A 103 9.79 -0.73 -2.73
N GLN A 104 11.03 -0.66 -3.21
CA GLN A 104 12.08 0.07 -2.50
C GLN A 104 11.77 1.56 -2.49
N LYS A 105 11.26 2.05 -3.61
CA LYS A 105 10.93 3.48 -3.75
C LYS A 105 9.67 3.82 -2.96
N TRP A 106 8.61 3.04 -3.16
CA TRP A 106 7.35 3.29 -2.48
C TRP A 106 7.51 3.30 -0.96
N VAL A 107 8.14 2.25 -0.44
CA VAL A 107 8.35 2.13 1.00
C VAL A 107 9.25 3.24 1.53
N SER A 108 10.38 3.46 0.86
CA SER A 108 11.32 4.49 1.28
C SER A 108 10.73 5.89 1.14
N ARG A 109 9.92 6.09 0.11
CA ARG A 109 9.30 7.40 -0.13
C ARG A 109 8.15 7.65 0.84
N LEU A 110 7.21 6.72 0.87
CA LEU A 110 6.04 6.84 1.74
C LEU A 110 6.46 6.94 3.21
N VAL A 111 7.48 6.18 3.57
CA VAL A 111 7.98 6.20 4.95
C VAL A 111 8.69 7.52 5.26
N LYS A 112 9.49 7.98 4.31
CA LYS A 112 10.22 9.23 4.47
C LYS A 112 9.25 10.39 4.69
N LYS A 113 8.07 10.27 4.12
CA LYS A 113 7.03 11.30 4.26
C LYS A 113 6.47 11.31 5.68
N ILE A 114 6.56 10.16 6.35
CA ILE A 114 6.06 10.04 7.72
C ILE A 114 6.79 11.00 8.66
N PRO A 115 6.05 11.74 9.49
CA PRO A 115 6.64 12.69 10.44
C PRO A 115 7.25 12.00 11.66
N LYS A 116 6.53 11.02 12.20
CA LYS A 116 7.00 10.29 13.36
C LYS A 116 7.72 9.01 12.94
N LYS A 117 8.62 9.14 11.98
CA LYS A 117 9.39 8.00 11.48
C LYS A 117 10.22 7.39 12.59
N SER A 1 4.66 16.13 -9.61
CA SER A 1 3.81 15.13 -8.92
C SER A 1 4.55 14.49 -7.75
N ARG A 2 4.00 13.39 -7.24
CA ARG A 2 4.61 12.69 -6.12
C ARG A 2 4.45 11.18 -6.26
N LEU A 3 4.83 10.43 -5.23
CA LEU A 3 4.73 8.98 -5.25
C LEU A 3 3.33 8.54 -5.69
N GLU A 4 3.24 7.99 -6.90
CA GLU A 4 1.97 7.55 -7.42
C GLU A 4 2.15 6.39 -8.41
N GLY A 5 1.06 5.69 -8.68
CA GLY A 5 1.13 4.57 -9.60
C GLY A 5 0.10 3.51 -9.26
N TRP A 6 0.37 2.28 -9.65
CA TRP A 6 -0.55 1.18 -9.37
C TRP A 6 0.13 0.11 -8.52
N LEU A 7 -0.48 -0.21 -7.39
CA LEU A 7 0.05 -1.23 -6.51
C LEU A 7 -0.98 -2.33 -6.36
N SER A 8 -0.50 -3.55 -6.16
CA SER A 8 -1.40 -4.70 -6.05
C SER A 8 -1.81 -4.97 -4.61
N LEU A 9 -3.05 -5.42 -4.45
CA LEU A 9 -3.60 -5.73 -3.13
C LEU A 9 -4.35 -7.06 -3.18
N PRO A 10 -4.46 -7.74 -2.02
CA PRO A 10 -5.16 -9.04 -1.94
C PRO A 10 -6.60 -8.93 -2.40
N VAL A 11 -6.87 -9.41 -3.62
CA VAL A 11 -8.21 -9.37 -4.18
C VAL A 11 -8.85 -10.75 -4.20
N ARG A 12 -9.83 -10.95 -3.32
CA ARG A 12 -10.53 -12.23 -3.24
C ARG A 12 -11.30 -12.50 -4.53
N ASN A 13 -10.71 -13.33 -5.39
CA ASN A 13 -11.34 -13.68 -6.65
C ASN A 13 -12.68 -14.39 -6.43
N ASN A 14 -12.64 -15.47 -5.67
CA ASN A 14 -13.86 -16.23 -5.38
C ASN A 14 -14.47 -15.79 -4.06
N THR A 15 -13.66 -15.76 -3.01
CA THR A 15 -14.12 -15.35 -1.68
C THR A 15 -12.99 -15.42 -0.67
N LYS A 16 -12.16 -16.44 -0.78
CA LYS A 16 -11.03 -16.61 0.13
C LYS A 16 -9.70 -16.39 -0.60
N LYS A 17 -9.59 -16.94 -1.80
CA LYS A 17 -8.38 -16.80 -2.59
C LYS A 17 -8.19 -15.36 -3.06
N PHE A 18 -7.18 -14.68 -2.51
CA PHE A 18 -6.91 -13.30 -2.89
C PHE A 18 -5.63 -13.21 -3.72
N GLY A 19 -5.80 -12.80 -4.98
CA GLY A 19 -4.66 -12.67 -5.87
C GLY A 19 -4.01 -11.31 -5.79
N TRP A 20 -4.01 -10.58 -6.90
CA TRP A 20 -3.43 -9.24 -6.93
C TRP A 20 -4.16 -8.35 -7.91
N VAL A 21 -4.44 -7.12 -7.47
CA VAL A 21 -5.11 -6.13 -8.31
C VAL A 21 -4.47 -4.77 -8.10
N LYS A 22 -3.77 -4.28 -9.12
CA LYS A 22 -3.09 -3.00 -9.00
C LYS A 22 -4.08 -1.84 -9.02
N LYS A 23 -4.22 -1.18 -7.87
CA LYS A 23 -5.09 -0.03 -7.74
C LYS A 23 -4.25 1.24 -7.80
N TYR A 24 -4.82 2.32 -8.29
CA TYR A 24 -4.08 3.57 -8.38
C TYR A 24 -3.85 4.19 -7.02
N VAL A 25 -2.62 4.06 -6.53
CA VAL A 25 -2.24 4.62 -5.24
C VAL A 25 -1.38 5.86 -5.45
N ILE A 26 -1.65 6.89 -4.65
CA ILE A 26 -0.89 8.13 -4.76
C ILE A 26 -0.67 8.74 -3.38
N VAL A 27 0.59 8.81 -2.97
CA VAL A 27 0.94 9.37 -1.67
C VAL A 27 1.11 10.88 -1.76
N SER A 28 0.13 11.61 -1.26
CA SER A 28 0.17 13.07 -1.27
C SER A 28 1.01 13.60 -0.11
N SER A 29 1.37 14.88 -0.17
CA SER A 29 2.17 15.50 0.87
C SER A 29 1.51 15.35 2.24
N LYS A 30 2.10 14.48 3.07
CA LYS A 30 1.58 14.25 4.41
C LYS A 30 0.18 13.63 4.37
N LYS A 31 -0.07 12.80 3.35
CA LYS A 31 -1.37 12.16 3.21
C LYS A 31 -1.33 11.10 2.10
N ILE A 32 -2.23 10.12 2.20
CA ILE A 32 -2.31 9.05 1.22
C ILE A 32 -3.73 8.90 0.68
N LEU A 33 -3.85 8.66 -0.62
CA LEU A 33 -5.15 8.50 -1.25
C LEU A 33 -5.18 7.26 -2.14
N PHE A 34 -6.22 6.44 -1.97
CA PHE A 34 -6.37 5.22 -2.75
C PHE A 34 -7.52 5.36 -3.73
N TYR A 35 -7.26 5.04 -4.99
CA TYR A 35 -8.28 5.12 -6.03
C TYR A 35 -8.36 3.84 -6.83
N ASP A 36 -9.36 3.75 -7.70
CA ASP A 36 -9.55 2.56 -8.52
C ASP A 36 -9.11 2.83 -9.96
N SER A 37 -9.18 4.09 -10.38
CA SER A 37 -8.78 4.47 -11.73
C SER A 37 -8.49 5.97 -11.80
N GLU A 38 -7.97 6.41 -12.93
CA GLU A 38 -7.66 7.82 -13.13
C GLU A 38 -8.92 8.65 -13.26
N GLN A 39 -9.97 8.05 -13.83
CA GLN A 39 -11.24 8.74 -14.01
C GLN A 39 -11.87 9.07 -12.67
N ASP A 40 -11.68 8.19 -11.69
CA ASP A 40 -12.23 8.38 -10.36
C ASP A 40 -11.38 9.37 -9.55
N LYS A 41 -10.09 9.41 -9.85
CA LYS A 41 -9.17 10.31 -9.16
C LYS A 41 -9.51 11.77 -9.45
N GLU A 42 -9.60 12.10 -10.73
CA GLU A 42 -9.92 13.46 -11.15
C GLU A 42 -11.28 13.90 -10.60
N GLN A 43 -12.13 12.92 -10.32
CA GLN A 43 -13.47 13.21 -9.79
C GLN A 43 -13.41 13.60 -8.31
N SER A 44 -12.23 13.52 -7.71
CA SER A 44 -12.05 13.87 -6.31
C SER A 44 -12.79 12.88 -5.41
N ASN A 45 -12.89 11.63 -5.86
CA ASN A 45 -13.58 10.60 -5.11
C ASN A 45 -12.60 9.49 -4.70
N PRO A 46 -11.83 9.72 -3.61
CA PRO A 46 -10.85 8.74 -3.13
C PRO A 46 -11.51 7.53 -2.48
N TYR A 47 -11.10 6.34 -2.92
CA TYR A 47 -11.65 5.10 -2.37
C TYR A 47 -11.25 4.93 -0.91
N MET A 48 -10.02 5.28 -0.59
CA MET A 48 -9.52 5.16 0.77
C MET A 48 -8.35 6.12 1.01
N VAL A 49 -8.53 7.03 1.96
CA VAL A 49 -7.50 8.01 2.28
C VAL A 49 -6.88 7.72 3.64
N LEU A 50 -5.55 7.63 3.67
CA LEU A 50 -4.82 7.36 4.91
C LEU A 50 -3.92 8.54 5.28
N ASP A 51 -3.64 8.69 6.57
CA ASP A 51 -2.78 9.76 7.04
C ASP A 51 -1.36 9.27 7.28
N ILE A 52 -0.42 9.86 6.55
CA ILE A 52 0.99 9.48 6.68
C ILE A 52 1.46 9.59 8.13
N ASP A 53 1.00 10.64 8.81
CA ASP A 53 1.38 10.86 10.20
C ASP A 53 0.78 9.80 11.11
N LYS A 54 -0.35 9.23 10.69
CA LYS A 54 -1.01 8.20 11.48
C LYS A 54 -0.31 6.86 11.34
N LEU A 55 0.54 6.73 10.32
CA LEU A 55 1.27 5.49 10.10
C LEU A 55 2.05 5.07 11.34
N PHE A 56 2.27 3.78 11.49
CA PHE A 56 3.01 3.24 12.63
C PHE A 56 4.34 2.64 12.18
N HIS A 57 4.33 1.99 11.01
CA HIS A 57 5.54 1.38 10.48
C HIS A 57 5.28 0.78 9.10
N VAL A 58 6.20 1.03 8.18
CA VAL A 58 6.09 0.54 6.82
C VAL A 58 7.41 -0.07 6.36
N ARG A 59 7.38 -1.33 5.94
CA ARG A 59 8.58 -2.01 5.47
C ARG A 59 8.22 -3.25 4.64
N PRO A 60 9.16 -3.70 3.79
CA PRO A 60 8.93 -4.89 2.94
C PRO A 60 8.53 -6.12 3.75
N VAL A 61 7.74 -6.99 3.14
CA VAL A 61 7.28 -8.20 3.80
C VAL A 61 8.20 -9.38 3.50
N THR A 62 7.96 -10.51 4.16
CA THR A 62 8.77 -11.71 3.95
C THR A 62 7.88 -12.88 3.53
N GLN A 63 8.49 -14.06 3.45
CA GLN A 63 7.77 -15.27 3.07
C GLN A 63 6.73 -15.66 4.13
N THR A 64 6.82 -15.05 5.30
CA THR A 64 5.90 -15.35 6.39
C THR A 64 4.60 -14.55 6.23
N ASP A 65 4.68 -13.45 5.50
CA ASP A 65 3.52 -12.59 5.28
C ASP A 65 2.50 -13.26 4.36
N VAL A 66 2.99 -14.13 3.47
CA VAL A 66 2.12 -14.83 2.55
C VAL A 66 2.66 -16.23 2.24
N TYR A 67 1.79 -17.06 1.67
CA TYR A 67 2.17 -18.43 1.33
C TYR A 67 1.91 -18.72 -0.15
N ARG A 68 0.68 -18.44 -0.59
CA ARG A 68 0.30 -18.66 -1.97
C ARG A 68 1.15 -17.81 -2.92
N ALA A 69 1.63 -16.68 -2.41
CA ALA A 69 2.45 -15.78 -3.21
C ALA A 69 3.69 -16.49 -3.75
N ASP A 70 4.62 -15.72 -4.29
CA ASP A 70 5.86 -16.29 -4.84
C ASP A 70 7.08 -15.61 -4.25
N ALA A 71 8.14 -16.39 -4.01
CA ALA A 71 9.37 -15.88 -3.44
C ALA A 71 9.85 -14.63 -4.19
N LYS A 72 9.52 -14.55 -5.47
CA LYS A 72 9.91 -13.41 -6.29
C LYS A 72 9.06 -12.19 -5.97
N GLU A 73 7.81 -12.42 -5.58
CA GLU A 73 6.89 -11.33 -5.25
C GLU A 73 7.15 -10.81 -3.84
N ILE A 74 7.55 -11.69 -2.93
CA ILE A 74 7.83 -11.32 -1.55
C ILE A 74 8.67 -10.04 -1.46
N PRO A 75 9.82 -10.00 -2.16
CA PRO A 75 10.70 -8.82 -2.14
C PRO A 75 10.07 -7.60 -2.81
N ARG A 76 8.95 -7.82 -3.51
CA ARG A 76 8.26 -6.72 -4.19
C ARG A 76 6.98 -6.32 -3.46
N ILE A 77 6.77 -6.88 -2.27
CA ILE A 77 5.58 -6.56 -1.49
C ILE A 77 5.94 -5.89 -0.17
N PHE A 78 5.33 -4.73 0.09
CA PHE A 78 5.60 -3.99 1.32
C PHE A 78 4.30 -3.71 2.07
N GLN A 79 4.40 -3.65 3.39
CA GLN A 79 3.23 -3.41 4.24
C GLN A 79 3.33 -2.06 4.94
N ILE A 80 2.19 -1.41 5.14
CA ILE A 80 2.14 -0.12 5.82
C ILE A 80 1.10 -0.12 6.93
N LEU A 81 1.55 0.00 8.17
CA LEU A 81 0.65 0.01 9.32
C LEU A 81 0.15 1.42 9.61
N TYR A 82 -1.14 1.53 9.92
CA TYR A 82 -1.74 2.82 10.23
C TYR A 82 -2.83 2.68 11.30
N ALA A 83 -2.92 3.67 12.17
CA ALA A 83 -3.92 3.66 13.24
C ALA A 83 -5.32 3.98 12.70
N ASN A 84 -6.23 3.04 12.86
CA ASN A 84 -7.60 3.22 12.39
C ASN A 84 -8.49 3.79 13.49
N GLU A 85 -8.36 3.23 14.70
CA GLU A 85 -9.14 3.68 15.84
C GLU A 85 -8.24 4.07 17.00
N GLY A 86 -7.22 3.25 17.25
CA GLY A 86 -6.29 3.52 18.33
C GLY A 86 -4.86 3.14 17.98
N ILE A 87 -4.43 1.98 18.46
CA ILE A 87 -3.08 1.50 18.20
C ILE A 87 -3.08 0.02 17.85
N SER A 88 -3.42 -0.82 18.82
CA SER A 88 -3.47 -2.26 18.62
C SER A 88 -4.39 -2.62 17.46
N SER A 89 -5.46 -1.85 17.30
CA SER A 89 -6.43 -2.09 16.23
C SER A 89 -5.88 -1.63 14.88
N ALA A 90 -4.86 -0.76 14.92
CA ALA A 90 -4.24 -0.25 13.69
C ALA A 90 -4.04 -1.35 12.66
N LYS A 91 -4.66 -1.19 11.49
CA LYS A 91 -4.54 -2.18 10.42
C LYS A 91 -3.32 -1.88 9.55
N ASN A 92 -3.14 -2.70 8.51
CA ASN A 92 -2.01 -2.53 7.60
C ASN A 92 -2.45 -2.62 6.15
N LEU A 93 -1.60 -2.15 5.24
CA LEU A 93 -1.92 -2.19 3.81
C LEU A 93 -0.81 -2.88 3.04
N LEU A 94 -1.14 -4.02 2.43
CA LEU A 94 -0.17 -4.78 1.65
C LEU A 94 -0.23 -4.36 0.19
N LEU A 95 0.90 -3.90 -0.34
CA LEU A 95 0.98 -3.46 -1.71
C LEU A 95 2.05 -4.21 -2.49
N LEU A 96 1.63 -5.01 -3.47
CA LEU A 96 2.55 -5.78 -4.29
C LEU A 96 3.02 -4.97 -5.48
N ALA A 97 4.30 -4.62 -5.49
CA ALA A 97 4.87 -3.84 -6.58
C ALA A 97 5.29 -4.74 -7.73
N ASN A 98 4.90 -4.36 -8.95
CA ASN A 98 5.24 -5.13 -10.14
C ASN A 98 6.74 -5.35 -10.25
N SER A 99 7.52 -4.47 -9.61
CA SER A 99 8.97 -4.58 -9.64
C SER A 99 9.55 -4.31 -8.26
N THR A 100 10.62 -5.03 -7.91
CA THR A 100 11.27 -4.86 -6.62
C THR A 100 11.65 -3.40 -6.39
N GLU A 101 12.22 -2.78 -7.41
CA GLU A 101 12.64 -1.38 -7.32
C GLU A 101 11.47 -0.49 -6.91
N GLU A 102 10.28 -0.82 -7.39
CA GLU A 102 9.08 -0.05 -7.08
C GLU A 102 8.79 -0.09 -5.59
N GLN A 103 9.03 -1.25 -4.97
CA GLN A 103 8.79 -1.41 -3.54
C GLN A 103 9.78 -0.60 -2.72
N GLN A 104 11.01 -0.50 -3.21
CA GLN A 104 12.05 0.25 -2.51
C GLN A 104 11.75 1.74 -2.52
N LYS A 105 11.24 2.24 -3.65
CA LYS A 105 10.91 3.65 -3.78
C LYS A 105 9.62 4.00 -3.05
N TRP A 106 8.59 3.19 -3.24
CA TRP A 106 7.31 3.44 -2.59
C TRP A 106 7.45 3.46 -1.07
N VAL A 107 8.08 2.42 -0.53
CA VAL A 107 8.28 2.32 0.92
C VAL A 107 9.19 3.43 1.43
N SER A 108 10.34 3.59 0.78
CA SER A 108 11.30 4.61 1.19
C SER A 108 10.72 6.02 1.05
N ARG A 109 9.89 6.22 0.03
CA ARG A 109 9.27 7.52 -0.20
C ARG A 109 8.14 7.78 0.78
N LEU A 110 7.19 6.86 0.85
CA LEU A 110 6.05 6.99 1.74
C LEU A 110 6.51 7.02 3.20
N VAL A 111 7.54 6.24 3.51
CA VAL A 111 8.06 6.18 4.87
C VAL A 111 8.79 7.46 5.22
N LYS A 112 9.61 7.95 4.28
CA LYS A 112 10.36 9.18 4.48
C LYS A 112 9.42 10.35 4.75
N LYS A 113 8.23 10.29 4.15
CA LYS A 113 7.23 11.33 4.32
C LYS A 113 6.67 11.33 5.75
N ILE A 114 6.76 10.17 6.41
CA ILE A 114 6.26 10.04 7.77
C ILE A 114 7.09 10.88 8.75
N PRO A 115 6.43 11.59 9.68
CA PRO A 115 7.12 12.42 10.67
C PRO A 115 7.79 11.59 11.76
N LYS A 116 7.09 10.56 12.22
CA LYS A 116 7.61 9.69 13.27
C LYS A 116 8.22 8.43 12.68
N LYS A 117 8.89 8.58 11.54
CA LYS A 117 9.52 7.45 10.87
C LYS A 117 10.56 6.78 11.77
N SER A 1 4.83 16.33 -8.75
CA SER A 1 4.18 15.03 -8.44
C SER A 1 4.81 14.37 -7.22
N ARG A 2 4.30 13.20 -6.86
CA ARG A 2 4.81 12.47 -5.71
C ARG A 2 4.60 10.96 -5.87
N LEU A 3 4.96 10.19 -4.85
CA LEU A 3 4.80 8.74 -4.88
C LEU A 3 3.42 8.36 -5.38
N GLU A 4 3.36 7.78 -6.57
CA GLU A 4 2.08 7.38 -7.16
C GLU A 4 2.27 6.29 -8.20
N GLY A 5 1.20 5.59 -8.51
CA GLY A 5 1.25 4.53 -9.49
C GLY A 5 0.21 3.47 -9.22
N TRP A 6 0.51 2.22 -9.57
CA TRP A 6 -0.41 1.13 -9.34
C TRP A 6 0.23 0.05 -8.47
N LEU A 7 -0.46 -0.29 -7.39
CA LEU A 7 0.01 -1.31 -6.49
C LEU A 7 -1.02 -2.42 -6.41
N SER A 8 -0.54 -3.63 -6.16
CA SER A 8 -1.43 -4.79 -6.10
C SER A 8 -1.84 -5.12 -4.68
N LEU A 9 -3.14 -5.34 -4.49
CA LEU A 9 -3.69 -5.66 -3.20
C LEU A 9 -4.37 -7.04 -3.25
N PRO A 10 -4.37 -7.78 -2.13
CA PRO A 10 -4.99 -9.11 -2.08
C PRO A 10 -6.49 -9.06 -2.34
N VAL A 11 -6.90 -9.59 -3.49
CA VAL A 11 -8.31 -9.61 -3.87
C VAL A 11 -8.82 -11.03 -4.03
N ARG A 12 -9.96 -11.32 -3.41
CA ARG A 12 -10.56 -12.65 -3.48
C ARG A 12 -10.79 -13.06 -4.92
N ASN A 13 -9.87 -13.86 -5.46
CA ASN A 13 -9.97 -14.33 -6.83
C ASN A 13 -11.19 -15.23 -7.02
N ASN A 14 -11.26 -16.29 -6.22
CA ASN A 14 -12.37 -17.23 -6.28
C ASN A 14 -13.33 -17.03 -5.10
N THR A 15 -12.77 -17.03 -3.90
CA THR A 15 -13.57 -16.86 -2.69
C THR A 15 -12.69 -16.89 -1.44
N LYS A 16 -11.83 -17.92 -1.35
CA LYS A 16 -10.95 -18.07 -0.21
C LYS A 16 -9.49 -17.89 -0.62
N LYS A 17 -9.26 -17.07 -1.64
CA LYS A 17 -7.91 -16.82 -2.12
C LYS A 17 -7.76 -15.38 -2.63
N PHE A 18 -6.87 -14.63 -2.00
CA PHE A 18 -6.62 -13.24 -2.39
C PHE A 18 -5.44 -13.13 -3.33
N GLY A 19 -5.70 -12.77 -4.58
CA GLY A 19 -4.64 -12.63 -5.56
C GLY A 19 -4.03 -11.24 -5.54
N TRP A 20 -4.12 -10.54 -6.66
CA TRP A 20 -3.58 -9.19 -6.75
C TRP A 20 -4.37 -8.34 -7.73
N VAL A 21 -4.38 -7.04 -7.49
CA VAL A 21 -5.08 -6.10 -8.35
C VAL A 21 -4.44 -4.72 -8.27
N LYS A 22 -3.92 -4.24 -9.40
CA LYS A 22 -3.26 -2.94 -9.44
C LYS A 22 -4.25 -1.81 -9.29
N LYS A 23 -4.20 -1.13 -8.15
CA LYS A 23 -5.05 0.01 -7.90
C LYS A 23 -4.19 1.25 -7.87
N TYR A 24 -4.75 2.40 -8.26
CA TYR A 24 -3.97 3.62 -8.29
C TYR A 24 -3.77 4.20 -6.90
N VAL A 25 -2.56 4.05 -6.39
CA VAL A 25 -2.20 4.57 -5.08
C VAL A 25 -1.31 5.79 -5.23
N ILE A 26 -1.63 6.84 -4.50
CA ILE A 26 -0.84 8.07 -4.57
C ILE A 26 -0.62 8.65 -3.17
N VAL A 27 0.64 8.66 -2.75
CA VAL A 27 1.01 9.19 -1.44
C VAL A 27 1.29 10.69 -1.52
N SER A 28 0.35 11.49 -1.05
CA SER A 28 0.49 12.94 -1.08
C SER A 28 1.53 13.41 -0.07
N SER A 29 1.84 14.70 -0.11
CA SER A 29 2.83 15.29 0.79
C SER A 29 2.66 14.80 2.23
N LYS A 30 1.41 14.71 2.68
CA LYS A 30 1.14 14.26 4.04
C LYS A 30 -0.20 13.53 4.11
N LYS A 31 -0.48 12.70 3.12
CA LYS A 31 -1.72 11.94 3.08
C LYS A 31 -1.72 10.94 1.94
N ILE A 32 -2.10 9.70 2.25
CA ILE A 32 -2.14 8.64 1.24
C ILE A 32 -3.54 8.54 0.62
N LEU A 33 -3.59 8.56 -0.71
CA LEU A 33 -4.86 8.48 -1.42
C LEU A 33 -4.96 7.19 -2.23
N PHE A 34 -6.12 6.55 -2.17
CA PHE A 34 -6.34 5.31 -2.90
C PHE A 34 -7.50 5.47 -3.89
N TYR A 35 -7.21 5.21 -5.16
CA TYR A 35 -8.22 5.32 -6.21
C TYR A 35 -8.33 4.02 -6.99
N ASP A 36 -9.31 3.96 -7.89
CA ASP A 36 -9.52 2.77 -8.71
C ASP A 36 -9.12 3.04 -10.17
N SER A 37 -9.17 4.31 -10.56
CA SER A 37 -8.82 4.69 -11.92
C SER A 37 -8.55 6.19 -12.02
N GLU A 38 -8.26 6.67 -13.22
CA GLU A 38 -7.98 8.08 -13.45
C GLU A 38 -9.26 8.91 -13.36
N GLN A 39 -10.38 8.29 -13.74
CA GLN A 39 -11.66 8.97 -13.71
C GLN A 39 -12.07 9.31 -12.28
N ASP A 40 -11.88 8.37 -11.37
CA ASP A 40 -12.21 8.57 -9.97
C ASP A 40 -11.30 9.60 -9.33
N LYS A 41 -10.06 9.68 -9.82
CA LYS A 41 -9.08 10.63 -9.29
C LYS A 41 -9.46 12.06 -9.69
N GLU A 42 -9.71 12.27 -10.98
CA GLU A 42 -10.07 13.58 -11.48
C GLU A 42 -11.39 14.05 -10.90
N GLN A 43 -12.26 13.10 -10.55
CA GLN A 43 -13.56 13.42 -9.98
C GLN A 43 -13.44 13.77 -8.49
N SER A 44 -12.23 13.67 -7.95
CA SER A 44 -12.00 13.96 -6.54
C SER A 44 -12.75 12.99 -5.64
N ASN A 45 -12.92 11.77 -6.12
CA ASN A 45 -13.63 10.75 -5.35
C ASN A 45 -12.68 9.59 -4.99
N PRO A 46 -11.84 9.79 -3.96
CA PRO A 46 -10.89 8.77 -3.52
C PRO A 46 -11.58 7.59 -2.83
N TYR A 47 -11.20 6.38 -3.24
CA TYR A 47 -11.79 5.17 -2.66
C TYR A 47 -11.46 5.07 -1.17
N MET A 48 -10.21 5.37 -0.83
CA MET A 48 -9.77 5.32 0.55
C MET A 48 -8.49 6.13 0.75
N VAL A 49 -8.56 7.16 1.58
CA VAL A 49 -7.42 8.02 1.85
C VAL A 49 -6.92 7.85 3.28
N LEU A 50 -5.65 7.45 3.42
CA LEU A 50 -5.05 7.25 4.73
C LEU A 50 -4.19 8.45 5.12
N ASP A 51 -4.00 8.64 6.42
CA ASP A 51 -3.20 9.76 6.92
C ASP A 51 -1.75 9.34 7.13
N ILE A 52 -0.84 9.95 6.37
CA ILE A 52 0.58 9.63 6.47
C ILE A 52 1.07 9.84 7.90
N ASP A 53 0.47 10.80 8.60
CA ASP A 53 0.84 11.10 9.98
C ASP A 53 0.36 10.00 10.93
N LYS A 54 -0.70 9.31 10.53
CA LYS A 54 -1.26 8.24 11.35
C LYS A 54 -0.43 6.96 11.25
N LEU A 55 0.38 6.87 10.20
CA LEU A 55 1.21 5.70 9.98
C LEU A 55 2.07 5.41 11.21
N PHE A 56 2.40 4.14 11.41
CA PHE A 56 3.21 3.71 12.55
C PHE A 56 4.56 3.18 12.08
N HIS A 57 4.54 2.39 11.01
CA HIS A 57 5.76 1.81 10.46
C HIS A 57 5.47 1.03 9.18
N VAL A 58 6.13 1.43 8.10
CA VAL A 58 5.96 0.77 6.81
C VAL A 58 7.27 0.10 6.39
N ARG A 59 7.25 -1.23 6.33
CA ARG A 59 8.43 -1.99 5.94
C ARG A 59 8.07 -3.12 4.99
N PRO A 60 9.02 -3.57 4.16
CA PRO A 60 8.80 -4.66 3.20
C PRO A 60 8.37 -5.95 3.89
N VAL A 61 7.58 -6.75 3.19
CA VAL A 61 7.10 -8.02 3.75
C VAL A 61 8.03 -9.17 3.34
N THR A 62 7.83 -10.32 3.98
CA THR A 62 8.64 -11.50 3.68
C THR A 62 7.76 -12.68 3.30
N GLN A 63 8.37 -13.86 3.15
CA GLN A 63 7.65 -15.06 2.78
C GLN A 63 6.62 -15.44 3.86
N THR A 64 6.79 -14.88 5.05
CA THR A 64 5.87 -15.17 6.16
C THR A 64 4.56 -14.41 5.99
N ASP A 65 4.60 -13.29 5.27
CA ASP A 65 3.41 -12.48 5.04
C ASP A 65 2.41 -13.21 4.17
N VAL A 66 2.91 -14.07 3.29
CA VAL A 66 2.05 -14.84 2.39
C VAL A 66 2.46 -16.29 2.35
N TYR A 67 1.78 -17.08 1.52
CA TYR A 67 2.08 -18.50 1.39
C TYR A 67 1.86 -18.98 -0.05
N ARG A 68 0.70 -18.65 -0.61
CA ARG A 68 0.38 -19.04 -1.97
C ARG A 68 1.17 -18.21 -2.97
N ALA A 69 1.58 -17.01 -2.56
CA ALA A 69 2.36 -16.12 -3.42
C ALA A 69 3.64 -16.78 -3.90
N ASP A 70 4.45 -16.02 -4.63
CA ASP A 70 5.72 -16.54 -5.15
C ASP A 70 6.90 -15.79 -4.54
N ALA A 71 7.94 -16.54 -4.20
CA ALA A 71 9.15 -15.96 -3.60
C ALA A 71 9.65 -14.75 -4.40
N LYS A 72 9.33 -14.71 -5.69
CA LYS A 72 9.75 -13.62 -6.55
C LYS A 72 9.02 -12.33 -6.21
N GLU A 73 7.72 -12.43 -5.94
CA GLU A 73 6.91 -11.26 -5.61
C GLU A 73 7.10 -10.82 -4.17
N ILE A 74 7.44 -11.78 -3.29
CA ILE A 74 7.64 -11.48 -1.88
C ILE A 74 8.50 -10.22 -1.68
N PRO A 75 9.67 -10.14 -2.34
CA PRO A 75 10.56 -8.98 -2.21
C PRO A 75 9.98 -7.73 -2.85
N ARG A 76 8.88 -7.89 -3.59
CA ARG A 76 8.24 -6.75 -4.25
C ARG A 76 6.98 -6.30 -3.49
N ILE A 77 6.71 -6.94 -2.35
CA ILE A 77 5.54 -6.60 -1.55
C ILE A 77 5.94 -5.97 -0.22
N PHE A 78 5.28 -4.87 0.13
CA PHE A 78 5.56 -4.18 1.38
C PHE A 78 4.30 -4.01 2.21
N GLN A 79 4.46 -3.70 3.48
CA GLN A 79 3.34 -3.51 4.39
C GLN A 79 3.40 -2.16 5.09
N ILE A 80 2.24 -1.50 5.21
CA ILE A 80 2.16 -0.20 5.85
C ILE A 80 1.18 -0.22 7.02
N LEU A 81 1.68 -0.01 8.23
CA LEU A 81 0.85 0.00 9.42
C LEU A 81 0.30 1.39 9.69
N TYR A 82 -0.98 1.44 10.09
CA TYR A 82 -1.63 2.72 10.38
C TYR A 82 -2.72 2.54 11.43
N ALA A 83 -2.89 3.56 12.26
CA ALA A 83 -3.90 3.51 13.31
C ALA A 83 -5.30 3.61 12.74
N ASN A 84 -6.13 2.61 13.02
CA ASN A 84 -7.50 2.58 12.52
C ASN A 84 -8.47 3.05 13.59
N GLU A 85 -8.26 2.58 14.82
CA GLU A 85 -9.11 2.95 15.94
C GLU A 85 -8.29 3.57 17.06
N GLY A 86 -7.13 2.99 17.32
CA GLY A 86 -6.26 3.51 18.37
C GLY A 86 -4.79 3.30 18.06
N ILE A 87 -4.21 2.25 18.63
CA ILE A 87 -2.80 1.94 18.41
C ILE A 87 -2.59 0.45 18.19
N SER A 88 -2.86 -0.34 19.22
CA SER A 88 -2.69 -1.79 19.14
C SER A 88 -3.57 -2.38 18.04
N SER A 89 -4.72 -1.75 17.80
CA SER A 89 -5.64 -2.23 16.78
C SER A 89 -5.19 -1.81 15.38
N ALA A 90 -4.31 -0.81 15.32
CA ALA A 90 -3.79 -0.30 14.05
C ALA A 90 -3.55 -1.43 13.04
N LYS A 91 -4.26 -1.38 11.92
CA LYS A 91 -4.13 -2.39 10.87
C LYS A 91 -2.98 -2.05 9.92
N ASN A 92 -2.81 -2.89 8.91
CA ASN A 92 -1.74 -2.68 7.92
C ASN A 92 -2.28 -2.84 6.50
N LEU A 93 -1.51 -2.35 5.53
CA LEU A 93 -1.90 -2.44 4.13
C LEU A 93 -0.84 -3.16 3.31
N LEU A 94 -1.26 -4.16 2.54
CA LEU A 94 -0.34 -4.93 1.71
C LEU A 94 -0.39 -4.46 0.26
N LEU A 95 0.76 -4.05 -0.26
CA LEU A 95 0.84 -3.55 -1.63
C LEU A 95 1.97 -4.23 -2.40
N LEU A 96 1.61 -4.94 -3.47
CA LEU A 96 2.59 -5.62 -4.30
C LEU A 96 3.08 -4.71 -5.41
N ALA A 97 4.39 -4.64 -5.59
CA ALA A 97 4.99 -3.80 -6.62
C ALA A 97 5.38 -4.62 -7.84
N ASN A 98 5.10 -4.09 -9.02
CA ASN A 98 5.43 -4.78 -10.27
C ASN A 98 6.91 -5.12 -10.32
N SER A 99 7.72 -4.30 -9.64
CA SER A 99 9.16 -4.51 -9.61
C SER A 99 9.71 -4.28 -8.21
N THR A 100 10.77 -5.01 -7.86
CA THR A 100 11.39 -4.89 -6.55
C THR A 100 11.77 -3.44 -6.26
N GLU A 101 12.42 -2.81 -7.23
CA GLU A 101 12.84 -1.42 -7.09
C GLU A 101 11.68 -0.53 -6.68
N GLU A 102 10.48 -0.85 -7.18
CA GLU A 102 9.29 -0.08 -6.87
C GLU A 102 8.98 -0.14 -5.37
N GLN A 103 9.17 -1.32 -4.79
CA GLN A 103 8.90 -1.52 -3.38
C GLN A 103 9.87 -0.70 -2.52
N GLN A 104 11.13 -0.63 -2.96
CA GLN A 104 12.14 0.13 -2.23
C GLN A 104 11.83 1.62 -2.27
N LYS A 105 11.31 2.07 -3.40
CA LYS A 105 10.97 3.48 -3.58
C LYS A 105 9.68 3.83 -2.86
N TRP A 106 8.64 3.03 -3.07
CA TRP A 106 7.35 3.25 -2.44
C TRP A 106 7.48 3.31 -0.92
N VAL A 107 8.10 2.30 -0.35
CA VAL A 107 8.29 2.21 1.09
C VAL A 107 9.20 3.32 1.61
N SER A 108 10.37 3.46 1.00
CA SER A 108 11.34 4.47 1.41
C SER A 108 10.78 5.88 1.24
N ARG A 109 10.00 6.09 0.19
CA ARG A 109 9.42 7.40 -0.07
C ARG A 109 8.26 7.70 0.87
N LEU A 110 7.28 6.79 0.91
CA LEU A 110 6.12 6.97 1.76
C LEU A 110 6.51 7.06 3.24
N VAL A 111 7.51 6.26 3.63
CA VAL A 111 7.97 6.25 5.02
C VAL A 111 8.71 7.54 5.34
N LYS A 112 9.54 8.00 4.41
CA LYS A 112 10.30 9.22 4.59
C LYS A 112 9.38 10.43 4.71
N LYS A 113 8.20 10.32 4.09
CA LYS A 113 7.22 11.41 4.13
C LYS A 113 6.51 11.47 5.48
N ILE A 114 6.51 10.34 6.19
CA ILE A 114 5.86 10.27 7.50
C ILE A 114 6.46 11.28 8.47
N PRO A 115 5.62 12.04 9.19
CA PRO A 115 6.09 13.05 10.15
C PRO A 115 6.59 12.42 11.44
N LYS A 116 5.85 11.44 11.95
CA LYS A 116 6.21 10.76 13.19
C LYS A 116 6.76 9.37 12.90
N LYS A 117 7.66 9.28 11.92
CA LYS A 117 8.26 8.01 11.55
C LYS A 117 9.01 7.40 12.72
N SER A 1 4.42 16.54 -8.90
CA SER A 1 3.70 15.32 -8.44
C SER A 1 4.41 14.66 -7.26
N ARG A 2 4.00 13.44 -6.94
CA ARG A 2 4.60 12.70 -5.83
C ARG A 2 4.38 11.20 -6.00
N LEU A 3 4.78 10.43 -4.99
CA LEU A 3 4.63 8.97 -5.02
C LEU A 3 3.23 8.58 -5.51
N GLU A 4 3.17 8.00 -6.69
CA GLU A 4 1.89 7.58 -7.25
C GLU A 4 2.07 6.44 -8.26
N GLY A 5 0.98 5.75 -8.54
CA GLY A 5 1.03 4.65 -9.49
C GLY A 5 0.00 3.59 -9.17
N TRP A 6 0.27 2.35 -9.59
CA TRP A 6 -0.66 1.26 -9.33
C TRP A 6 0.01 0.19 -8.49
N LEU A 7 -0.61 -0.12 -7.35
CA LEU A 7 -0.09 -1.14 -6.47
C LEU A 7 -1.14 -2.23 -6.30
N SER A 8 -0.67 -3.45 -6.13
CA SER A 8 -1.59 -4.58 -6.00
C SER A 8 -1.97 -4.85 -4.55
N LEU A 9 -3.22 -5.26 -4.36
CA LEU A 9 -3.74 -5.56 -3.03
C LEU A 9 -4.37 -6.94 -3.02
N PRO A 10 -4.44 -7.58 -1.84
CA PRO A 10 -5.02 -8.93 -1.72
C PRO A 10 -6.50 -8.95 -2.08
N VAL A 11 -6.79 -9.35 -3.32
CA VAL A 11 -8.16 -9.44 -3.81
C VAL A 11 -8.80 -10.77 -3.41
N ARG A 12 -10.08 -10.92 -3.70
CA ARG A 12 -10.79 -12.15 -3.38
C ARG A 12 -11.47 -12.73 -4.61
N ASN A 13 -10.74 -13.57 -5.33
CA ASN A 13 -11.24 -14.21 -6.54
C ASN A 13 -12.67 -14.72 -6.36
N ASN A 14 -12.82 -15.87 -5.71
CA ASN A 14 -14.13 -16.46 -5.47
C ASN A 14 -14.41 -16.62 -3.99
N THR A 15 -14.26 -15.54 -3.24
CA THR A 15 -14.51 -15.55 -1.79
C THR A 15 -13.75 -16.69 -1.11
N LYS A 16 -12.66 -17.12 -1.72
CA LYS A 16 -11.85 -18.20 -1.16
C LYS A 16 -10.37 -17.87 -1.28
N LYS A 17 -9.88 -17.79 -2.51
CA LYS A 17 -8.47 -17.47 -2.75
C LYS A 17 -8.28 -15.95 -2.81
N PHE A 18 -7.06 -15.52 -3.05
CA PHE A 18 -6.76 -14.10 -3.12
C PHE A 18 -5.64 -13.81 -4.11
N GLY A 19 -5.96 -13.01 -5.12
CA GLY A 19 -4.97 -12.67 -6.14
C GLY A 19 -4.39 -11.28 -5.92
N TRP A 20 -4.22 -10.53 -7.00
CA TRP A 20 -3.67 -9.18 -6.92
C TRP A 20 -4.38 -8.24 -7.89
N VAL A 21 -4.63 -7.03 -7.42
CA VAL A 21 -5.29 -6.01 -8.24
C VAL A 21 -4.63 -4.66 -8.03
N LYS A 22 -3.94 -4.15 -9.05
CA LYS A 22 -3.26 -2.87 -8.92
C LYS A 22 -4.23 -1.71 -8.92
N LYS A 23 -4.37 -1.07 -7.76
CA LYS A 23 -5.25 0.10 -7.64
C LYS A 23 -4.40 1.36 -7.63
N TYR A 24 -4.89 2.40 -8.27
CA TYR A 24 -4.14 3.66 -8.34
C TYR A 24 -3.93 4.26 -6.96
N VAL A 25 -2.70 4.13 -6.46
CA VAL A 25 -2.33 4.67 -5.16
C VAL A 25 -1.46 5.90 -5.33
N ILE A 26 -1.74 6.95 -4.57
CA ILE A 26 -0.96 8.18 -4.66
C ILE A 26 -0.74 8.77 -3.28
N VAL A 27 0.52 8.79 -2.84
CA VAL A 27 0.87 9.33 -1.54
C VAL A 27 1.09 10.84 -1.62
N SER A 28 0.12 11.60 -1.13
CA SER A 28 0.21 13.06 -1.15
C SER A 28 0.80 13.58 0.15
N SER A 29 1.15 14.86 0.15
CA SER A 29 1.74 15.49 1.33
C SER A 29 0.91 15.19 2.58
N LYS A 30 1.55 14.59 3.59
CA LYS A 30 0.89 14.24 4.85
C LYS A 30 -0.51 13.66 4.61
N LYS A 31 -0.66 12.87 3.54
CA LYS A 31 -1.94 12.26 3.23
C LYS A 31 -1.79 11.25 2.09
N ILE A 32 -2.36 10.06 2.30
CA ILE A 32 -2.30 9.01 1.29
C ILE A 32 -3.65 8.86 0.60
N LEU A 33 -3.64 8.89 -0.73
CA LEU A 33 -4.87 8.77 -1.51
C LEU A 33 -4.94 7.42 -2.22
N PHE A 34 -6.14 6.86 -2.27
CA PHE A 34 -6.35 5.57 -2.92
C PHE A 34 -7.52 5.65 -3.90
N TYR A 35 -7.27 5.24 -5.13
CA TYR A 35 -8.30 5.26 -6.17
C TYR A 35 -8.40 3.91 -6.87
N ASP A 36 -9.35 3.81 -7.78
CA ASP A 36 -9.56 2.57 -8.53
C ASP A 36 -9.15 2.74 -9.99
N SER A 37 -9.21 3.98 -10.47
CA SER A 37 -8.84 4.28 -11.86
C SER A 37 -8.39 5.73 -11.99
N GLU A 38 -7.61 6.00 -13.03
CA GLU A 38 -7.11 7.36 -13.28
C GLU A 38 -8.27 8.32 -13.50
N GLN A 39 -9.26 7.88 -14.26
CA GLN A 39 -10.43 8.71 -14.55
C GLN A 39 -11.14 9.12 -13.27
N ASP A 40 -11.31 8.16 -12.36
CA ASP A 40 -11.97 8.41 -11.09
C ASP A 40 -11.19 9.44 -10.26
N LYS A 41 -9.88 9.47 -10.46
CA LYS A 41 -9.02 10.40 -9.74
C LYS A 41 -9.27 11.83 -10.20
N GLU A 42 -9.27 12.03 -11.52
CA GLU A 42 -9.50 13.34 -12.10
C GLU A 42 -10.84 13.92 -11.65
N GLN A 43 -11.78 13.03 -11.33
CA GLN A 43 -13.11 13.46 -10.89
C GLN A 43 -13.12 13.79 -9.39
N SER A 44 -11.96 13.71 -8.74
CA SER A 44 -11.85 14.01 -7.33
C SER A 44 -12.70 13.04 -6.50
N ASN A 45 -12.64 11.76 -6.86
CA ASN A 45 -13.40 10.74 -6.15
C ASN A 45 -12.47 9.70 -5.54
N PRO A 46 -11.87 10.01 -4.37
CA PRO A 46 -10.94 9.09 -3.69
C PRO A 46 -11.68 7.92 -3.04
N TYR A 47 -11.24 6.71 -3.39
CA TYR A 47 -11.85 5.50 -2.83
C TYR A 47 -11.57 5.38 -1.34
N MET A 48 -10.35 5.75 -0.95
CA MET A 48 -9.94 5.68 0.45
C MET A 48 -8.63 6.44 0.67
N VAL A 49 -8.51 7.09 1.82
CA VAL A 49 -7.32 7.86 2.15
C VAL A 49 -6.75 7.43 3.49
N LEU A 50 -5.43 7.43 3.59
CA LEU A 50 -4.75 7.05 4.83
C LEU A 50 -3.86 8.19 5.33
N ASP A 51 -3.90 8.41 6.64
CA ASP A 51 -3.09 9.47 7.25
C ASP A 51 -1.65 9.03 7.43
N ILE A 52 -0.74 9.70 6.73
CA ILE A 52 0.68 9.38 6.81
C ILE A 52 1.19 9.48 8.25
N ASP A 53 0.70 10.49 8.96
CA ASP A 53 1.11 10.70 10.35
C ASP A 53 0.65 9.55 11.23
N LYS A 54 -0.47 8.93 10.87
CA LYS A 54 -1.02 7.81 11.62
C LYS A 54 -0.15 6.57 11.46
N LEU A 55 0.61 6.52 10.37
CA LEU A 55 1.48 5.39 10.09
C LEU A 55 2.42 5.12 11.26
N PHE A 56 2.60 3.84 11.59
CA PHE A 56 3.47 3.46 12.69
C PHE A 56 4.81 2.95 12.17
N HIS A 57 4.79 2.35 10.99
CA HIS A 57 6.00 1.81 10.37
C HIS A 57 5.72 1.24 9.00
N VAL A 58 6.66 1.46 8.07
CA VAL A 58 6.52 0.95 6.71
C VAL A 58 7.75 0.16 6.30
N ARG A 59 7.58 -1.15 6.11
CA ARG A 59 8.69 -2.01 5.73
C ARG A 59 8.22 -3.15 4.83
N PRO A 60 9.14 -3.79 4.09
CA PRO A 60 8.82 -4.91 3.20
C PRO A 60 8.30 -6.12 3.96
N VAL A 61 7.72 -7.07 3.23
CA VAL A 61 7.19 -8.29 3.83
C VAL A 61 8.10 -9.47 3.56
N THR A 62 7.76 -10.63 4.11
CA THR A 62 8.54 -11.84 3.92
C THR A 62 7.64 -13.00 3.51
N GLN A 63 8.26 -14.18 3.34
CA GLN A 63 7.52 -15.37 2.95
C GLN A 63 6.41 -15.70 3.95
N THR A 64 6.55 -15.19 5.18
CA THR A 64 5.57 -15.43 6.22
C THR A 64 4.29 -14.65 5.97
N ASP A 65 4.41 -13.55 5.22
CA ASP A 65 3.25 -12.70 4.92
C ASP A 65 2.25 -13.46 4.05
N VAL A 66 2.75 -14.30 3.16
CA VAL A 66 1.88 -15.08 2.27
C VAL A 66 2.51 -16.43 1.93
N TYR A 67 1.64 -17.41 1.66
CA TYR A 67 2.10 -18.75 1.33
C TYR A 67 1.90 -19.03 -0.16
N ARG A 68 0.70 -18.76 -0.65
CA ARG A 68 0.38 -18.98 -2.06
C ARG A 68 1.20 -18.06 -2.96
N ALA A 69 1.61 -16.92 -2.41
CA ALA A 69 2.40 -15.96 -3.17
C ALA A 69 3.65 -16.60 -3.75
N ASP A 70 4.48 -15.79 -4.41
CA ASP A 70 5.70 -16.29 -5.02
C ASP A 70 6.93 -15.62 -4.39
N ALA A 71 7.98 -16.39 -4.18
CA ALA A 71 9.21 -15.88 -3.58
C ALA A 71 9.68 -14.61 -4.28
N LYS A 72 9.32 -14.47 -5.56
CA LYS A 72 9.71 -13.30 -6.34
C LYS A 72 8.84 -12.10 -6.00
N GLU A 73 7.59 -12.37 -5.63
CA GLU A 73 6.64 -11.31 -5.29
C GLU A 73 6.88 -10.81 -3.86
N ILE A 74 7.27 -11.71 -2.97
CA ILE A 74 7.52 -11.35 -1.58
C ILE A 74 8.37 -10.09 -1.46
N PRO A 75 9.55 -10.05 -2.13
CA PRO A 75 10.44 -8.89 -2.09
C PRO A 75 9.84 -7.66 -2.77
N ARG A 76 8.78 -7.87 -3.54
CA ARG A 76 8.13 -6.78 -4.25
C ARG A 76 6.86 -6.32 -3.53
N ILE A 77 6.65 -6.83 -2.32
CA ILE A 77 5.48 -6.47 -1.52
C ILE A 77 5.89 -5.82 -0.22
N PHE A 78 5.29 -4.66 0.08
CA PHE A 78 5.60 -3.93 1.31
C PHE A 78 4.35 -3.72 2.14
N GLN A 79 4.52 -3.67 3.46
CA GLN A 79 3.40 -3.48 4.37
C GLN A 79 3.51 -2.14 5.11
N ILE A 80 2.37 -1.47 5.27
CA ILE A 80 2.33 -0.18 5.96
C ILE A 80 1.34 -0.22 7.13
N LEU A 81 1.86 -0.07 8.34
CA LEU A 81 1.00 -0.09 9.53
C LEU A 81 0.47 1.31 9.82
N TYR A 82 -0.76 1.36 10.34
CA TYR A 82 -1.39 2.63 10.68
C TYR A 82 -2.47 2.42 11.73
N ALA A 83 -2.64 3.41 12.60
CA ALA A 83 -3.64 3.34 13.66
C ALA A 83 -5.05 3.49 13.08
N ASN A 84 -5.91 2.52 13.38
CA ASN A 84 -7.29 2.55 12.89
C ASN A 84 -8.24 2.95 14.01
N GLU A 85 -8.04 2.37 15.19
CA GLU A 85 -8.89 2.67 16.34
C GLU A 85 -8.06 3.23 17.48
N GLY A 86 -6.87 2.68 17.67
CA GLY A 86 -5.99 3.13 18.73
C GLY A 86 -4.52 2.93 18.40
N ILE A 87 -3.95 1.84 18.90
CA ILE A 87 -2.55 1.53 18.66
C ILE A 87 -2.36 0.06 18.33
N SER A 88 -2.60 -0.79 19.33
CA SER A 88 -2.46 -2.24 19.14
C SER A 88 -3.38 -2.75 18.04
N SER A 89 -4.53 -2.11 17.89
CA SER A 89 -5.50 -2.50 16.86
C SER A 89 -5.05 -2.04 15.48
N ALA A 90 -4.15 -1.05 15.43
CA ALA A 90 -3.64 -0.51 14.18
C ALA A 90 -3.42 -1.61 13.13
N LYS A 91 -4.10 -1.48 12.00
CA LYS A 91 -3.99 -2.44 10.91
C LYS A 91 -2.88 -2.04 9.95
N ASN A 92 -2.71 -2.83 8.89
CA ASN A 92 -1.68 -2.55 7.89
C ASN A 92 -2.23 -2.71 6.48
N LEU A 93 -1.46 -2.24 5.50
CA LEU A 93 -1.85 -2.34 4.10
C LEU A 93 -0.75 -2.98 3.27
N LEU A 94 -1.07 -4.09 2.61
CA LEU A 94 -0.11 -4.79 1.78
C LEU A 94 -0.22 -4.35 0.32
N LEU A 95 0.88 -3.84 -0.23
CA LEU A 95 0.90 -3.39 -1.61
C LEU A 95 1.95 -4.12 -2.42
N LEU A 96 1.49 -4.89 -3.42
CA LEU A 96 2.39 -5.65 -4.28
C LEU A 96 2.83 -4.81 -5.46
N ALA A 97 4.13 -4.60 -5.59
CA ALA A 97 4.69 -3.81 -6.68
C ALA A 97 5.13 -4.72 -7.84
N ASN A 98 4.79 -4.31 -9.06
CA ASN A 98 5.14 -5.08 -10.25
C ASN A 98 6.65 -5.34 -10.29
N SER A 99 7.41 -4.48 -9.64
CA SER A 99 8.87 -4.63 -9.61
C SER A 99 9.41 -4.36 -8.21
N THR A 100 10.47 -5.08 -7.84
CA THR A 100 11.08 -4.91 -6.52
C THR A 100 11.51 -3.46 -6.31
N GLU A 101 12.14 -2.88 -7.32
CA GLU A 101 12.61 -1.50 -7.25
C GLU A 101 11.48 -0.56 -6.82
N GLU A 102 10.27 -0.83 -7.30
CA GLU A 102 9.11 -0.01 -6.98
C GLU A 102 8.84 -0.04 -5.48
N GLN A 103 8.92 -1.23 -4.89
CA GLN A 103 8.68 -1.39 -3.46
C GLN A 103 9.69 -0.58 -2.64
N GLN A 104 10.92 -0.50 -3.14
CA GLN A 104 11.97 0.23 -2.46
C GLN A 104 11.68 1.74 -2.47
N LYS A 105 11.22 2.23 -3.61
CA LYS A 105 10.90 3.64 -3.77
C LYS A 105 9.63 4.01 -3.01
N TRP A 106 8.57 3.23 -3.23
CA TRP A 106 7.30 3.48 -2.59
C TRP A 106 7.44 3.53 -1.07
N VAL A 107 8.07 2.49 -0.51
CA VAL A 107 8.26 2.41 0.93
C VAL A 107 9.16 3.52 1.45
N SER A 108 10.29 3.74 0.79
CA SER A 108 11.24 4.76 1.21
C SER A 108 10.65 6.17 1.07
N ARG A 109 9.85 6.38 0.03
CA ARG A 109 9.24 7.69 -0.21
C ARG A 109 8.08 7.94 0.76
N LEU A 110 7.13 7.01 0.81
CA LEU A 110 5.98 7.14 1.69
C LEU A 110 6.40 7.23 3.15
N VAL A 111 7.42 6.46 3.52
CA VAL A 111 7.91 6.46 4.89
C VAL A 111 8.64 7.77 5.21
N LYS A 112 9.47 8.21 4.27
CA LYS A 112 10.22 9.45 4.44
C LYS A 112 9.27 10.64 4.62
N LYS A 113 8.08 10.53 4.03
CA LYS A 113 7.08 11.59 4.12
C LYS A 113 6.44 11.62 5.51
N ILE A 114 6.51 10.49 6.21
CA ILE A 114 5.94 10.39 7.55
C ILE A 114 6.55 11.43 8.49
N PRO A 115 5.70 12.15 9.25
CA PRO A 115 6.16 13.17 10.20
C PRO A 115 6.78 12.58 11.46
N LYS A 116 6.16 11.49 11.94
CA LYS A 116 6.65 10.83 13.14
C LYS A 116 7.65 9.73 12.79
N LYS A 117 8.65 10.09 12.00
CA LYS A 117 9.67 9.14 11.59
C LYS A 117 10.53 8.70 12.78
N SER A 1 4.60 16.30 -9.26
CA SER A 1 3.91 15.06 -8.82
C SER A 1 4.56 14.47 -7.58
N ARG A 2 4.19 13.23 -7.25
CA ARG A 2 4.74 12.56 -6.08
C ARG A 2 4.53 11.05 -6.17
N LEU A 3 4.85 10.34 -5.09
CA LEU A 3 4.69 8.89 -5.05
C LEU A 3 3.31 8.49 -5.55
N GLU A 4 3.27 7.88 -6.73
CA GLU A 4 2.00 7.46 -7.32
C GLU A 4 2.19 6.33 -8.31
N GLY A 5 1.13 5.59 -8.58
CA GLY A 5 1.18 4.48 -9.51
C GLY A 5 0.14 3.43 -9.20
N TRP A 6 0.44 2.18 -9.52
CA TRP A 6 -0.48 1.09 -9.26
C TRP A 6 0.15 0.05 -8.37
N LEU A 7 -0.53 -0.25 -7.27
CA LEU A 7 -0.04 -1.24 -6.34
C LEU A 7 -1.07 -2.35 -6.20
N SER A 8 -0.60 -3.55 -5.92
CA SER A 8 -1.48 -4.70 -5.81
C SER A 8 -1.87 -4.99 -4.37
N LEU A 9 -3.16 -5.18 -4.15
CA LEU A 9 -3.70 -5.47 -2.83
C LEU A 9 -4.38 -6.83 -2.82
N PRO A 10 -4.38 -7.51 -1.66
CA PRO A 10 -5.00 -8.84 -1.52
C PRO A 10 -6.52 -8.78 -1.70
N VAL A 11 -7.00 -9.31 -2.83
CA VAL A 11 -8.42 -9.32 -3.13
C VAL A 11 -8.99 -10.74 -3.08
N ARG A 12 -9.89 -10.99 -2.13
CA ARG A 12 -10.50 -12.30 -2.00
C ARG A 12 -11.40 -12.61 -3.18
N ASN A 13 -10.93 -13.49 -4.06
CA ASN A 13 -11.70 -13.87 -5.24
C ASN A 13 -12.92 -14.69 -4.86
N ASN A 14 -12.69 -15.79 -4.15
CA ASN A 14 -13.78 -16.66 -3.73
C ASN A 14 -14.07 -16.50 -2.23
N THR A 15 -13.81 -15.30 -1.72
CA THR A 15 -14.04 -15.00 -0.31
C THR A 15 -13.22 -15.92 0.59
N LYS A 16 -12.02 -16.26 0.16
CA LYS A 16 -11.14 -17.13 0.93
C LYS A 16 -9.67 -16.86 0.61
N LYS A 17 -9.36 -16.79 -0.68
CA LYS A 17 -7.98 -16.55 -1.12
C LYS A 17 -7.87 -15.16 -1.76
N PHE A 18 -6.92 -14.38 -1.25
CA PHE A 18 -6.70 -13.02 -1.77
C PHE A 18 -5.54 -12.99 -2.74
N GLY A 19 -5.80 -12.54 -3.96
CA GLY A 19 -4.76 -12.46 -4.97
C GLY A 19 -4.12 -11.08 -5.01
N TRP A 20 -4.21 -10.42 -6.15
CA TRP A 20 -3.64 -9.09 -6.30
C TRP A 20 -4.43 -8.25 -7.29
N VAL A 21 -4.47 -6.95 -7.05
CA VAL A 21 -5.19 -6.02 -7.92
C VAL A 21 -4.52 -4.64 -7.90
N LYS A 22 -4.04 -4.20 -9.05
CA LYS A 22 -3.38 -2.91 -9.14
C LYS A 22 -4.37 -1.77 -9.00
N LYS A 23 -4.28 -1.07 -7.88
CA LYS A 23 -5.13 0.07 -7.63
C LYS A 23 -4.28 1.33 -7.67
N TYR A 24 -4.81 2.40 -8.22
CA TYR A 24 -4.05 3.63 -8.33
C TYR A 24 -3.84 4.28 -6.97
N VAL A 25 -2.64 4.08 -6.43
CA VAL A 25 -2.28 4.65 -5.15
C VAL A 25 -1.39 5.87 -5.34
N ILE A 26 -1.70 6.95 -4.64
CA ILE A 26 -0.92 8.18 -4.75
C ILE A 26 -0.72 8.82 -3.39
N VAL A 27 0.53 8.86 -2.94
CA VAL A 27 0.86 9.43 -1.65
C VAL A 27 1.09 10.93 -1.75
N SER A 28 0.12 11.72 -1.30
CA SER A 28 0.22 13.17 -1.33
C SER A 28 1.04 13.68 -0.16
N SER A 29 1.48 14.93 -0.25
CA SER A 29 2.27 15.54 0.81
C SER A 29 1.57 15.43 2.15
N LYS A 30 2.13 14.61 3.04
CA LYS A 30 1.56 14.42 4.38
C LYS A 30 0.15 13.84 4.27
N LYS A 31 -0.06 12.94 3.32
CA LYS A 31 -1.36 12.31 3.12
C LYS A 31 -1.27 11.18 2.10
N ILE A 32 -2.04 10.11 2.34
CA ILE A 32 -2.05 8.97 1.44
C ILE A 32 -3.41 8.82 0.78
N LEU A 33 -3.42 8.66 -0.54
CA LEU A 33 -4.66 8.51 -1.29
C LEU A 33 -4.71 7.16 -2.00
N PHE A 34 -5.93 6.65 -2.16
CA PHE A 34 -6.13 5.37 -2.82
C PHE A 34 -7.26 5.47 -3.86
N TYR A 35 -7.00 4.98 -5.05
CA TYR A 35 -7.98 5.03 -6.13
C TYR A 35 -8.02 3.70 -6.88
N ASP A 36 -9.06 3.51 -7.69
CA ASP A 36 -9.20 2.28 -8.47
C ASP A 36 -8.80 2.51 -9.92
N SER A 37 -8.90 3.75 -10.38
CA SER A 37 -8.53 4.09 -11.75
C SER A 37 -8.35 5.60 -11.90
N GLU A 38 -7.78 6.00 -13.05
CA GLU A 38 -7.55 7.41 -13.31
C GLU A 38 -8.87 8.16 -13.46
N GLN A 39 -9.83 7.53 -14.10
CA GLN A 39 -11.15 8.14 -14.31
C GLN A 39 -11.81 8.47 -12.96
N ASP A 40 -11.63 7.59 -11.99
CA ASP A 40 -12.20 7.79 -10.67
C ASP A 40 -11.46 8.90 -9.91
N LYS A 41 -10.17 9.02 -10.19
CA LYS A 41 -9.35 10.03 -9.54
C LYS A 41 -9.74 11.43 -10.00
N GLU A 42 -9.87 11.61 -11.30
CA GLU A 42 -10.24 12.90 -11.87
C GLU A 42 -11.61 13.34 -11.36
N GLN A 43 -12.44 12.38 -10.94
CA GLN A 43 -13.76 12.68 -10.43
C GLN A 43 -13.73 12.93 -8.92
N SER A 44 -12.54 13.04 -8.36
CA SER A 44 -12.39 13.27 -6.92
C SER A 44 -13.08 12.18 -6.11
N ASN A 45 -12.89 10.93 -6.51
CA ASN A 45 -13.49 9.80 -5.82
C ASN A 45 -12.43 8.89 -5.22
N PRO A 46 -11.86 9.28 -4.07
CA PRO A 46 -10.82 8.49 -3.40
C PRO A 46 -11.38 7.25 -2.73
N TYR A 47 -11.04 6.07 -3.26
CA TYR A 47 -11.51 4.81 -2.71
C TYR A 47 -11.07 4.66 -1.26
N MET A 48 -9.90 5.21 -0.94
CA MET A 48 -9.36 5.14 0.42
C MET A 48 -8.33 6.23 0.65
N VAL A 49 -8.15 6.62 1.91
CA VAL A 49 -7.18 7.66 2.25
C VAL A 49 -6.63 7.45 3.66
N LEU A 50 -5.31 7.48 3.78
CA LEU A 50 -4.66 7.30 5.07
C LEU A 50 -3.76 8.49 5.40
N ASP A 51 -3.57 8.73 6.69
CA ASP A 51 -2.74 9.84 7.13
C ASP A 51 -1.29 9.39 7.33
N ILE A 52 -0.35 10.15 6.77
CA ILE A 52 1.06 9.83 6.89
C ILE A 52 1.49 9.78 8.35
N ASP A 53 0.95 10.71 9.14
CA ASP A 53 1.28 10.77 10.56
C ASP A 53 0.70 9.58 11.30
N LYS A 54 -0.43 9.08 10.82
CA LYS A 54 -1.09 7.93 11.44
C LYS A 54 -0.23 6.68 11.30
N LEU A 55 0.62 6.65 10.27
CA LEU A 55 1.49 5.51 10.03
C LEU A 55 2.32 5.18 11.27
N PHE A 56 2.50 3.89 11.51
CA PHE A 56 3.27 3.44 12.67
C PHE A 56 4.60 2.84 12.24
N HIS A 57 4.59 2.15 11.10
CA HIS A 57 5.81 1.52 10.58
C HIS A 57 5.55 0.82 9.25
N VAL A 58 6.35 1.15 8.25
CA VAL A 58 6.22 0.55 6.92
C VAL A 58 7.52 -0.12 6.51
N ARG A 59 7.46 -1.44 6.28
CA ARG A 59 8.64 -2.20 5.88
C ARG A 59 8.25 -3.35 4.96
N PRO A 60 9.22 -3.86 4.17
CA PRO A 60 8.96 -4.97 3.24
C PRO A 60 8.47 -6.22 3.95
N VAL A 61 7.64 -6.99 3.26
CA VAL A 61 7.09 -8.23 3.83
C VAL A 61 7.94 -9.44 3.45
N THR A 62 7.59 -10.59 4.00
CA THR A 62 8.32 -11.82 3.72
C THR A 62 7.38 -12.90 3.18
N GLN A 63 7.91 -14.11 3.02
CA GLN A 63 7.12 -15.23 2.50
C GLN A 63 6.02 -15.61 3.48
N THR A 64 6.12 -15.14 4.72
CA THR A 64 5.13 -15.46 5.74
C THR A 64 3.87 -14.61 5.56
N ASP A 65 4.04 -13.40 5.04
CA ASP A 65 2.92 -12.49 4.82
C ASP A 65 1.93 -13.08 3.81
N VAL A 66 2.42 -13.94 2.93
CA VAL A 66 1.58 -14.56 1.93
C VAL A 66 1.89 -16.06 1.80
N TYR A 67 1.20 -16.73 0.88
CA TYR A 67 1.40 -18.15 0.68
C TYR A 67 1.23 -18.52 -0.80
N ARG A 68 0.16 -18.01 -1.41
CA ARG A 68 -0.12 -18.29 -2.81
C ARG A 68 0.74 -17.41 -3.73
N ALA A 69 1.28 -16.33 -3.17
CA ALA A 69 2.11 -15.42 -3.93
C ALA A 69 3.32 -16.15 -4.54
N ASP A 70 4.29 -15.38 -5.02
CA ASP A 70 5.49 -15.95 -5.62
C ASP A 70 6.75 -15.43 -4.93
N ALA A 71 7.76 -16.28 -4.82
CA ALA A 71 9.02 -15.91 -4.19
C ALA A 71 9.58 -14.62 -4.78
N LYS A 72 9.29 -14.38 -6.06
CA LYS A 72 9.75 -13.18 -6.74
C LYS A 72 8.91 -11.97 -6.36
N GLU A 73 7.66 -12.22 -5.98
CA GLU A 73 6.75 -11.15 -5.59
C GLU A 73 7.03 -10.69 -4.16
N ILE A 74 7.31 -11.65 -3.28
CA ILE A 74 7.58 -11.35 -1.87
C ILE A 74 8.49 -10.14 -1.71
N PRO A 75 9.66 -10.13 -2.39
CA PRO A 75 10.60 -9.01 -2.30
C PRO A 75 10.05 -7.72 -2.89
N ARG A 76 8.93 -7.82 -3.60
CA ARG A 76 8.31 -6.64 -4.22
C ARG A 76 7.06 -6.21 -3.46
N ILE A 77 6.79 -6.85 -2.32
CA ILE A 77 5.62 -6.52 -1.51
C ILE A 77 6.03 -5.90 -0.19
N PHE A 78 5.40 -4.78 0.16
CA PHE A 78 5.69 -4.09 1.40
C PHE A 78 4.41 -3.86 2.21
N GLN A 79 4.57 -3.68 3.52
CA GLN A 79 3.44 -3.47 4.41
C GLN A 79 3.53 -2.12 5.12
N ILE A 80 2.38 -1.47 5.29
CA ILE A 80 2.33 -0.18 5.97
C ILE A 80 1.31 -0.20 7.10
N LEU A 81 1.79 -0.03 8.33
CA LEU A 81 0.91 -0.03 9.49
C LEU A 81 0.39 1.37 9.78
N TYR A 82 -0.91 1.49 10.01
CA TYR A 82 -1.53 2.78 10.29
C TYR A 82 -2.64 2.64 11.33
N ALA A 83 -2.80 3.66 12.17
CA ALA A 83 -3.83 3.63 13.20
C ALA A 83 -5.23 3.78 12.59
N ASN A 84 -6.09 2.81 12.84
CA ASN A 84 -7.45 2.85 12.32
C ASN A 84 -8.42 3.38 13.37
N GLU A 85 -8.26 2.91 14.60
CA GLU A 85 -9.11 3.34 15.70
C GLU A 85 -8.29 3.90 16.85
N GLY A 86 -7.18 3.23 17.15
CA GLY A 86 -6.31 3.67 18.23
C GLY A 86 -4.85 3.41 17.94
N ILE A 87 -4.32 2.33 18.51
CA ILE A 87 -2.92 1.97 18.31
C ILE A 87 -2.76 0.47 18.07
N SER A 88 -3.06 -0.31 19.09
CA SER A 88 -2.95 -1.77 18.99
C SER A 88 -3.84 -2.31 17.86
N SER A 89 -4.97 -1.64 17.63
CA SER A 89 -5.90 -2.06 16.59
C SER A 89 -5.39 -1.66 15.21
N ALA A 90 -4.47 -0.70 15.16
CA ALA A 90 -3.89 -0.22 13.91
C ALA A 90 -3.65 -1.36 12.92
N LYS A 91 -4.31 -1.29 11.77
CA LYS A 91 -4.17 -2.31 10.75
C LYS A 91 -3.00 -1.99 9.82
N ASN A 92 -2.80 -2.83 8.81
CA ASN A 92 -1.71 -2.64 7.86
C ASN A 92 -2.22 -2.73 6.42
N LEU A 93 -1.41 -2.24 5.49
CA LEU A 93 -1.77 -2.26 4.07
C LEU A 93 -0.71 -2.99 3.25
N LEU A 94 -1.13 -4.05 2.55
CA LEU A 94 -0.21 -4.83 1.73
C LEU A 94 -0.27 -4.36 0.29
N LEU A 95 0.89 -3.96 -0.24
CA LEU A 95 0.97 -3.48 -1.61
C LEU A 95 2.07 -4.19 -2.38
N LEU A 96 1.67 -4.93 -3.43
CA LEU A 96 2.62 -5.65 -4.26
C LEU A 96 3.09 -4.78 -5.42
N ALA A 97 4.39 -4.54 -5.47
CA ALA A 97 4.97 -3.72 -6.53
C ALA A 97 5.40 -4.57 -7.71
N ASN A 98 5.07 -4.12 -8.92
CA ASN A 98 5.43 -4.84 -10.14
C ASN A 98 6.92 -5.14 -10.18
N SER A 99 7.71 -4.27 -9.57
CA SER A 99 9.16 -4.44 -9.53
C SER A 99 9.70 -4.16 -8.13
N THR A 100 10.78 -4.85 -7.78
CA THR A 100 11.40 -4.70 -6.47
C THR A 100 11.77 -3.24 -6.21
N GLU A 101 12.38 -2.59 -7.20
CA GLU A 101 12.78 -1.20 -7.08
C GLU A 101 11.60 -0.32 -6.70
N GLU A 102 10.42 -0.66 -7.21
CA GLU A 102 9.21 0.11 -6.91
C GLU A 102 8.89 0.05 -5.42
N GLN A 103 9.09 -1.12 -4.82
CA GLN A 103 8.82 -1.30 -3.40
C GLN A 103 9.79 -0.48 -2.55
N GLN A 104 11.02 -0.37 -3.02
CA GLN A 104 12.05 0.39 -2.29
C GLN A 104 11.73 1.88 -2.32
N LYS A 105 11.20 2.34 -3.45
CA LYS A 105 10.86 3.75 -3.60
C LYS A 105 9.57 4.09 -2.85
N TRP A 106 8.54 3.28 -3.06
CA TRP A 106 7.26 3.50 -2.40
C TRP A 106 7.42 3.57 -0.88
N VAL A 107 8.07 2.55 -0.33
CA VAL A 107 8.29 2.47 1.11
C VAL A 107 9.22 3.58 1.60
N SER A 108 10.34 3.75 0.90
CA SER A 108 11.32 4.77 1.27
C SER A 108 10.72 6.18 1.21
N ARG A 109 9.87 6.41 0.22
CA ARG A 109 9.24 7.71 0.05
C ARG A 109 8.13 7.94 1.08
N LEU A 110 7.19 7.01 1.14
CA LEU A 110 6.08 7.11 2.07
C LEU A 110 6.56 7.14 3.52
N VAL A 111 7.61 6.37 3.80
CA VAL A 111 8.16 6.32 5.15
C VAL A 111 8.88 7.60 5.49
N LYS A 112 9.65 8.12 4.54
CA LYS A 112 10.39 9.35 4.74
C LYS A 112 9.43 10.51 5.01
N LYS A 113 8.23 10.42 4.46
CA LYS A 113 7.22 11.45 4.63
C LYS A 113 6.63 11.39 6.05
N ILE A 114 6.73 10.23 6.69
CA ILE A 114 6.21 10.05 8.05
C ILE A 114 6.87 11.04 9.02
N PRO A 115 6.06 11.71 9.86
CA PRO A 115 6.58 12.67 10.83
C PRO A 115 7.15 11.99 12.07
N LYS A 116 6.44 10.98 12.57
CA LYS A 116 6.87 10.26 13.75
C LYS A 116 7.66 9.01 13.35
N LYS A 117 8.58 9.16 12.40
CA LYS A 117 9.40 8.05 11.94
C LYS A 117 10.27 7.50 13.07
N SER A 1 4.62 16.56 -8.60
CA SER A 1 3.96 15.27 -8.30
C SER A 1 4.58 14.61 -7.07
N ARG A 2 4.21 13.35 -6.83
CA ARG A 2 4.73 12.61 -5.69
C ARG A 2 4.51 11.11 -5.86
N LEU A 3 4.88 10.33 -4.84
CA LEU A 3 4.71 8.88 -4.88
C LEU A 3 3.33 8.51 -5.40
N GLU A 4 3.29 7.92 -6.58
CA GLU A 4 2.04 7.52 -7.18
C GLU A 4 2.24 6.39 -8.20
N GLY A 5 1.16 5.67 -8.48
CA GLY A 5 1.21 4.57 -9.43
C GLY A 5 0.17 3.52 -9.12
N TRP A 6 0.45 2.28 -9.51
CA TRP A 6 -0.48 1.19 -9.26
C TRP A 6 0.18 0.11 -8.42
N LEU A 7 -0.45 -0.21 -7.29
CA LEU A 7 0.05 -1.25 -6.41
C LEU A 7 -0.99 -2.33 -6.28
N SER A 8 -0.54 -3.55 -6.09
CA SER A 8 -1.45 -4.69 -6.00
C SER A 8 -1.88 -4.96 -4.56
N LEU A 9 -3.16 -5.26 -4.39
CA LEU A 9 -3.72 -5.54 -3.08
C LEU A 9 -4.42 -6.90 -3.09
N PRO A 10 -4.56 -7.54 -1.92
CA PRO A 10 -5.21 -8.84 -1.80
C PRO A 10 -6.66 -8.80 -2.26
N VAL A 11 -6.94 -9.39 -3.41
CA VAL A 11 -8.28 -9.42 -3.96
C VAL A 11 -8.95 -10.77 -3.70
N ARG A 12 -10.26 -10.81 -3.88
CA ARG A 12 -11.03 -12.03 -3.68
C ARG A 12 -12.04 -12.23 -4.79
N ASN A 13 -11.63 -12.91 -5.85
CA ASN A 13 -12.51 -13.17 -7.00
C ASN A 13 -13.91 -13.61 -6.56
N ASN A 14 -13.96 -14.57 -5.64
CA ASN A 14 -15.23 -15.07 -5.14
C ASN A 14 -15.26 -15.08 -3.61
N THR A 15 -14.63 -16.09 -3.02
CA THR A 15 -14.60 -16.20 -1.56
C THR A 15 -13.29 -16.84 -1.11
N LYS A 16 -12.96 -17.98 -1.71
CA LYS A 16 -11.73 -18.69 -1.37
C LYS A 16 -10.58 -18.26 -2.28
N LYS A 17 -10.92 -17.83 -3.49
CA LYS A 17 -9.92 -17.39 -4.46
C LYS A 17 -9.48 -15.96 -4.17
N PHE A 18 -8.18 -15.72 -4.24
CA PHE A 18 -7.63 -14.40 -3.98
C PHE A 18 -6.30 -14.22 -4.71
N GLY A 19 -6.16 -13.09 -5.40
CA GLY A 19 -4.95 -12.80 -6.13
C GLY A 19 -4.42 -11.41 -5.87
N TRP A 20 -4.21 -10.64 -6.94
CA TRP A 20 -3.71 -9.28 -6.82
C TRP A 20 -4.39 -8.35 -7.80
N VAL A 21 -4.52 -7.09 -7.41
CA VAL A 21 -5.14 -6.08 -8.24
C VAL A 21 -4.47 -4.72 -8.03
N LYS A 22 -3.79 -4.22 -9.06
CA LYS A 22 -3.10 -2.96 -8.93
C LYS A 22 -4.07 -1.77 -8.94
N LYS A 23 -4.21 -1.14 -7.78
CA LYS A 23 -5.07 0.03 -7.66
C LYS A 23 -4.22 1.29 -7.67
N TYR A 24 -4.75 2.36 -8.22
CA TYR A 24 -4.00 3.60 -8.30
C TYR A 24 -3.78 4.21 -6.91
N VAL A 25 -2.57 4.04 -6.40
CA VAL A 25 -2.21 4.59 -5.10
C VAL A 25 -1.33 5.82 -5.26
N ILE A 26 -1.64 6.88 -4.53
CA ILE A 26 -0.86 8.10 -4.60
C ILE A 26 -0.66 8.70 -3.22
N VAL A 27 0.59 8.74 -2.77
CA VAL A 27 0.91 9.28 -1.47
C VAL A 27 1.14 10.79 -1.54
N SER A 28 0.15 11.54 -1.06
CA SER A 28 0.24 13.00 -1.07
C SER A 28 0.94 13.50 0.20
N SER A 29 1.35 14.77 0.17
CA SER A 29 2.02 15.38 1.32
C SER A 29 1.18 15.26 2.58
N LYS A 30 1.63 14.40 3.51
CA LYS A 30 0.93 14.20 4.77
C LYS A 30 -0.48 13.66 4.54
N LYS A 31 -0.63 12.81 3.54
CA LYS A 31 -1.93 12.22 3.23
C LYS A 31 -1.81 11.19 2.10
N ILE A 32 -2.40 10.03 2.31
CA ILE A 32 -2.38 8.96 1.32
C ILE A 32 -3.72 8.85 0.62
N LEU A 33 -3.70 8.58 -0.69
CA LEU A 33 -4.93 8.47 -1.47
C LEU A 33 -5.00 7.12 -2.18
N PHE A 34 -6.21 6.59 -2.29
CA PHE A 34 -6.43 5.31 -2.95
C PHE A 34 -7.58 5.40 -3.95
N TYR A 35 -7.32 4.93 -5.17
CA TYR A 35 -8.34 4.96 -6.23
C TYR A 35 -8.51 3.56 -6.83
N ASP A 36 -9.34 3.47 -7.85
CA ASP A 36 -9.59 2.20 -8.52
C ASP A 36 -9.60 2.35 -10.04
N SER A 37 -9.19 3.52 -10.52
CA SER A 37 -9.15 3.78 -11.96
C SER A 37 -8.79 5.25 -12.24
N GLU A 38 -8.47 5.55 -13.48
CA GLU A 38 -8.11 6.90 -13.87
C GLU A 38 -9.34 7.80 -13.89
N GLN A 39 -10.51 7.21 -14.14
CA GLN A 39 -11.75 7.95 -14.18
C GLN A 39 -12.08 8.55 -12.81
N ASP A 40 -11.86 7.76 -11.77
CA ASP A 40 -12.13 8.21 -10.41
C ASP A 40 -11.10 9.22 -9.94
N LYS A 41 -9.86 9.05 -10.41
CA LYS A 41 -8.78 9.96 -10.05
C LYS A 41 -9.08 11.38 -10.51
N GLU A 42 -9.42 11.53 -11.78
CA GLU A 42 -9.72 12.83 -12.35
C GLU A 42 -11.03 13.39 -11.78
N GLN A 43 -11.89 12.50 -11.30
CA GLN A 43 -13.17 12.89 -10.74
C GLN A 43 -13.00 13.51 -9.34
N SER A 44 -11.78 13.45 -8.82
CA SER A 44 -11.49 14.01 -7.50
C SER A 44 -12.31 13.31 -6.42
N ASN A 45 -12.57 12.02 -6.63
CA ASN A 45 -13.35 11.23 -5.69
C ASN A 45 -12.58 9.98 -5.27
N PRO A 46 -11.55 10.13 -4.43
CA PRO A 46 -10.73 9.02 -3.96
C PRO A 46 -11.55 7.92 -3.30
N TYR A 47 -11.11 6.68 -3.45
CA TYR A 47 -11.81 5.54 -2.87
C TYR A 47 -11.53 5.44 -1.37
N MET A 48 -10.30 5.80 -0.98
CA MET A 48 -9.91 5.75 0.42
C MET A 48 -8.61 6.54 0.64
N VAL A 49 -8.47 7.12 1.82
CA VAL A 49 -7.28 7.91 2.15
C VAL A 49 -6.74 7.54 3.52
N LEU A 50 -5.42 7.41 3.62
CA LEU A 50 -4.77 7.08 4.88
C LEU A 50 -3.96 8.26 5.40
N ASP A 51 -3.74 8.30 6.71
CA ASP A 51 -2.97 9.38 7.32
C ASP A 51 -1.52 8.98 7.51
N ILE A 52 -0.62 9.66 6.79
CA ILE A 52 0.80 9.37 6.87
C ILE A 52 1.31 9.49 8.31
N ASP A 53 0.78 10.48 9.04
CA ASP A 53 1.17 10.69 10.42
C ASP A 53 0.66 9.56 11.30
N LYS A 54 -0.45 8.94 10.89
CA LYS A 54 -1.04 7.84 11.65
C LYS A 54 -0.21 6.56 11.48
N LEU A 55 0.59 6.50 10.43
CA LEU A 55 1.42 5.33 10.18
C LEU A 55 2.29 5.00 11.39
N PHE A 56 2.46 3.71 11.65
CA PHE A 56 3.27 3.26 12.79
C PHE A 56 4.58 2.67 12.31
N HIS A 57 4.57 2.08 11.11
CA HIS A 57 5.78 1.48 10.55
C HIS A 57 5.55 1.07 9.09
N VAL A 58 6.61 1.10 8.30
CA VAL A 58 6.55 0.73 6.90
C VAL A 58 7.80 -0.04 6.49
N ARG A 59 7.64 -1.34 6.25
CA ARG A 59 8.77 -2.18 5.85
C ARG A 59 8.32 -3.30 4.92
N PRO A 60 9.25 -3.85 4.12
CA PRO A 60 8.94 -4.94 3.18
C PRO A 60 8.47 -6.20 3.90
N VAL A 61 7.67 -7.01 3.21
CA VAL A 61 7.15 -8.23 3.79
C VAL A 61 7.95 -9.44 3.33
N THR A 62 7.80 -10.56 4.04
CA THR A 62 8.52 -11.78 3.70
C THR A 62 7.55 -12.90 3.31
N GLN A 63 8.09 -14.09 3.09
CA GLN A 63 7.26 -15.24 2.72
C GLN A 63 6.29 -15.61 3.83
N THR A 64 6.55 -15.12 5.04
CA THR A 64 5.70 -15.40 6.17
C THR A 64 4.46 -14.52 6.17
N ASP A 65 4.58 -13.34 5.57
CA ASP A 65 3.46 -12.41 5.49
C ASP A 65 2.42 -12.86 4.47
N VAL A 66 2.86 -13.65 3.50
CA VAL A 66 1.97 -14.15 2.46
C VAL A 66 2.14 -15.65 2.28
N TYR A 67 1.37 -16.22 1.34
CA TYR A 67 1.44 -17.65 1.07
C TYR A 67 1.11 -17.92 -0.40
N ARG A 68 0.01 -17.35 -0.86
CA ARG A 68 -0.42 -17.53 -2.25
C ARG A 68 0.50 -16.78 -3.20
N ALA A 69 1.16 -15.74 -2.68
CA ALA A 69 2.09 -14.94 -3.48
C ALA A 69 3.19 -15.81 -4.09
N ASP A 70 4.23 -15.16 -4.59
CA ASP A 70 5.35 -15.86 -5.19
C ASP A 70 6.67 -15.42 -4.57
N ALA A 71 7.61 -16.36 -4.43
CA ALA A 71 8.91 -16.08 -3.85
C ALA A 71 9.55 -14.85 -4.47
N LYS A 72 9.23 -14.59 -5.73
CA LYS A 72 9.77 -13.44 -6.43
C LYS A 72 8.96 -12.18 -6.12
N GLU A 73 7.70 -12.37 -5.77
CA GLU A 73 6.82 -11.24 -5.45
C GLU A 73 7.06 -10.74 -4.03
N ILE A 74 7.44 -11.66 -3.14
CA ILE A 74 7.70 -11.31 -1.74
C ILE A 74 8.58 -10.05 -1.62
N PRO A 75 9.74 -10.03 -2.30
CA PRO A 75 10.65 -8.88 -2.24
C PRO A 75 10.05 -7.63 -2.90
N ARG A 76 8.96 -7.80 -3.62
CA ARG A 76 8.31 -6.68 -4.29
C ARG A 76 7.06 -6.22 -3.54
N ILE A 77 6.82 -6.80 -2.36
CA ILE A 77 5.67 -6.43 -1.55
C ILE A 77 6.09 -5.80 -0.24
N PHE A 78 5.38 -4.74 0.16
CA PHE A 78 5.69 -4.04 1.41
C PHE A 78 4.42 -3.82 2.22
N GLN A 79 4.59 -3.72 3.53
CA GLN A 79 3.46 -3.52 4.44
C GLN A 79 3.56 -2.19 5.18
N ILE A 80 2.44 -1.50 5.30
CA ILE A 80 2.39 -0.21 5.99
C ILE A 80 1.35 -0.23 7.11
N LEU A 81 1.82 -0.07 8.35
CA LEU A 81 0.93 -0.08 9.51
C LEU A 81 0.41 1.33 9.79
N TYR A 82 -0.84 1.41 10.24
CA TYR A 82 -1.46 2.69 10.56
C TYR A 82 -2.53 2.53 11.64
N ALA A 83 -2.63 3.51 12.52
CA ALA A 83 -3.61 3.48 13.60
C ALA A 83 -5.01 3.73 13.07
N ASN A 84 -5.91 2.78 13.28
CA ASN A 84 -7.29 2.90 12.81
C ASN A 84 -8.20 3.37 13.95
N GLU A 85 -8.02 2.77 15.12
CA GLU A 85 -8.82 3.12 16.29
C GLU A 85 -7.94 3.63 17.42
N GLY A 86 -6.79 2.98 17.60
CA GLY A 86 -5.88 3.38 18.66
C GLY A 86 -4.44 3.08 18.31
N ILE A 87 -3.93 1.95 18.80
CA ILE A 87 -2.56 1.55 18.53
C ILE A 87 -2.47 0.07 18.20
N SER A 88 -2.77 -0.78 19.17
CA SER A 88 -2.72 -2.23 18.99
C SER A 88 -3.66 -2.66 17.86
N SER A 89 -4.78 -1.94 17.72
CA SER A 89 -5.76 -2.26 16.68
C SER A 89 -5.26 -1.81 15.31
N ALA A 90 -4.31 -0.89 15.29
CA ALA A 90 -3.75 -0.37 14.03
C ALA A 90 -3.54 -1.47 13.01
N LYS A 91 -4.22 -1.33 11.86
CA LYS A 91 -4.11 -2.31 10.79
C LYS A 91 -2.96 -1.97 9.85
N ASN A 92 -2.77 -2.79 8.82
CA ASN A 92 -1.70 -2.56 7.86
C ASN A 92 -2.22 -2.71 6.43
N LEU A 93 -1.40 -2.29 5.47
CA LEU A 93 -1.78 -2.36 4.06
C LEU A 93 -0.69 -3.06 3.25
N LEU A 94 -1.06 -4.16 2.60
CA LEU A 94 -0.12 -4.92 1.79
C LEU A 94 -0.21 -4.48 0.33
N LEU A 95 0.92 -4.04 -0.22
CA LEU A 95 0.96 -3.58 -1.60
C LEU A 95 2.04 -4.31 -2.39
N LEU A 96 1.62 -4.98 -3.46
CA LEU A 96 2.54 -5.72 -4.31
C LEU A 96 2.99 -4.86 -5.49
N ALA A 97 4.29 -4.61 -5.57
CA ALA A 97 4.85 -3.80 -6.65
C ALA A 97 5.28 -4.67 -7.82
N ASN A 98 4.94 -4.24 -9.03
CA ASN A 98 5.30 -4.98 -10.24
C ASN A 98 6.81 -5.21 -10.31
N SER A 99 7.56 -4.28 -9.73
CA SER A 99 9.01 -4.38 -9.71
C SER A 99 9.56 -4.15 -8.31
N THR A 100 10.63 -4.86 -7.96
CA THR A 100 11.25 -4.73 -6.66
C THR A 100 11.67 -3.30 -6.39
N GLU A 101 12.28 -2.67 -7.40
CA GLU A 101 12.75 -1.29 -7.28
C GLU A 101 11.61 -0.37 -6.84
N GLU A 102 10.42 -0.60 -7.38
CA GLU A 102 9.26 0.20 -7.04
C GLU A 102 8.96 0.14 -5.54
N GLN A 103 9.03 -1.07 -4.99
CA GLN A 103 8.76 -1.26 -3.57
C GLN A 103 9.76 -0.47 -2.72
N GLN A 104 11.01 -0.43 -3.15
CA GLN A 104 12.05 0.29 -2.42
C GLN A 104 11.76 1.78 -2.40
N LYS A 105 11.30 2.31 -3.54
CA LYS A 105 10.97 3.73 -3.65
C LYS A 105 9.69 4.06 -2.89
N TRP A 106 8.66 3.24 -3.09
CA TRP A 106 7.37 3.47 -2.44
C TRP A 106 7.53 3.51 -0.92
N VAL A 107 8.18 2.49 -0.38
CA VAL A 107 8.39 2.39 1.06
C VAL A 107 9.26 3.51 1.59
N SER A 108 10.41 3.72 0.96
CA SER A 108 11.34 4.76 1.38
C SER A 108 10.75 6.15 1.22
N ARG A 109 9.96 6.35 0.16
CA ARG A 109 9.34 7.64 -0.09
C ARG A 109 8.17 7.89 0.85
N LEU A 110 7.22 6.96 0.88
CA LEU A 110 6.05 7.08 1.73
C LEU A 110 6.45 7.13 3.21
N VAL A 111 7.48 6.37 3.57
CA VAL A 111 7.94 6.33 4.96
C VAL A 111 8.66 7.64 5.31
N LYS A 112 9.49 8.11 4.39
CA LYS A 112 10.23 9.35 4.60
C LYS A 112 9.26 10.50 4.84
N LYS A 113 8.09 10.43 4.21
CA LYS A 113 7.08 11.47 4.35
C LYS A 113 6.47 11.44 5.76
N ILE A 114 6.57 10.29 6.42
CA ILE A 114 6.03 10.14 7.77
C ILE A 114 6.69 11.13 8.73
N PRO A 115 5.90 11.77 9.61
CA PRO A 115 6.42 12.74 10.57
C PRO A 115 7.16 12.06 11.73
N LYS A 116 6.59 10.95 12.20
CA LYS A 116 7.20 10.21 13.30
C LYS A 116 8.08 9.09 12.78
N LYS A 117 8.91 9.41 11.79
CA LYS A 117 9.81 8.42 11.20
C LYS A 117 10.89 8.00 12.20
N SER A 1 4.96 15.95 -9.37
CA SER A 1 4.05 15.03 -8.65
C SER A 1 4.75 14.37 -7.46
N ARG A 2 4.13 13.33 -6.92
CA ARG A 2 4.69 12.61 -5.79
C ARG A 2 4.49 11.09 -5.96
N LEU A 3 4.88 10.33 -4.94
CA LEU A 3 4.75 8.88 -4.97
C LEU A 3 3.36 8.49 -5.44
N GLU A 4 3.28 7.90 -6.63
CA GLU A 4 2.00 7.49 -7.18
C GLU A 4 2.17 6.37 -8.21
N GLY A 5 1.08 5.68 -8.49
CA GLY A 5 1.11 4.59 -9.45
C GLY A 5 0.08 3.53 -9.12
N TRP A 6 0.35 2.29 -9.52
CA TRP A 6 -0.58 1.21 -9.25
C TRP A 6 0.10 0.11 -8.43
N LEU A 7 -0.51 -0.20 -7.30
CA LEU A 7 0.02 -1.25 -6.42
C LEU A 7 -1.02 -2.33 -6.27
N SER A 8 -0.57 -3.55 -6.12
CA SER A 8 -1.49 -4.69 -6.01
C SER A 8 -1.86 -4.98 -4.57
N LEU A 9 -3.10 -5.43 -4.39
CA LEU A 9 -3.61 -5.76 -3.06
C LEU A 9 -4.34 -7.11 -3.09
N PRO A 10 -4.40 -7.80 -1.93
CA PRO A 10 -5.07 -9.10 -1.85
C PRO A 10 -6.55 -9.02 -2.24
N VAL A 11 -6.89 -9.65 -3.35
CA VAL A 11 -8.26 -9.65 -3.84
C VAL A 11 -8.80 -11.07 -4.00
N ARG A 12 -9.77 -11.42 -3.17
CA ARG A 12 -10.38 -12.75 -3.23
C ARG A 12 -11.06 -12.98 -4.57
N ASN A 13 -10.43 -13.78 -5.42
CA ASN A 13 -10.97 -14.08 -6.74
C ASN A 13 -12.16 -15.04 -6.65
N ASN A 14 -12.08 -15.99 -5.73
CA ASN A 14 -13.15 -16.95 -5.54
C ASN A 14 -13.99 -16.62 -4.31
N THR A 15 -13.34 -16.49 -3.17
CA THR A 15 -14.03 -16.16 -1.93
C THR A 15 -13.07 -16.20 -0.74
N LYS A 16 -12.10 -17.11 -0.79
CA LYS A 16 -11.12 -17.23 0.28
C LYS A 16 -9.73 -16.83 -0.18
N LYS A 17 -9.35 -17.27 -1.38
CA LYS A 17 -8.05 -16.95 -1.94
C LYS A 17 -7.86 -15.44 -2.05
N PHE A 18 -6.83 -15.04 -2.79
CA PHE A 18 -6.53 -13.62 -2.97
C PHE A 18 -5.36 -13.43 -3.92
N GLY A 19 -5.64 -12.95 -5.12
CA GLY A 19 -4.60 -12.73 -6.11
C GLY A 19 -3.97 -11.37 -5.95
N TRP A 20 -4.04 -10.56 -7.01
CA TRP A 20 -3.47 -9.22 -6.98
C TRP A 20 -4.19 -8.28 -7.93
N VAL A 21 -4.51 -7.10 -7.44
CA VAL A 21 -5.20 -6.08 -8.23
C VAL A 21 -4.55 -4.73 -8.01
N LYS A 22 -3.85 -4.22 -9.03
CA LYS A 22 -3.17 -2.95 -8.89
C LYS A 22 -4.15 -1.78 -8.89
N LYS A 23 -4.27 -1.14 -7.72
CA LYS A 23 -5.13 0.02 -7.58
C LYS A 23 -4.27 1.28 -7.61
N TYR A 24 -4.82 2.37 -8.10
CA TYR A 24 -4.06 3.61 -8.17
C TYR A 24 -3.82 4.21 -6.80
N VAL A 25 -2.59 4.07 -6.32
CA VAL A 25 -2.21 4.60 -5.02
C VAL A 25 -1.34 5.84 -5.19
N ILE A 26 -1.63 6.88 -4.41
CA ILE A 26 -0.86 8.11 -4.49
C ILE A 26 -0.60 8.68 -3.11
N VAL A 27 0.67 8.71 -2.71
CA VAL A 27 1.05 9.25 -1.42
C VAL A 27 1.29 10.74 -1.49
N SER A 28 0.33 11.51 -0.98
CA SER A 28 0.45 12.97 -0.99
C SER A 28 1.50 13.44 0.01
N SER A 29 1.83 14.72 -0.06
CA SER A 29 2.83 15.31 0.83
C SER A 29 2.51 15.03 2.30
N LYS A 30 1.24 14.79 2.60
CA LYS A 30 0.83 14.52 3.98
C LYS A 30 -0.50 13.77 4.03
N LYS A 31 -0.69 12.83 3.09
CA LYS A 31 -1.91 12.05 3.05
C LYS A 31 -1.84 10.98 1.95
N ILE A 32 -2.21 9.76 2.31
CA ILE A 32 -2.19 8.65 1.35
C ILE A 32 -3.55 8.49 0.68
N LEU A 33 -3.58 8.68 -0.64
CA LEU A 33 -4.82 8.56 -1.39
C LEU A 33 -4.91 7.22 -2.10
N PHE A 34 -6.12 6.68 -2.19
CA PHE A 34 -6.35 5.40 -2.84
C PHE A 34 -7.50 5.51 -3.85
N TYR A 35 -7.26 5.00 -5.05
CA TYR A 35 -8.27 5.04 -6.11
C TYR A 35 -8.35 3.70 -6.83
N ASP A 36 -9.35 3.56 -7.69
CA ASP A 36 -9.54 2.32 -8.45
C ASP A 36 -9.28 2.55 -9.94
N SER A 37 -9.36 3.80 -10.37
CA SER A 37 -9.13 4.15 -11.77
C SER A 37 -8.76 5.62 -11.92
N GLU A 38 -8.43 6.02 -13.13
CA GLU A 38 -8.05 7.41 -13.41
C GLU A 38 -9.26 8.32 -13.33
N GLN A 39 -10.41 7.81 -13.75
CA GLN A 39 -11.65 8.60 -13.72
C GLN A 39 -11.98 9.05 -12.30
N ASP A 40 -12.02 8.10 -11.38
CA ASP A 40 -12.32 8.39 -9.98
C ASP A 40 -11.26 9.31 -9.38
N LYS A 41 -10.06 9.29 -9.96
CA LYS A 41 -8.95 10.10 -9.48
C LYS A 41 -9.18 11.57 -9.83
N GLU A 42 -9.44 11.83 -11.11
CA GLU A 42 -9.67 13.21 -11.57
C GLU A 42 -11.00 13.73 -11.06
N GLN A 43 -11.91 12.82 -10.71
CA GLN A 43 -13.23 13.20 -10.20
C GLN A 43 -13.19 13.48 -8.70
N SER A 44 -11.99 13.43 -8.11
CA SER A 44 -11.84 13.69 -6.68
C SER A 44 -12.61 12.66 -5.86
N ASN A 45 -12.69 11.44 -6.37
CA ASN A 45 -13.39 10.36 -5.67
C ASN A 45 -12.40 9.30 -5.18
N PRO A 46 -11.74 9.56 -4.04
CA PRO A 46 -10.78 8.62 -3.46
C PRO A 46 -11.45 7.41 -2.82
N TYR A 47 -11.14 6.23 -3.35
CA TYR A 47 -11.70 4.98 -2.83
C TYR A 47 -11.34 4.81 -1.36
N MET A 48 -10.17 5.31 -0.98
CA MET A 48 -9.70 5.21 0.40
C MET A 48 -8.58 6.21 0.65
N VAL A 49 -8.49 6.71 1.86
CA VAL A 49 -7.45 7.68 2.21
C VAL A 49 -6.93 7.46 3.62
N LEU A 50 -5.61 7.54 3.77
CA LEU A 50 -4.97 7.35 5.07
C LEU A 50 -4.11 8.56 5.42
N ASP A 51 -3.89 8.75 6.73
CA ASP A 51 -3.09 9.87 7.20
C ASP A 51 -1.63 9.47 7.36
N ILE A 52 -0.76 10.06 6.55
CA ILE A 52 0.67 9.76 6.61
C ILE A 52 1.21 9.98 8.01
N ASP A 53 0.61 10.90 8.74
CA ASP A 53 1.03 11.20 10.10
C ASP A 53 0.56 10.12 11.07
N LYS A 54 -0.54 9.46 10.72
CA LYS A 54 -1.10 8.40 11.56
C LYS A 54 -0.29 7.11 11.43
N LEU A 55 0.55 7.03 10.41
CA LEU A 55 1.38 5.85 10.18
C LEU A 55 2.18 5.50 11.43
N PHE A 56 2.56 4.23 11.55
CA PHE A 56 3.34 3.77 12.69
C PHE A 56 4.70 3.25 12.25
N HIS A 57 4.72 2.53 11.13
CA HIS A 57 5.95 1.98 10.60
C HIS A 57 5.71 1.25 9.29
N VAL A 58 6.58 1.50 8.31
CA VAL A 58 6.47 0.87 6.99
C VAL A 58 7.67 -0.02 6.72
N ARG A 59 7.43 -1.31 6.53
CA ARG A 59 8.50 -2.27 6.25
C ARG A 59 8.04 -3.34 5.26
N PRO A 60 9.00 -3.95 4.53
CA PRO A 60 8.70 -4.99 3.56
C PRO A 60 8.19 -6.26 4.21
N VAL A 61 7.64 -7.17 3.41
CA VAL A 61 7.11 -8.42 3.91
C VAL A 61 8.02 -9.59 3.54
N THR A 62 7.67 -10.78 4.01
CA THR A 62 8.45 -11.99 3.72
C THR A 62 7.56 -13.10 3.21
N GLN A 63 8.15 -14.27 3.00
CA GLN A 63 7.42 -15.44 2.51
C GLN A 63 6.33 -15.86 3.50
N THR A 64 6.45 -15.39 4.74
CA THR A 64 5.48 -15.73 5.78
C THR A 64 4.20 -14.91 5.62
N ASP A 65 4.31 -13.76 4.97
CA ASP A 65 3.16 -12.88 4.75
C ASP A 65 2.15 -13.53 3.82
N VAL A 66 2.62 -14.37 2.92
CA VAL A 66 1.75 -15.05 1.96
C VAL A 66 2.17 -16.50 1.76
N TYR A 67 1.46 -17.20 0.90
CA TYR A 67 1.76 -18.59 0.60
C TYR A 67 1.57 -18.89 -0.88
N ARG A 68 0.43 -18.45 -1.42
CA ARG A 68 0.14 -18.66 -2.83
C ARG A 68 1.01 -17.77 -3.70
N ALA A 69 1.46 -16.65 -3.14
CA ALA A 69 2.30 -15.71 -3.86
C ALA A 69 3.56 -16.41 -4.40
N ASP A 70 4.49 -15.60 -4.91
CA ASP A 70 5.73 -16.13 -5.46
C ASP A 70 6.95 -15.52 -4.76
N ALA A 71 7.96 -16.34 -4.51
CA ALA A 71 9.18 -15.87 -3.85
C ALA A 71 9.71 -14.60 -4.49
N LYS A 72 9.43 -14.42 -5.78
CA LYS A 72 9.88 -13.24 -6.51
C LYS A 72 9.01 -12.03 -6.18
N GLU A 73 7.73 -12.29 -5.87
CA GLU A 73 6.80 -11.22 -5.53
C GLU A 73 6.98 -10.75 -4.09
N ILE A 74 7.39 -11.67 -3.22
CA ILE A 74 7.59 -11.36 -1.81
C ILE A 74 8.45 -10.11 -1.63
N PRO A 75 9.65 -10.06 -2.25
CA PRO A 75 10.55 -8.92 -2.13
C PRO A 75 9.98 -7.65 -2.77
N ARG A 76 8.92 -7.81 -3.56
CA ARG A 76 8.29 -6.67 -4.23
C ARG A 76 7.04 -6.21 -3.48
N ILE A 77 6.77 -6.82 -2.33
CA ILE A 77 5.60 -6.46 -1.53
C ILE A 77 6.02 -5.80 -0.23
N PHE A 78 5.33 -4.71 0.13
CA PHE A 78 5.62 -3.99 1.36
C PHE A 78 4.35 -3.75 2.17
N GLN A 79 4.50 -3.62 3.48
CA GLN A 79 3.36 -3.40 4.37
C GLN A 79 3.47 -2.05 5.09
N ILE A 80 2.34 -1.39 5.27
CA ILE A 80 2.29 -0.10 5.94
C ILE A 80 1.26 -0.10 7.06
N LEU A 81 1.74 0.04 8.29
CA LEU A 81 0.85 0.04 9.46
C LEU A 81 0.39 1.45 9.78
N TYR A 82 -0.89 1.59 10.12
CA TYR A 82 -1.46 2.89 10.46
C TYR A 82 -2.56 2.74 11.51
N ALA A 83 -2.66 3.74 12.39
CA ALA A 83 -3.67 3.72 13.45
C ALA A 83 -5.06 4.01 12.88
N ASN A 84 -5.97 3.05 13.05
CA ASN A 84 -7.33 3.20 12.56
C ASN A 84 -8.24 3.76 13.65
N GLU A 85 -8.08 3.25 14.87
CA GLU A 85 -8.89 3.69 15.99
C GLU A 85 -8.00 4.13 17.16
N GLY A 86 -6.98 3.34 17.45
CA GLY A 86 -6.08 3.65 18.53
C GLY A 86 -4.63 3.32 18.21
N ILE A 87 -4.18 2.16 18.71
CA ILE A 87 -2.81 1.72 18.46
C ILE A 87 -2.76 0.24 18.13
N SER A 88 -3.11 -0.60 19.10
CA SER A 88 -3.10 -2.04 18.92
C SER A 88 -4.01 -2.45 17.76
N SER A 89 -5.09 -1.70 17.57
CA SER A 89 -6.05 -1.99 16.51
C SER A 89 -5.50 -1.56 15.15
N ALA A 90 -4.52 -0.66 15.17
CA ALA A 90 -3.90 -0.15 13.94
C ALA A 90 -3.69 -1.26 12.92
N LYS A 91 -4.36 -1.14 11.78
CA LYS A 91 -4.25 -2.13 10.71
C LYS A 91 -3.06 -1.83 9.80
N ASN A 92 -2.89 -2.66 8.78
CA ASN A 92 -1.79 -2.49 7.83
C ASN A 92 -2.29 -2.62 6.39
N LEU A 93 -1.44 -2.24 5.44
CA LEU A 93 -1.79 -2.31 4.03
C LEU A 93 -0.69 -3.01 3.23
N LEU A 94 -1.06 -4.12 2.60
CA LEU A 94 -0.11 -4.87 1.79
C LEU A 94 -0.20 -4.44 0.33
N LEU A 95 0.93 -3.98 -0.22
CA LEU A 95 0.97 -3.53 -1.60
C LEU A 95 2.04 -4.26 -2.40
N LEU A 96 1.61 -4.98 -3.43
CA LEU A 96 2.53 -5.72 -4.28
C LEU A 96 3.02 -4.85 -5.43
N ALA A 97 4.33 -4.75 -5.57
CA ALA A 97 4.92 -3.94 -6.63
C ALA A 97 5.37 -4.81 -7.81
N ASN A 98 5.13 -4.32 -9.02
CA ASN A 98 5.51 -5.05 -10.22
C ASN A 98 7.01 -5.34 -10.23
N SER A 99 7.77 -4.50 -9.54
CA SER A 99 9.22 -4.67 -9.47
C SER A 99 9.72 -4.40 -8.06
N THR A 100 10.80 -5.07 -7.68
CA THR A 100 11.39 -4.91 -6.35
C THR A 100 11.76 -3.45 -6.10
N GLU A 101 12.39 -2.84 -7.09
CA GLU A 101 12.82 -1.44 -6.98
C GLU A 101 11.66 -0.55 -6.59
N GLU A 102 10.47 -0.84 -7.12
CA GLU A 102 9.27 -0.07 -6.82
C GLU A 102 8.96 -0.11 -5.33
N GLN A 103 9.10 -1.30 -4.73
CA GLN A 103 8.83 -1.46 -3.31
C GLN A 103 9.81 -0.65 -2.47
N GLN A 104 11.05 -0.55 -2.93
CA GLN A 104 12.07 0.21 -2.22
C GLN A 104 11.77 1.71 -2.26
N LYS A 105 11.35 2.19 -3.43
CA LYS A 105 11.02 3.60 -3.60
C LYS A 105 9.72 3.96 -2.90
N TRP A 106 8.69 3.15 -3.13
CA TRP A 106 7.39 3.39 -2.53
C TRP A 106 7.48 3.46 -1.00
N VAL A 107 8.11 2.44 -0.41
CA VAL A 107 8.25 2.38 1.04
C VAL A 107 9.15 3.49 1.55
N SER A 108 10.32 3.64 0.94
CA SER A 108 11.28 4.67 1.36
C SER A 108 10.70 6.08 1.19
N ARG A 109 9.91 6.27 0.14
CA ARG A 109 9.32 7.58 -0.12
C ARG A 109 8.15 7.85 0.83
N LEU A 110 7.20 6.93 0.86
CA LEU A 110 6.03 7.07 1.73
C LEU A 110 6.43 7.18 3.20
N VAL A 111 7.44 6.41 3.59
CA VAL A 111 7.92 6.43 4.97
C VAL A 111 8.65 7.74 5.27
N LYS A 112 9.47 8.18 4.33
CA LYS A 112 10.21 9.42 4.49
C LYS A 112 9.26 10.60 4.66
N LYS A 113 8.07 10.49 4.07
CA LYS A 113 7.07 11.54 4.16
C LYS A 113 6.44 11.58 5.55
N ILE A 114 6.56 10.48 6.28
CA ILE A 114 6.00 10.39 7.62
C ILE A 114 6.67 11.38 8.57
N PRO A 115 5.89 12.04 9.44
CA PRO A 115 6.42 13.01 10.40
C PRO A 115 7.30 12.34 11.46
N LYS A 116 6.76 11.30 12.08
CA LYS A 116 7.49 10.57 13.11
C LYS A 116 8.32 9.45 12.50
N LYS A 117 9.14 9.80 11.51
CA LYS A 117 10.00 8.83 10.85
C LYS A 117 11.05 8.28 11.81
N SER A 1 4.07 16.59 -8.81
CA SER A 1 3.53 15.23 -8.51
C SER A 1 4.26 14.60 -7.34
N ARG A 2 3.84 13.40 -6.96
CA ARG A 2 4.45 12.68 -5.84
C ARG A 2 4.29 11.17 -6.01
N LEU A 3 4.75 10.41 -5.02
CA LEU A 3 4.65 8.96 -5.05
C LEU A 3 3.26 8.52 -5.51
N GLU A 4 3.18 7.94 -6.69
CA GLU A 4 1.90 7.49 -7.23
C GLU A 4 2.08 6.40 -8.27
N GLY A 5 1.02 5.67 -8.52
CA GLY A 5 1.05 4.59 -9.49
C GLY A 5 0.04 3.52 -9.18
N TRP A 6 0.34 2.29 -9.57
CA TRP A 6 -0.56 1.19 -9.30
C TRP A 6 0.13 0.10 -8.48
N LEU A 7 -0.47 -0.24 -7.36
CA LEU A 7 0.06 -1.27 -6.49
C LEU A 7 -0.95 -2.39 -6.34
N SER A 8 -0.46 -3.59 -6.14
CA SER A 8 -1.34 -4.75 -6.03
C SER A 8 -1.76 -5.01 -4.59
N LEU A 9 -3.05 -5.27 -4.42
CA LEU A 9 -3.62 -5.53 -3.10
C LEU A 9 -4.33 -6.89 -3.09
N PRO A 10 -4.48 -7.50 -1.90
CA PRO A 10 -5.15 -8.80 -1.77
C PRO A 10 -6.60 -8.76 -2.24
N VAL A 11 -6.87 -9.45 -3.35
CA VAL A 11 -8.21 -9.50 -3.91
C VAL A 11 -8.77 -10.92 -3.90
N ARG A 12 -10.03 -11.06 -4.29
CA ARG A 12 -10.68 -12.36 -4.34
C ARG A 12 -11.39 -12.56 -5.67
N ASN A 13 -11.03 -11.76 -6.66
CA ASN A 13 -11.63 -11.85 -7.99
C ASN A 13 -13.15 -11.96 -7.93
N ASN A 14 -13.66 -13.20 -7.86
CA ASN A 14 -15.09 -13.42 -7.80
C ASN A 14 -15.50 -13.88 -6.40
N THR A 15 -14.83 -14.91 -5.91
CA THR A 15 -15.13 -15.46 -4.58
C THR A 15 -14.06 -16.47 -4.15
N LYS A 16 -14.13 -17.67 -4.72
CA LYS A 16 -13.17 -18.71 -4.40
C LYS A 16 -11.79 -18.37 -4.93
N LYS A 17 -11.75 -17.66 -6.05
CA LYS A 17 -10.49 -17.27 -6.65
C LYS A 17 -9.94 -16.01 -5.99
N PHE A 18 -8.64 -15.77 -6.18
CA PHE A 18 -7.99 -14.59 -5.59
C PHE A 18 -6.62 -14.37 -6.22
N GLY A 19 -5.98 -13.28 -5.84
CA GLY A 19 -4.66 -12.97 -6.37
C GLY A 19 -4.22 -11.55 -6.03
N TRP A 20 -3.98 -10.75 -7.06
CA TRP A 20 -3.56 -9.38 -6.88
C TRP A 20 -4.31 -8.43 -7.81
N VAL A 21 -4.42 -7.17 -7.40
CA VAL A 21 -5.09 -6.15 -8.19
C VAL A 21 -4.41 -4.81 -8.00
N LYS A 22 -3.82 -4.25 -9.06
CA LYS A 22 -3.15 -2.98 -8.94
C LYS A 22 -4.13 -1.82 -8.91
N LYS A 23 -4.24 -1.19 -7.75
CA LYS A 23 -5.12 -0.05 -7.59
C LYS A 23 -4.28 1.23 -7.59
N TYR A 24 -4.82 2.29 -8.17
CA TYR A 24 -4.09 3.54 -8.24
C TYR A 24 -3.87 4.14 -6.86
N VAL A 25 -2.64 4.01 -6.37
CA VAL A 25 -2.27 4.54 -5.07
C VAL A 25 -1.42 5.79 -5.24
N ILE A 26 -1.79 6.86 -4.55
CA ILE A 26 -1.05 8.11 -4.63
C ILE A 26 -0.79 8.69 -3.25
N VAL A 27 0.47 8.74 -2.86
CA VAL A 27 0.85 9.29 -1.57
C VAL A 27 1.05 10.80 -1.66
N SER A 28 0.08 11.56 -1.16
CA SER A 28 0.15 13.02 -1.21
C SER A 28 0.83 13.57 0.03
N SER A 29 1.09 14.87 0.03
CA SER A 29 1.74 15.53 1.16
C SER A 29 1.09 15.13 2.48
N LYS A 30 1.87 14.50 3.35
CA LYS A 30 1.39 14.05 4.66
C LYS A 30 0.03 13.37 4.56
N LYS A 31 -0.23 12.72 3.43
CA LYS A 31 -1.50 12.04 3.21
C LYS A 31 -1.37 10.95 2.15
N ILE A 32 -2.24 9.96 2.22
CA ILE A 32 -2.23 8.86 1.27
C ILE A 32 -3.61 8.67 0.64
N LEU A 33 -3.67 8.65 -0.69
CA LEU A 33 -4.94 8.49 -1.39
C LEU A 33 -4.98 7.17 -2.16
N PHE A 34 -6.20 6.67 -2.37
CA PHE A 34 -6.40 5.42 -3.10
C PHE A 34 -7.53 5.57 -4.11
N TYR A 35 -7.27 5.18 -5.35
CA TYR A 35 -8.27 5.27 -6.41
C TYR A 35 -8.35 3.97 -7.19
N ASP A 36 -9.40 3.84 -7.99
CA ASP A 36 -9.60 2.64 -8.79
C ASP A 36 -9.31 2.91 -10.27
N SER A 37 -9.40 4.19 -10.66
CA SER A 37 -9.16 4.57 -12.04
C SER A 37 -8.84 6.07 -12.13
N GLU A 38 -8.54 6.53 -13.34
CA GLU A 38 -8.22 7.94 -13.57
C GLU A 38 -9.49 8.79 -13.58
N GLN A 39 -10.58 8.20 -14.05
CA GLN A 39 -11.85 8.91 -14.12
C GLN A 39 -12.32 9.32 -12.72
N ASP A 40 -12.08 8.46 -11.74
CA ASP A 40 -12.48 8.74 -10.36
C ASP A 40 -11.51 9.73 -9.71
N LYS A 41 -10.24 9.61 -10.06
CA LYS A 41 -9.22 10.50 -9.50
C LYS A 41 -9.49 11.95 -9.89
N GLU A 42 -9.71 12.18 -11.18
CA GLU A 42 -9.98 13.53 -11.67
C GLU A 42 -11.28 14.08 -11.09
N GLN A 43 -12.18 13.17 -10.70
CA GLN A 43 -13.46 13.56 -10.12
C GLN A 43 -13.35 13.80 -8.62
N SER A 44 -12.12 13.72 -8.09
CA SER A 44 -11.89 13.93 -6.66
C SER A 44 -12.65 12.90 -5.84
N ASN A 45 -12.69 11.66 -6.34
CA ASN A 45 -13.38 10.59 -5.64
C ASN A 45 -12.39 9.52 -5.16
N PRO A 46 -11.70 9.78 -4.04
CA PRO A 46 -10.72 8.86 -3.47
C PRO A 46 -11.38 7.64 -2.83
N TYR A 47 -11.15 6.47 -3.41
CA TYR A 47 -11.72 5.23 -2.88
C TYR A 47 -11.33 5.04 -1.41
N MET A 48 -10.13 5.47 -1.07
CA MET A 48 -9.63 5.37 0.29
C MET A 48 -8.52 6.37 0.54
N VAL A 49 -8.48 6.93 1.75
CA VAL A 49 -7.46 7.92 2.11
C VAL A 49 -6.88 7.63 3.48
N LEU A 50 -5.57 7.43 3.53
CA LEU A 50 -4.88 7.14 4.79
C LEU A 50 -4.00 8.33 5.21
N ASP A 51 -3.74 8.42 6.50
CA ASP A 51 -2.92 9.51 7.03
C ASP A 51 -1.47 9.05 7.21
N ILE A 52 -0.56 9.73 6.53
CA ILE A 52 0.86 9.39 6.62
C ILE A 52 1.37 9.51 8.05
N ASP A 53 0.87 10.52 8.76
CA ASP A 53 1.27 10.76 10.14
C ASP A 53 0.75 9.65 11.07
N LYS A 54 -0.34 9.02 10.67
CA LYS A 54 -0.93 7.95 11.47
C LYS A 54 -0.13 6.65 11.33
N LEU A 55 0.63 6.53 10.26
CA LEU A 55 1.44 5.34 10.01
C LEU A 55 2.30 5.01 11.24
N PHE A 56 2.56 3.71 11.44
CA PHE A 56 3.37 3.27 12.57
C PHE A 56 4.71 2.71 12.09
N HIS A 57 4.71 2.13 10.90
CA HIS A 57 5.93 1.55 10.34
C HIS A 57 5.70 1.05 8.91
N VAL A 58 6.74 1.14 8.09
CA VAL A 58 6.68 0.71 6.70
C VAL A 58 7.93 -0.09 6.33
N ARG A 59 7.73 -1.34 5.94
CA ARG A 59 8.85 -2.20 5.57
C ARG A 59 8.38 -3.39 4.73
N PRO A 60 9.30 -3.98 3.93
CA PRO A 60 8.98 -5.14 3.08
C PRO A 60 8.49 -6.33 3.89
N VAL A 61 7.70 -7.19 3.26
CA VAL A 61 7.17 -8.37 3.92
C VAL A 61 8.03 -9.60 3.65
N THR A 62 7.70 -10.71 4.28
CA THR A 62 8.44 -11.95 4.10
C THR A 62 7.51 -13.09 3.69
N GLN A 63 8.05 -14.30 3.61
CA GLN A 63 7.27 -15.47 3.24
C GLN A 63 6.22 -15.80 4.30
N THR A 64 6.36 -15.21 5.48
CA THR A 64 5.41 -15.44 6.56
C THR A 64 4.18 -14.55 6.42
N ASP A 65 4.36 -13.39 5.78
CA ASP A 65 3.26 -12.45 5.58
C ASP A 65 2.24 -12.99 4.59
N VAL A 66 2.72 -13.81 3.66
CA VAL A 66 1.85 -14.40 2.65
C VAL A 66 2.14 -15.88 2.46
N TYR A 67 1.39 -16.53 1.57
CA TYR A 67 1.56 -17.95 1.30
C TYR A 67 1.36 -18.24 -0.18
N ARG A 68 0.26 -17.73 -0.74
CA ARG A 68 -0.04 -17.92 -2.15
C ARG A 68 0.93 -17.15 -3.02
N ALA A 69 1.49 -16.07 -2.47
CA ALA A 69 2.43 -15.24 -3.20
C ALA A 69 3.62 -16.06 -3.70
N ASP A 70 4.64 -15.38 -4.21
CA ASP A 70 5.82 -16.04 -4.72
C ASP A 70 7.08 -15.50 -4.06
N ALA A 71 8.04 -16.37 -3.80
CA ALA A 71 9.29 -15.98 -3.16
C ALA A 71 9.92 -14.77 -3.85
N LYS A 72 9.63 -14.62 -5.14
CA LYS A 72 10.16 -13.50 -5.91
C LYS A 72 9.30 -12.24 -5.71
N GLU A 73 8.02 -12.46 -5.41
CA GLU A 73 7.10 -11.35 -5.19
C GLU A 73 7.25 -10.78 -3.79
N ILE A 74 7.61 -11.63 -2.83
CA ILE A 74 7.80 -11.20 -1.44
C ILE A 74 8.60 -9.91 -1.35
N PRO A 75 9.80 -9.87 -1.97
CA PRO A 75 10.66 -8.67 -1.94
C PRO A 75 10.02 -7.47 -2.64
N ARG A 76 8.98 -7.73 -3.43
CA ARG A 76 8.28 -6.66 -4.14
C ARG A 76 7.01 -6.23 -3.40
N ILE A 77 6.78 -6.82 -2.23
CA ILE A 77 5.60 -6.50 -1.43
C ILE A 77 6.00 -5.81 -0.12
N PHE A 78 5.42 -4.64 0.12
CA PHE A 78 5.71 -3.89 1.34
C PHE A 78 4.44 -3.66 2.15
N GLN A 79 4.57 -3.74 3.48
CA GLN A 79 3.43 -3.55 4.37
C GLN A 79 3.54 -2.23 5.12
N ILE A 80 2.41 -1.55 5.28
CA ILE A 80 2.36 -0.28 5.99
C ILE A 80 1.32 -0.32 7.11
N LEU A 81 1.79 -0.21 8.35
CA LEU A 81 0.89 -0.23 9.51
C LEU A 81 0.42 1.18 9.83
N TYR A 82 -0.85 1.29 10.22
CA TYR A 82 -1.44 2.58 10.55
C TYR A 82 -2.59 2.41 11.54
N ALA A 83 -2.79 3.42 12.38
CA ALA A 83 -3.86 3.39 13.37
C ALA A 83 -5.23 3.52 12.70
N ASN A 84 -6.10 2.55 12.93
CA ASN A 84 -7.44 2.57 12.36
C ASN A 84 -8.48 3.01 13.39
N GLU A 85 -8.33 2.50 14.61
CA GLU A 85 -9.25 2.84 15.70
C GLU A 85 -8.50 3.40 16.90
N GLY A 86 -7.37 2.78 17.22
CA GLY A 86 -6.57 3.23 18.34
C GLY A 86 -5.08 3.06 18.11
N ILE A 87 -4.52 1.97 18.65
CA ILE A 87 -3.10 1.69 18.50
C ILE A 87 -2.87 0.22 18.18
N SER A 88 -3.15 -0.64 19.16
CA SER A 88 -2.97 -2.08 18.98
C SER A 88 -3.83 -2.60 17.84
N SER A 89 -4.97 -1.96 17.61
CA SER A 89 -5.87 -2.37 16.54
C SER A 89 -5.34 -1.93 15.18
N ALA A 90 -4.45 -0.95 15.17
CA ALA A 90 -3.87 -0.42 13.94
C ALA A 90 -3.59 -1.54 12.92
N LYS A 91 -4.28 -1.47 11.80
CA LYS A 91 -4.12 -2.47 10.74
C LYS A 91 -2.98 -2.09 9.80
N ASN A 92 -2.77 -2.92 8.78
CA ASN A 92 -1.71 -2.67 7.81
C ASN A 92 -2.23 -2.77 6.38
N LEU A 93 -1.43 -2.32 5.42
CA LEU A 93 -1.79 -2.36 4.02
C LEU A 93 -0.73 -3.05 3.19
N LEU A 94 -1.10 -4.14 2.53
CA LEU A 94 -0.17 -4.90 1.70
C LEU A 94 -0.22 -4.42 0.26
N LEU A 95 0.92 -3.99 -0.26
CA LEU A 95 1.00 -3.50 -1.64
C LEU A 95 2.09 -4.22 -2.42
N LEU A 96 1.67 -5.01 -3.40
CA LEU A 96 2.60 -5.75 -4.24
C LEU A 96 3.04 -4.92 -5.45
N ALA A 97 4.33 -4.67 -5.55
CA ALA A 97 4.88 -3.89 -6.65
C ALA A 97 5.30 -4.78 -7.81
N ASN A 98 4.93 -4.39 -9.02
CA ASN A 98 5.27 -5.16 -10.22
C ASN A 98 6.78 -5.39 -10.30
N SER A 99 7.54 -4.51 -9.67
CA SER A 99 9.00 -4.63 -9.68
C SER A 99 9.56 -4.33 -8.29
N THR A 100 10.67 -5.00 -7.96
CA THR A 100 11.31 -4.82 -6.66
C THR A 100 11.68 -3.36 -6.44
N GLU A 101 12.28 -2.75 -7.45
CA GLU A 101 12.70 -1.35 -7.37
C GLU A 101 11.54 -0.45 -6.95
N GLU A 102 10.35 -0.76 -7.45
CA GLU A 102 9.16 0.02 -7.13
C GLU A 102 8.91 0.01 -5.62
N GLN A 103 9.05 -1.16 -5.01
CA GLN A 103 8.84 -1.31 -3.58
C GLN A 103 9.85 -0.48 -2.79
N GLN A 104 11.09 -0.45 -3.26
CA GLN A 104 12.14 0.31 -2.58
C GLN A 104 11.82 1.80 -2.60
N LYS A 105 11.32 2.28 -3.74
CA LYS A 105 10.98 3.68 -3.88
C LYS A 105 9.72 4.03 -3.10
N TRP A 106 8.67 3.24 -3.30
CA TRP A 106 7.40 3.48 -2.62
C TRP A 106 7.57 3.52 -1.11
N VAL A 107 8.22 2.51 -0.56
CA VAL A 107 8.46 2.43 0.88
C VAL A 107 9.34 3.57 1.37
N SER A 108 10.51 3.72 0.77
CA SER A 108 11.44 4.77 1.14
C SER A 108 10.83 6.16 1.01
N ARG A 109 10.04 6.35 -0.04
CA ARG A 109 9.40 7.65 -0.27
C ARG A 109 8.24 7.89 0.70
N LEU A 110 7.31 6.95 0.74
CA LEU A 110 6.15 7.07 1.62
C LEU A 110 6.57 7.10 3.08
N VAL A 111 7.61 6.33 3.42
CA VAL A 111 8.11 6.29 4.79
C VAL A 111 8.83 7.58 5.15
N LYS A 112 9.63 8.09 4.22
CA LYS A 112 10.37 9.32 4.44
C LYS A 112 9.41 10.48 4.67
N LYS A 113 8.23 10.40 4.05
CA LYS A 113 7.22 11.43 4.20
C LYS A 113 6.63 11.44 5.61
N ILE A 114 6.78 10.31 6.31
CA ILE A 114 6.26 10.19 7.67
C ILE A 114 6.99 11.14 8.62
N PRO A 115 6.24 11.83 9.51
CA PRO A 115 6.83 12.76 10.47
C PRO A 115 7.54 12.04 11.61
N LYS A 116 6.95 10.95 12.09
CA LYS A 116 7.52 10.18 13.18
C LYS A 116 7.83 8.75 12.72
N LYS A 117 8.78 8.62 11.80
CA LYS A 117 9.18 7.31 11.28
C LYS A 117 9.68 6.41 12.41
N SER A 1 6.27 15.52 -8.52
CA SER A 1 5.05 14.67 -8.58
C SER A 1 4.85 13.90 -7.27
N ARG A 2 3.76 13.16 -7.19
CA ARG A 2 3.45 12.38 -6.00
C ARG A 2 3.88 10.93 -6.17
N LEU A 3 4.16 10.27 -5.04
CA LEU A 3 4.54 8.86 -5.08
C LEU A 3 3.31 8.06 -5.48
N GLU A 4 2.93 8.20 -6.74
CA GLU A 4 1.74 7.54 -7.24
C GLU A 4 2.06 6.45 -8.26
N GLY A 5 1.04 5.68 -8.60
CA GLY A 5 1.19 4.61 -9.55
C GLY A 5 0.18 3.51 -9.31
N TRP A 6 0.54 2.28 -9.63
CA TRP A 6 -0.36 1.15 -9.43
C TRP A 6 0.28 0.11 -8.53
N LEU A 7 -0.41 -0.21 -7.45
CA LEU A 7 0.07 -1.20 -6.52
C LEU A 7 -0.94 -2.32 -6.42
N SER A 8 -0.47 -3.52 -6.16
CA SER A 8 -1.35 -4.68 -6.08
C SER A 8 -1.78 -5.00 -4.67
N LEU A 9 -3.07 -5.30 -4.51
CA LEU A 9 -3.65 -5.63 -3.22
C LEU A 9 -4.27 -7.03 -3.27
N PRO A 10 -4.34 -7.72 -2.12
CA PRO A 10 -4.91 -9.06 -2.05
C PRO A 10 -6.38 -9.10 -2.48
N VAL A 11 -6.61 -9.60 -3.69
CA VAL A 11 -7.97 -9.70 -4.24
C VAL A 11 -8.48 -11.12 -4.18
N ARG A 12 -9.73 -11.30 -4.58
CA ARG A 12 -10.36 -12.62 -4.59
C ARG A 12 -11.10 -12.88 -5.90
N ASN A 13 -10.91 -12.00 -6.88
CA ASN A 13 -11.56 -12.12 -8.18
C ASN A 13 -13.07 -12.26 -8.03
N ASN A 14 -13.55 -13.49 -7.84
CA ASN A 14 -14.98 -13.74 -7.69
C ASN A 14 -15.31 -14.17 -6.27
N THR A 15 -14.61 -15.19 -5.78
CA THR A 15 -14.84 -15.69 -4.43
C THR A 15 -13.89 -16.85 -4.12
N LYS A 16 -13.86 -17.84 -5.02
CA LYS A 16 -12.99 -18.99 -4.83
C LYS A 16 -11.55 -18.67 -5.20
N LYS A 17 -11.37 -17.96 -6.31
CA LYS A 17 -10.05 -17.58 -6.78
C LYS A 17 -9.56 -16.31 -6.07
N PHE A 18 -8.33 -15.92 -6.36
CA PHE A 18 -7.74 -14.73 -5.75
C PHE A 18 -6.36 -14.45 -6.36
N GLY A 19 -5.85 -13.25 -6.12
CA GLY A 19 -4.55 -12.88 -6.64
C GLY A 19 -4.16 -11.46 -6.28
N TRP A 20 -3.78 -10.68 -7.29
CA TRP A 20 -3.38 -9.30 -7.08
C TRP A 20 -4.15 -8.36 -8.00
N VAL A 21 -4.27 -7.10 -7.59
CA VAL A 21 -4.99 -6.11 -8.39
C VAL A 21 -4.33 -4.74 -8.29
N LYS A 22 -3.83 -4.23 -9.42
CA LYS A 22 -3.18 -2.93 -9.43
C LYS A 22 -4.18 -1.79 -9.28
N LYS A 23 -4.14 -1.13 -8.13
CA LYS A 23 -5.01 -0.01 -7.86
C LYS A 23 -4.19 1.26 -7.89
N TYR A 24 -4.75 2.34 -8.41
CA TYR A 24 -4.01 3.59 -8.50
C TYR A 24 -3.85 4.24 -7.13
N VAL A 25 -2.65 4.11 -6.58
CA VAL A 25 -2.33 4.69 -5.28
C VAL A 25 -1.46 5.92 -5.46
N ILE A 26 -1.94 7.06 -4.95
CA ILE A 26 -1.21 8.32 -5.05
C ILE A 26 -0.93 8.90 -3.67
N VAL A 27 0.35 8.97 -3.30
CA VAL A 27 0.72 9.51 -2.00
C VAL A 27 0.91 11.02 -2.05
N SER A 28 0.08 11.73 -1.31
CA SER A 28 0.15 13.19 -1.28
C SER A 28 0.97 13.66 -0.07
N SER A 29 1.31 14.95 -0.05
CA SER A 29 2.09 15.52 1.03
C SER A 29 1.34 15.38 2.36
N LYS A 30 1.88 14.54 3.25
CA LYS A 30 1.27 14.32 4.55
C LYS A 30 -0.12 13.69 4.41
N LYS A 31 -0.30 12.89 3.37
CA LYS A 31 -1.58 12.23 3.13
C LYS A 31 -1.45 11.15 2.06
N ILE A 32 -2.18 10.06 2.24
CA ILE A 32 -2.15 8.95 1.28
C ILE A 32 -3.51 8.76 0.63
N LEU A 33 -3.54 8.79 -0.70
CA LEU A 33 -4.78 8.63 -1.44
C LEU A 33 -4.82 7.28 -2.15
N PHE A 34 -6.03 6.72 -2.27
CA PHE A 34 -6.21 5.44 -2.94
C PHE A 34 -7.40 5.50 -3.89
N TYR A 35 -7.16 5.21 -5.17
CA TYR A 35 -8.21 5.24 -6.17
C TYR A 35 -8.28 3.92 -6.93
N ASP A 36 -9.20 3.84 -7.87
CA ASP A 36 -9.37 2.63 -8.68
C ASP A 36 -8.95 2.88 -10.13
N SER A 37 -9.05 4.13 -10.57
CA SER A 37 -8.68 4.50 -11.93
C SER A 37 -8.42 5.99 -12.05
N GLU A 38 -7.85 6.41 -13.17
CA GLU A 38 -7.55 7.81 -13.40
C GLU A 38 -8.83 8.63 -13.52
N GLN A 39 -9.84 8.05 -14.18
CA GLN A 39 -11.12 8.73 -14.36
C GLN A 39 -11.74 9.07 -13.02
N ASP A 40 -11.77 8.10 -12.12
CA ASP A 40 -12.35 8.30 -10.79
C ASP A 40 -11.56 9.34 -10.01
N LYS A 41 -10.26 9.42 -10.28
CA LYS A 41 -9.39 10.38 -9.61
C LYS A 41 -9.80 11.81 -9.94
N GLU A 42 -10.02 12.07 -11.22
CA GLU A 42 -10.42 13.40 -11.67
C GLU A 42 -11.72 13.84 -11.01
N GLN A 43 -12.56 12.86 -10.66
CA GLN A 43 -13.83 13.15 -10.01
C GLN A 43 -13.66 13.43 -8.53
N SER A 44 -12.42 13.35 -8.04
CA SER A 44 -12.13 13.59 -6.64
C SER A 44 -12.83 12.57 -5.74
N ASN A 45 -12.95 11.35 -6.23
CA ASN A 45 -13.60 10.27 -5.48
C ASN A 45 -12.57 9.26 -4.99
N PRO A 46 -11.88 9.57 -3.88
CA PRO A 46 -10.86 8.67 -3.31
C PRO A 46 -11.47 7.42 -2.68
N TYR A 47 -11.14 6.26 -3.24
CA TYR A 47 -11.65 4.99 -2.73
C TYR A 47 -11.25 4.80 -1.27
N MET A 48 -10.10 5.34 -0.90
CA MET A 48 -9.60 5.22 0.47
C MET A 48 -8.40 6.14 0.70
N VAL A 49 -8.44 6.88 1.80
CA VAL A 49 -7.35 7.80 2.13
C VAL A 49 -6.81 7.51 3.53
N LEU A 50 -5.49 7.55 3.66
CA LEU A 50 -4.83 7.30 4.94
C LEU A 50 -3.97 8.49 5.36
N ASP A 51 -3.74 8.61 6.66
CA ASP A 51 -2.95 9.71 7.20
C ASP A 51 -1.51 9.26 7.41
N ILE A 52 -0.58 9.86 6.66
CA ILE A 52 0.84 9.53 6.77
C ILE A 52 1.32 9.67 8.21
N ASP A 53 0.82 10.68 8.91
CA ASP A 53 1.21 10.92 10.29
C ASP A 53 0.66 9.82 11.20
N LYS A 54 -0.46 9.22 10.80
CA LYS A 54 -1.08 8.16 11.58
C LYS A 54 -0.29 6.85 11.47
N LEU A 55 0.52 6.75 10.42
CA LEU A 55 1.33 5.55 10.19
C LEU A 55 2.15 5.20 11.44
N PHE A 56 2.50 3.93 11.56
CA PHE A 56 3.27 3.46 12.70
C PHE A 56 4.65 2.97 12.25
N HIS A 57 4.68 2.31 11.10
CA HIS A 57 5.93 1.79 10.56
C HIS A 57 5.71 1.10 9.22
N VAL A 58 6.54 1.42 8.24
CA VAL A 58 6.44 0.83 6.91
C VAL A 58 7.69 0.02 6.58
N ARG A 59 7.50 -1.24 6.20
CA ARG A 59 8.61 -2.11 5.86
C ARG A 59 8.16 -3.26 4.97
N PRO A 60 9.08 -3.86 4.19
CA PRO A 60 8.78 -4.96 3.29
C PRO A 60 8.32 -6.21 4.05
N VAL A 61 7.54 -7.05 3.38
CA VAL A 61 7.03 -8.28 3.98
C VAL A 61 7.89 -9.48 3.60
N THR A 62 7.75 -10.56 4.37
CA THR A 62 8.51 -11.78 4.11
C THR A 62 7.60 -12.88 3.59
N GLN A 63 8.18 -14.06 3.34
CA GLN A 63 7.42 -15.19 2.84
C GLN A 63 6.37 -15.65 3.85
N THR A 64 6.53 -15.23 5.10
CA THR A 64 5.59 -15.59 6.16
C THR A 64 4.29 -14.78 6.04
N ASP A 65 4.40 -13.59 5.48
CA ASP A 65 3.24 -12.71 5.31
C ASP A 65 2.23 -13.32 4.33
N VAL A 66 2.72 -14.16 3.43
CA VAL A 66 1.86 -14.79 2.44
C VAL A 66 2.19 -16.27 2.30
N TYR A 67 1.49 -16.94 1.40
CA TYR A 67 1.70 -18.36 1.15
C TYR A 67 1.46 -18.70 -0.32
N ARG A 68 0.35 -18.21 -0.85
CA ARG A 68 0.00 -18.45 -2.24
C ARG A 68 0.87 -17.63 -3.18
N ALA A 69 1.40 -16.51 -2.66
CA ALA A 69 2.26 -15.62 -3.44
C ALA A 69 3.46 -16.39 -3.99
N ASP A 70 4.43 -15.64 -4.53
CA ASP A 70 5.63 -16.24 -5.09
C ASP A 70 6.88 -15.65 -4.45
N ALA A 71 7.89 -16.50 -4.23
CA ALA A 71 9.13 -16.06 -3.63
C ALA A 71 9.68 -14.80 -4.31
N LYS A 72 9.36 -14.65 -5.59
CA LYS A 72 9.81 -13.49 -6.36
C LYS A 72 8.97 -12.26 -6.04
N GLU A 73 7.71 -12.49 -5.69
CA GLU A 73 6.80 -11.39 -5.37
C GLU A 73 7.02 -10.88 -3.94
N ILE A 74 7.40 -11.80 -3.05
CA ILE A 74 7.65 -11.44 -1.66
C ILE A 74 8.49 -10.17 -1.53
N PRO A 75 9.67 -10.12 -2.19
CA PRO A 75 10.56 -8.96 -2.13
C PRO A 75 9.94 -7.72 -2.78
N ARG A 76 8.86 -7.91 -3.52
CA ARG A 76 8.18 -6.80 -4.19
C ARG A 76 6.93 -6.36 -3.43
N ILE A 77 6.69 -6.97 -2.27
CA ILE A 77 5.53 -6.61 -1.47
C ILE A 77 5.93 -5.92 -0.17
N PHE A 78 5.26 -4.83 0.15
CA PHE A 78 5.55 -4.06 1.36
C PHE A 78 4.27 -3.78 2.14
N GLN A 79 4.40 -3.74 3.46
CA GLN A 79 3.25 -3.49 4.33
C GLN A 79 3.39 -2.15 5.06
N ILE A 80 2.26 -1.46 5.20
CA ILE A 80 2.25 -0.16 5.87
C ILE A 80 1.25 -0.17 7.04
N LEU A 81 1.76 -0.02 8.25
CA LEU A 81 0.91 0.00 9.45
C LEU A 81 0.41 1.41 9.73
N TYR A 82 -0.86 1.51 10.15
CA TYR A 82 -1.46 2.80 10.45
C TYR A 82 -2.51 2.66 11.54
N ALA A 83 -2.57 3.65 12.42
CA ALA A 83 -3.54 3.65 13.52
C ALA A 83 -4.94 3.94 13.01
N ASN A 84 -5.86 3.01 13.25
CA ASN A 84 -7.24 3.18 12.80
C ASN A 84 -8.14 3.60 13.97
N GLU A 85 -7.97 2.94 15.11
CA GLU A 85 -8.76 3.23 16.30
C GLU A 85 -7.88 3.78 17.42
N GLY A 86 -6.74 3.12 17.64
CA GLY A 86 -5.84 3.54 18.69
C GLY A 86 -4.39 3.23 18.35
N ILE A 87 -3.92 2.06 18.79
CA ILE A 87 -2.55 1.64 18.53
C ILE A 87 -2.49 0.17 18.16
N SER A 88 -2.82 -0.70 19.10
CA SER A 88 -2.81 -2.13 18.87
C SER A 88 -3.76 -2.52 17.74
N SER A 89 -4.85 -1.77 17.61
CA SER A 89 -5.84 -2.04 16.58
C SER A 89 -5.34 -1.61 15.21
N ALA A 90 -4.36 -0.70 15.19
CA ALA A 90 -3.79 -0.18 13.95
C ALA A 90 -3.64 -1.29 12.90
N LYS A 91 -4.33 -1.11 11.77
CA LYS A 91 -4.29 -2.08 10.69
C LYS A 91 -3.11 -1.81 9.76
N ASN A 92 -3.00 -2.62 8.71
CA ASN A 92 -1.92 -2.46 7.75
C ASN A 92 -2.43 -2.58 6.31
N LEU A 93 -1.60 -2.18 5.36
CA LEU A 93 -1.96 -2.25 3.94
C LEU A 93 -0.87 -2.95 3.14
N LEU A 94 -1.24 -4.05 2.50
CA LEU A 94 -0.29 -4.80 1.70
C LEU A 94 -0.35 -4.37 0.24
N LEU A 95 0.79 -3.93 -0.29
CA LEU A 95 0.87 -3.46 -1.66
C LEU A 95 1.99 -4.17 -2.43
N LEU A 96 1.61 -4.92 -3.46
CA LEU A 96 2.57 -5.65 -4.27
C LEU A 96 3.02 -4.78 -5.44
N ALA A 97 4.33 -4.65 -5.61
CA ALA A 97 4.89 -3.85 -6.69
C ALA A 97 5.35 -4.74 -7.84
N ASN A 98 5.02 -4.32 -9.06
CA ASN A 98 5.40 -5.07 -10.26
C ASN A 98 6.91 -5.28 -10.32
N SER A 99 7.65 -4.40 -9.65
CA SER A 99 9.10 -4.49 -9.62
C SER A 99 9.63 -4.27 -8.21
N THR A 100 10.71 -4.96 -7.87
CA THR A 100 11.32 -4.84 -6.54
C THR A 100 11.68 -3.39 -6.24
N GLU A 101 12.29 -2.72 -7.22
CA GLU A 101 12.70 -1.33 -7.06
C GLU A 101 11.53 -0.46 -6.61
N GLU A 102 10.36 -0.70 -7.17
CA GLU A 102 9.16 0.06 -6.82
C GLU A 102 8.87 -0.04 -5.32
N GLN A 103 8.99 -1.25 -4.79
CA GLN A 103 8.74 -1.49 -3.37
C GLN A 103 9.71 -0.69 -2.51
N GLN A 104 10.96 -0.57 -2.99
CA GLN A 104 11.98 0.18 -2.25
C GLN A 104 11.68 1.67 -2.29
N LYS A 105 11.16 2.14 -3.41
CA LYS A 105 10.83 3.56 -3.57
C LYS A 105 9.57 3.92 -2.81
N TRP A 106 8.49 3.17 -3.03
CA TRP A 106 7.22 3.43 -2.36
C TRP A 106 7.38 3.44 -0.85
N VAL A 107 8.00 2.39 -0.32
CA VAL A 107 8.19 2.25 1.12
C VAL A 107 9.13 3.33 1.66
N SER A 108 10.27 3.50 1.01
CA SER A 108 11.27 4.48 1.45
C SER A 108 10.75 5.91 1.33
N ARG A 109 9.98 6.19 0.29
CA ARG A 109 9.45 7.52 0.07
C ARG A 109 8.29 7.83 1.03
N LEU A 110 7.30 6.96 1.04
CA LEU A 110 6.14 7.14 1.90
C LEU A 110 6.55 7.17 3.37
N VAL A 111 7.52 6.34 3.74
CA VAL A 111 8.00 6.28 5.11
C VAL A 111 8.82 7.52 5.47
N LYS A 112 9.69 7.92 4.55
CA LYS A 112 10.54 9.09 4.77
C LYS A 112 9.70 10.35 4.95
N LYS A 113 8.52 10.35 4.35
CA LYS A 113 7.62 11.51 4.45
C LYS A 113 6.91 11.54 5.80
N ILE A 114 6.84 10.39 6.47
CA ILE A 114 6.18 10.29 7.76
C ILE A 114 6.82 11.24 8.78
N PRO A 115 6.01 11.87 9.64
CA PRO A 115 6.51 12.79 10.67
C PRO A 115 7.39 12.09 11.69
N LYS A 116 6.83 11.08 12.33
CA LYS A 116 7.55 10.31 13.35
C LYS A 116 8.33 9.17 12.71
N LYS A 117 9.14 9.49 11.71
CA LYS A 117 9.93 8.49 11.01
C LYS A 117 10.96 7.88 11.95
N SER A 1 4.61 15.72 -9.74
CA SER A 1 3.76 14.78 -8.98
C SER A 1 4.51 14.19 -7.79
N ARG A 2 3.91 13.21 -7.14
CA ARG A 2 4.52 12.56 -5.98
C ARG A 2 4.40 11.05 -6.08
N LEU A 3 4.83 10.34 -5.04
CA LEU A 3 4.77 8.88 -5.01
C LEU A 3 3.41 8.38 -5.46
N GLU A 4 3.29 8.07 -6.75
CA GLU A 4 2.03 7.58 -7.29
C GLU A 4 2.25 6.45 -8.29
N GLY A 5 1.18 5.73 -8.58
CA GLY A 5 1.26 4.62 -9.52
C GLY A 5 0.24 3.55 -9.20
N TRP A 6 0.51 2.32 -9.62
CA TRP A 6 -0.40 1.21 -9.36
C TRP A 6 0.26 0.14 -8.52
N LEU A 7 -0.35 -0.17 -7.39
CA LEU A 7 0.17 -1.20 -6.50
C LEU A 7 -0.89 -2.27 -6.34
N SER A 8 -0.44 -3.51 -6.18
CA SER A 8 -1.36 -4.63 -6.07
C SER A 8 -1.76 -4.92 -4.62
N LEU A 9 -3.00 -5.34 -4.45
CA LEU A 9 -3.54 -5.66 -3.13
C LEU A 9 -4.16 -7.05 -3.15
N PRO A 10 -4.24 -7.72 -1.98
CA PRO A 10 -4.82 -9.06 -1.89
C PRO A 10 -6.28 -9.09 -2.33
N VAL A 11 -6.51 -9.51 -3.57
CA VAL A 11 -7.86 -9.58 -4.11
C VAL A 11 -8.51 -10.92 -3.76
N ARG A 12 -9.78 -11.07 -4.12
CA ARG A 12 -10.52 -12.30 -3.82
C ARG A 12 -11.37 -12.72 -5.01
N ASN A 13 -10.76 -13.40 -5.97
CA ASN A 13 -11.46 -13.86 -7.16
C ASN A 13 -12.63 -14.77 -6.79
N ASN A 14 -12.32 -16.01 -6.46
CA ASN A 14 -13.35 -16.98 -6.08
C ASN A 14 -13.91 -16.67 -4.71
N THR A 15 -13.09 -16.86 -3.68
CA THR A 15 -13.51 -16.59 -2.31
C THR A 15 -12.37 -16.86 -1.33
N LYS A 16 -11.70 -17.99 -1.51
CA LYS A 16 -10.58 -18.37 -0.65
C LYS A 16 -9.26 -17.97 -1.27
N LYS A 17 -9.18 -18.04 -2.59
CA LYS A 17 -7.96 -17.67 -3.31
C LYS A 17 -7.84 -16.15 -3.45
N PHE A 18 -6.63 -15.65 -3.26
CA PHE A 18 -6.38 -14.21 -3.37
C PHE A 18 -5.23 -13.92 -4.32
N GLY A 19 -5.52 -13.14 -5.37
CA GLY A 19 -4.51 -12.79 -6.34
C GLY A 19 -3.93 -11.41 -6.10
N TRP A 20 -3.91 -10.59 -7.15
CA TRP A 20 -3.38 -9.24 -7.04
C TRP A 20 -4.07 -8.29 -8.01
N VAL A 21 -4.37 -7.09 -7.53
CA VAL A 21 -5.02 -6.08 -8.36
C VAL A 21 -4.37 -4.73 -8.12
N LYS A 22 -3.68 -4.20 -9.12
CA LYS A 22 -3.00 -2.92 -8.98
C LYS A 22 -3.98 -1.75 -8.99
N LYS A 23 -4.11 -1.10 -7.84
CA LYS A 23 -4.98 0.05 -7.71
C LYS A 23 -4.13 1.32 -7.72
N TYR A 24 -4.67 2.39 -8.29
CA TYR A 24 -3.92 3.63 -8.37
C TYR A 24 -3.71 4.24 -6.99
N VAL A 25 -2.49 4.08 -6.47
CA VAL A 25 -2.14 4.63 -5.18
C VAL A 25 -1.30 5.89 -5.34
N ILE A 26 -1.72 6.97 -4.70
CA ILE A 26 -0.99 8.22 -4.78
C ILE A 26 -0.80 8.82 -3.39
N VAL A 27 0.44 8.91 -2.96
CA VAL A 27 0.76 9.46 -1.66
C VAL A 27 0.98 10.96 -1.73
N SER A 28 -0.02 11.72 -1.27
CA SER A 28 0.06 13.17 -1.28
C SER A 28 0.77 13.68 -0.04
N SER A 29 1.27 14.91 -0.11
CA SER A 29 1.98 15.52 1.01
C SER A 29 1.15 15.46 2.29
N LYS A 30 1.61 14.66 3.25
CA LYS A 30 0.91 14.50 4.53
C LYS A 30 -0.46 13.87 4.34
N LYS A 31 -0.58 12.96 3.38
CA LYS A 31 -1.84 12.30 3.11
C LYS A 31 -1.69 11.23 2.02
N ILE A 32 -2.21 10.05 2.28
CA ILE A 32 -2.15 8.95 1.33
C ILE A 32 -3.49 8.79 0.62
N LEU A 33 -3.46 8.81 -0.71
CA LEU A 33 -4.68 8.68 -1.50
C LEU A 33 -4.75 7.32 -2.19
N PHE A 34 -5.95 6.75 -2.24
CA PHE A 34 -6.16 5.46 -2.88
C PHE A 34 -7.34 5.52 -3.84
N TYR A 35 -7.08 5.17 -5.09
CA TYR A 35 -8.12 5.19 -6.12
C TYR A 35 -8.22 3.83 -6.82
N ASP A 36 -9.18 3.71 -7.72
CA ASP A 36 -9.38 2.47 -8.47
C ASP A 36 -9.08 2.66 -9.94
N SER A 37 -9.15 3.91 -10.41
CA SER A 37 -8.89 4.23 -11.80
C SER A 37 -8.59 5.71 -11.97
N GLU A 38 -8.30 6.11 -13.20
CA GLU A 38 -8.00 7.51 -13.51
C GLU A 38 -9.28 8.35 -13.55
N GLN A 39 -10.37 7.73 -13.99
CA GLN A 39 -11.65 8.41 -14.08
C GLN A 39 -12.10 8.92 -12.71
N ASP A 40 -12.12 8.02 -11.73
CA ASP A 40 -12.52 8.38 -10.38
C ASP A 40 -11.58 9.42 -9.79
N LYS A 41 -10.32 9.38 -10.19
CA LYS A 41 -9.32 10.31 -9.69
C LYS A 41 -9.69 11.74 -10.06
N GLU A 42 -10.00 11.96 -11.34
CA GLU A 42 -10.37 13.28 -11.83
C GLU A 42 -11.70 13.72 -11.24
N GLN A 43 -12.53 12.76 -10.84
CA GLN A 43 -13.84 13.05 -10.26
C GLN A 43 -13.71 13.50 -8.81
N SER A 44 -12.50 13.49 -8.27
CA SER A 44 -12.26 13.89 -6.89
C SER A 44 -12.96 12.95 -5.93
N ASN A 45 -13.00 11.67 -6.28
CA ASN A 45 -13.65 10.66 -5.44
C ASN A 45 -12.65 9.59 -5.02
N PRO A 46 -11.87 9.84 -3.96
CA PRO A 46 -10.87 8.89 -3.47
C PRO A 46 -11.51 7.67 -2.80
N TYR A 47 -11.13 6.49 -3.27
CA TYR A 47 -11.66 5.24 -2.73
C TYR A 47 -11.35 5.13 -1.23
N MET A 48 -10.15 5.59 -0.86
CA MET A 48 -9.73 5.53 0.54
C MET A 48 -8.43 6.30 0.75
N VAL A 49 -8.35 7.05 1.83
CA VAL A 49 -7.16 7.83 2.14
C VAL A 49 -6.64 7.52 3.54
N LEU A 50 -5.32 7.44 3.67
CA LEU A 50 -4.70 7.16 4.95
C LEU A 50 -3.85 8.34 5.41
N ASP A 51 -3.72 8.50 6.72
CA ASP A 51 -2.94 9.59 7.28
C ASP A 51 -1.48 9.18 7.45
N ILE A 52 -0.59 9.86 6.74
CA ILE A 52 0.84 9.56 6.82
C ILE A 52 1.33 9.64 8.26
N ASP A 53 0.79 10.60 9.00
CA ASP A 53 1.18 10.78 10.40
C ASP A 53 0.71 9.63 11.25
N LYS A 54 -0.40 9.00 10.84
CA LYS A 54 -0.95 7.86 11.57
C LYS A 54 -0.07 6.63 11.42
N LEU A 55 0.72 6.59 10.35
CA LEU A 55 1.61 5.46 10.10
C LEU A 55 2.51 5.18 11.30
N PHE A 56 2.56 3.92 11.72
CA PHE A 56 3.38 3.54 12.86
C PHE A 56 4.74 3.05 12.39
N HIS A 57 4.79 2.42 11.23
CA HIS A 57 6.04 1.91 10.68
C HIS A 57 5.81 1.21 9.34
N VAL A 58 6.70 1.47 8.39
CA VAL A 58 6.62 0.87 7.07
C VAL A 58 7.82 -0.02 6.81
N ARG A 59 7.57 -1.27 6.43
CA ARG A 59 8.65 -2.22 6.16
C ARG A 59 8.18 -3.34 5.24
N PRO A 60 9.11 -3.96 4.50
CA PRO A 60 8.79 -5.05 3.57
C PRO A 60 8.25 -6.28 4.29
N VAL A 61 7.70 -7.22 3.53
CA VAL A 61 7.14 -8.44 4.09
C VAL A 61 8.00 -9.65 3.72
N THR A 62 7.65 -10.80 4.27
CA THR A 62 8.38 -12.03 3.99
C THR A 62 7.44 -13.13 3.52
N GLN A 63 7.99 -14.32 3.30
CA GLN A 63 7.20 -15.46 2.84
C GLN A 63 6.12 -15.82 3.87
N THR A 64 6.29 -15.36 5.10
CA THR A 64 5.33 -15.65 6.16
C THR A 64 4.10 -14.76 6.03
N ASP A 65 4.26 -13.59 5.42
CA ASP A 65 3.16 -12.65 5.24
C ASP A 65 2.12 -13.22 4.26
N VAL A 66 2.58 -14.02 3.31
CA VAL A 66 1.71 -14.61 2.31
C VAL A 66 1.97 -16.11 2.17
N TYR A 67 1.26 -16.73 1.24
CA TYR A 67 1.42 -18.16 1.00
C TYR A 67 1.29 -18.47 -0.50
N ARG A 68 0.09 -18.27 -1.02
CA ARG A 68 -0.18 -18.52 -2.44
C ARG A 68 0.75 -17.68 -3.32
N ALA A 69 1.24 -16.57 -2.77
CA ALA A 69 2.13 -15.68 -3.50
C ALA A 69 3.36 -16.43 -4.02
N ASP A 70 4.35 -15.68 -4.50
CA ASP A 70 5.57 -16.27 -5.02
C ASP A 70 6.79 -15.62 -4.39
N ALA A 71 7.83 -16.42 -4.16
CA ALA A 71 9.06 -15.93 -3.56
C ALA A 71 9.58 -14.69 -4.28
N LYS A 72 9.25 -14.57 -5.55
CA LYS A 72 9.68 -13.43 -6.36
C LYS A 72 8.86 -12.19 -6.01
N GLU A 73 7.60 -12.40 -5.66
CA GLU A 73 6.71 -11.29 -5.32
C GLU A 73 6.95 -10.81 -3.89
N ILE A 74 7.36 -11.73 -3.01
CA ILE A 74 7.62 -11.40 -1.61
C ILE A 74 8.49 -10.14 -1.49
N PRO A 75 9.64 -10.09 -2.17
CA PRO A 75 10.54 -8.92 -2.11
C PRO A 75 9.94 -7.69 -2.76
N ARG A 76 8.87 -7.89 -3.55
CA ARG A 76 8.21 -6.79 -4.23
C ARG A 76 6.94 -6.36 -3.47
N ILE A 77 6.76 -6.88 -2.27
CA ILE A 77 5.59 -6.55 -1.46
C ILE A 77 6.00 -5.86 -0.16
N PHE A 78 5.38 -4.71 0.11
CA PHE A 78 5.68 -3.96 1.32
C PHE A 78 4.41 -3.69 2.11
N GLN A 79 4.51 -3.70 3.44
CA GLN A 79 3.37 -3.46 4.30
C GLN A 79 3.51 -2.15 5.07
N ILE A 80 2.40 -1.44 5.23
CA ILE A 80 2.40 -0.17 5.94
C ILE A 80 1.37 -0.18 7.07
N LEU A 81 1.84 -0.03 8.31
CA LEU A 81 0.96 -0.02 9.46
C LEU A 81 0.45 1.38 9.76
N TYR A 82 -0.79 1.48 10.22
CA TYR A 82 -1.39 2.76 10.55
C TYR A 82 -2.53 2.60 11.55
N ALA A 83 -2.64 3.55 12.46
CA ALA A 83 -3.69 3.51 13.49
C ALA A 83 -5.07 3.73 12.87
N ASN A 84 -6.00 2.84 13.19
CA ASN A 84 -7.36 2.95 12.67
C ASN A 84 -8.34 3.35 13.77
N GLU A 85 -8.20 2.71 14.93
CA GLU A 85 -9.07 3.00 16.07
C GLU A 85 -8.25 3.50 17.25
N GLY A 86 -7.08 2.91 17.45
CA GLY A 86 -6.21 3.32 18.54
C GLY A 86 -4.75 3.08 18.25
N ILE A 87 -4.22 1.96 18.74
CA ILE A 87 -2.82 1.61 18.52
C ILE A 87 -2.68 0.14 18.15
N SER A 88 -2.97 -0.73 19.11
CA SER A 88 -2.86 -2.17 18.90
C SER A 88 -3.80 -2.62 17.78
N SER A 89 -4.92 -1.93 17.63
CA SER A 89 -5.90 -2.26 16.60
C SER A 89 -5.41 -1.82 15.22
N ALA A 90 -4.47 -0.86 15.20
CA ALA A 90 -3.92 -0.33 13.96
C ALA A 90 -3.75 -1.42 12.90
N LYS A 91 -4.35 -1.19 11.73
CA LYS A 91 -4.27 -2.14 10.63
C LYS A 91 -3.11 -1.79 9.69
N ASN A 92 -2.89 -2.64 8.70
CA ASN A 92 -1.81 -2.42 7.74
C ASN A 92 -2.31 -2.52 6.32
N LEU A 93 -1.48 -2.11 5.37
CA LEU A 93 -1.84 -2.15 3.96
C LEU A 93 -0.76 -2.86 3.16
N LEU A 94 -1.13 -3.96 2.50
CA LEU A 94 -0.19 -4.73 1.71
C LEU A 94 -0.24 -4.27 0.25
N LEU A 95 0.90 -3.84 -0.27
CA LEU A 95 0.98 -3.37 -1.64
C LEU A 95 2.08 -4.12 -2.41
N LEU A 96 1.67 -4.79 -3.47
CA LEU A 96 2.61 -5.54 -4.31
C LEU A 96 3.06 -4.69 -5.49
N ALA A 97 4.37 -4.68 -5.72
CA ALA A 97 4.94 -3.90 -6.82
C ALA A 97 5.38 -4.81 -7.97
N ASN A 98 5.16 -4.36 -9.19
CA ASN A 98 5.54 -5.13 -10.38
C ASN A 98 7.02 -5.45 -10.35
N SER A 99 7.80 -4.56 -9.73
CA SER A 99 9.24 -4.75 -9.64
C SER A 99 9.74 -4.43 -8.23
N THR A 100 10.79 -5.13 -7.81
CA THR A 100 11.36 -4.92 -6.48
C THR A 100 11.72 -3.46 -6.27
N GLU A 101 12.39 -2.87 -7.26
CA GLU A 101 12.81 -1.47 -7.19
C GLU A 101 11.64 -0.56 -6.84
N GLU A 102 10.49 -0.83 -7.44
CA GLU A 102 9.29 -0.03 -7.19
C GLU A 102 8.94 -0.02 -5.71
N GLN A 103 9.09 -1.18 -5.06
CA GLN A 103 8.79 -1.31 -3.64
C GLN A 103 9.79 -0.51 -2.80
N GLN A 104 11.05 -0.52 -3.22
CA GLN A 104 12.09 0.19 -2.49
C GLN A 104 11.78 1.68 -2.43
N LYS A 105 11.48 2.26 -3.59
CA LYS A 105 11.16 3.68 -3.68
C LYS A 105 9.86 4.01 -2.96
N TRP A 106 8.83 3.19 -3.21
CA TRP A 106 7.53 3.41 -2.58
C TRP A 106 7.64 3.45 -1.06
N VAL A 107 8.27 2.43 -0.51
CA VAL A 107 8.44 2.33 0.94
C VAL A 107 9.33 3.44 1.48
N SER A 108 10.47 3.66 0.83
CA SER A 108 11.40 4.69 1.27
C SER A 108 10.80 6.09 1.15
N ARG A 109 10.00 6.31 0.12
CA ARG A 109 9.37 7.61 -0.11
C ARG A 109 8.22 7.84 0.87
N LEU A 110 7.27 6.90 0.90
CA LEU A 110 6.11 7.00 1.77
C LEU A 110 6.54 7.08 3.24
N VAL A 111 7.56 6.33 3.60
CA VAL A 111 8.05 6.32 4.96
C VAL A 111 8.78 7.62 5.30
N LYS A 112 9.59 8.09 4.37
CA LYS A 112 10.33 9.33 4.56
C LYS A 112 9.38 10.50 4.74
N LYS A 113 8.19 10.39 4.16
CA LYS A 113 7.19 11.45 4.27
C LYS A 113 6.55 11.47 5.66
N ILE A 114 6.68 10.36 6.38
CA ILE A 114 6.12 10.25 7.72
C ILE A 114 6.68 11.34 8.64
N PRO A 115 5.79 12.05 9.37
CA PRO A 115 6.19 13.12 10.28
C PRO A 115 6.76 12.59 11.59
N LYS A 116 6.17 11.51 12.09
CA LYS A 116 6.61 10.89 13.33
C LYS A 116 7.72 9.86 13.08
N LYS A 117 8.76 10.29 12.37
CA LYS A 117 9.88 9.42 12.06
C LYS A 117 10.52 8.87 13.34
N SER A 1 4.68 16.31 -9.01
CA SER A 1 3.91 15.12 -8.57
C SER A 1 4.54 14.48 -7.34
N ARG A 2 4.08 13.28 -7.01
CA ARG A 2 4.61 12.55 -5.85
C ARG A 2 4.39 11.05 -6.01
N LEU A 3 4.75 10.29 -4.98
CA LEU A 3 4.58 8.84 -5.00
C LEU A 3 3.21 8.44 -5.51
N GLU A 4 3.16 7.85 -6.71
CA GLU A 4 1.90 7.45 -7.30
C GLU A 4 2.09 6.31 -8.31
N GLY A 5 1.03 5.59 -8.58
CA GLY A 5 1.08 4.49 -9.53
C GLY A 5 0.07 3.41 -9.21
N TRP A 6 0.38 2.18 -9.56
CA TRP A 6 -0.53 1.08 -9.30
C TRP A 6 0.12 0.02 -8.43
N LEU A 7 -0.53 -0.30 -7.32
CA LEU A 7 -0.04 -1.31 -6.41
C LEU A 7 -1.07 -2.42 -6.28
N SER A 8 -0.61 -3.61 -5.97
CA SER A 8 -1.51 -4.76 -5.87
C SER A 8 -1.98 -4.98 -4.44
N LEU A 9 -3.28 -5.25 -4.31
CA LEU A 9 -3.89 -5.50 -3.01
C LEU A 9 -4.59 -6.85 -3.02
N PRO A 10 -4.64 -7.55 -1.87
CA PRO A 10 -5.29 -8.85 -1.76
C PRO A 10 -6.78 -8.79 -2.08
N VAL A 11 -7.15 -9.36 -3.22
CA VAL A 11 -8.55 -9.35 -3.65
C VAL A 11 -9.08 -10.78 -3.79
N ARG A 12 -10.26 -11.03 -3.23
CA ARG A 12 -10.88 -12.34 -3.30
C ARG A 12 -11.27 -12.69 -4.73
N ASN A 13 -10.37 -13.37 -5.43
CA ASN A 13 -10.62 -13.77 -6.81
C ASN A 13 -11.86 -14.65 -6.91
N ASN A 14 -12.02 -15.55 -5.95
CA ASN A 14 -13.16 -16.45 -5.93
C ASN A 14 -14.05 -16.19 -4.71
N THR A 15 -13.45 -16.23 -3.52
CA THR A 15 -14.19 -16.00 -2.28
C THR A 15 -13.26 -16.09 -1.08
N LYS A 16 -12.44 -17.13 -1.04
CA LYS A 16 -11.51 -17.35 0.06
C LYS A 16 -10.07 -17.35 -0.44
N LYS A 17 -9.81 -16.61 -1.51
CA LYS A 17 -8.48 -16.53 -2.08
C LYS A 17 -8.16 -15.10 -2.51
N PHE A 18 -7.32 -14.42 -1.72
CA PHE A 18 -6.95 -13.04 -2.02
C PHE A 18 -5.72 -12.99 -2.92
N GLY A 19 -5.93 -12.68 -4.18
CA GLY A 19 -4.82 -12.58 -5.12
C GLY A 19 -4.20 -11.20 -5.13
N TRP A 20 -4.27 -10.53 -6.28
CA TRP A 20 -3.71 -9.19 -6.40
C TRP A 20 -4.51 -8.36 -7.40
N VAL A 21 -4.48 -7.04 -7.21
CA VAL A 21 -5.17 -6.12 -8.10
C VAL A 21 -4.52 -4.74 -8.06
N LYS A 22 -4.03 -4.29 -9.21
CA LYS A 22 -3.38 -2.99 -9.29
C LYS A 22 -4.38 -1.86 -9.15
N LYS A 23 -4.29 -1.17 -8.02
CA LYS A 23 -5.15 -0.02 -7.76
C LYS A 23 -4.30 1.24 -7.78
N TYR A 24 -4.87 2.33 -8.25
CA TYR A 24 -4.10 3.57 -8.33
C TYR A 24 -3.90 4.20 -6.95
N VAL A 25 -2.69 4.04 -6.44
CA VAL A 25 -2.33 4.59 -5.14
C VAL A 25 -1.46 5.82 -5.32
N ILE A 26 -1.76 6.87 -4.58
CA ILE A 26 -0.98 8.10 -4.67
C ILE A 26 -0.79 8.73 -3.31
N VAL A 27 0.46 8.77 -2.85
CA VAL A 27 0.77 9.34 -1.55
C VAL A 27 0.99 10.84 -1.64
N SER A 28 0.00 11.61 -1.18
CA SER A 28 0.08 13.07 -1.21
C SER A 28 0.91 13.59 -0.06
N SER A 29 1.30 14.86 -0.14
CA SER A 29 2.11 15.47 0.90
C SER A 29 1.45 15.35 2.26
N LYS A 30 2.03 14.53 3.14
CA LYS A 30 1.50 14.33 4.48
C LYS A 30 0.11 13.68 4.43
N LYS A 31 -0.13 12.89 3.39
CA LYS A 31 -1.42 12.22 3.23
C LYS A 31 -1.33 11.10 2.20
N ILE A 32 -2.19 10.10 2.35
CA ILE A 32 -2.22 8.97 1.44
C ILE A 32 -3.60 8.83 0.79
N LEU A 33 -3.62 8.80 -0.53
CA LEU A 33 -4.88 8.67 -1.27
C LEU A 33 -4.91 7.38 -2.08
N PHE A 34 -6.06 6.70 -2.05
CA PHE A 34 -6.24 5.45 -2.78
C PHE A 34 -7.38 5.58 -3.78
N TYR A 35 -7.09 5.24 -5.03
CA TYR A 35 -8.08 5.32 -6.10
C TYR A 35 -8.17 4.00 -6.85
N ASP A 36 -9.17 3.90 -7.74
CA ASP A 36 -9.37 2.70 -8.53
C ASP A 36 -8.97 2.94 -9.99
N SER A 37 -9.02 4.21 -10.41
CA SER A 37 -8.66 4.57 -11.78
C SER A 37 -8.40 6.07 -11.88
N GLU A 38 -7.94 6.50 -13.06
CA GLU A 38 -7.66 7.91 -13.29
C GLU A 38 -8.95 8.71 -13.42
N GLN A 39 -9.96 8.10 -14.02
CA GLN A 39 -11.26 8.75 -14.20
C GLN A 39 -11.84 9.19 -12.87
N ASP A 40 -11.83 8.28 -11.90
CA ASP A 40 -12.36 8.58 -10.57
C ASP A 40 -11.46 9.55 -9.83
N LYS A 41 -10.16 9.51 -10.13
CA LYS A 41 -9.19 10.40 -9.50
C LYS A 41 -9.55 11.86 -9.75
N GLU A 42 -9.77 12.21 -11.01
CA GLU A 42 -10.11 13.58 -11.38
C GLU A 42 -11.50 13.96 -10.85
N GLN A 43 -12.31 12.94 -10.51
CA GLN A 43 -13.65 13.19 -10.00
C GLN A 43 -13.61 13.58 -8.53
N SER A 44 -12.43 13.57 -7.93
CA SER A 44 -12.28 13.94 -6.52
C SER A 44 -13.06 12.99 -5.63
N ASN A 45 -13.00 11.69 -5.94
CA ASN A 45 -13.71 10.69 -5.16
C ASN A 45 -12.76 9.57 -4.74
N PRO A 46 -11.86 9.86 -3.77
CA PRO A 46 -10.89 8.88 -3.27
C PRO A 46 -11.56 7.62 -2.73
N TYR A 47 -11.04 6.46 -3.13
CA TYR A 47 -11.58 5.19 -2.67
C TYR A 47 -11.21 4.95 -1.22
N MET A 48 -10.05 5.44 -0.83
CA MET A 48 -9.56 5.28 0.55
C MET A 48 -8.40 6.22 0.81
N VAL A 49 -8.49 6.99 1.90
CA VAL A 49 -7.45 7.94 2.26
C VAL A 49 -6.89 7.66 3.65
N LEU A 50 -5.57 7.64 3.75
CA LEU A 50 -4.89 7.39 5.02
C LEU A 50 -4.00 8.58 5.39
N ASP A 51 -3.73 8.73 6.68
CA ASP A 51 -2.90 9.83 7.16
C ASP A 51 -1.46 9.35 7.38
N ILE A 52 -0.52 9.95 6.65
CA ILE A 52 0.89 9.60 6.77
C ILE A 52 1.37 9.72 8.21
N ASP A 53 0.91 10.77 8.89
CA ASP A 53 1.29 10.99 10.28
C ASP A 53 0.72 9.89 11.18
N LYS A 54 -0.39 9.30 10.77
CA LYS A 54 -1.02 8.24 11.54
C LYS A 54 -0.24 6.93 11.42
N LEU A 55 0.59 6.83 10.39
CA LEU A 55 1.39 5.62 10.17
C LEU A 55 2.18 5.26 11.43
N PHE A 56 2.48 3.98 11.58
CA PHE A 56 3.25 3.50 12.73
C PHE A 56 4.61 2.98 12.30
N HIS A 57 4.64 2.31 11.14
CA HIS A 57 5.89 1.76 10.63
C HIS A 57 5.69 1.11 9.25
N VAL A 58 6.62 1.35 8.35
CA VAL A 58 6.55 0.79 7.00
C VAL A 58 7.79 -0.05 6.70
N ARG A 59 7.57 -1.26 6.20
CA ARG A 59 8.68 -2.16 5.88
C ARG A 59 8.23 -3.28 4.94
N PRO A 60 9.18 -3.86 4.18
CA PRO A 60 8.87 -4.96 3.25
C PRO A 60 8.40 -6.21 3.97
N VAL A 61 7.83 -7.15 3.21
CA VAL A 61 7.35 -8.40 3.79
C VAL A 61 8.30 -9.56 3.46
N THR A 62 7.98 -10.73 3.99
CA THR A 62 8.81 -11.91 3.77
C THR A 62 7.95 -13.11 3.34
N GLN A 63 8.58 -14.27 3.22
CA GLN A 63 7.87 -15.48 2.82
C GLN A 63 6.83 -15.87 3.85
N THR A 64 6.95 -15.32 5.07
CA THR A 64 6.02 -15.62 6.14
C THR A 64 4.72 -14.82 5.98
N ASP A 65 4.82 -13.70 5.27
CA ASP A 65 3.65 -12.84 5.06
C ASP A 65 2.62 -13.52 4.17
N VAL A 66 3.09 -14.33 3.23
CA VAL A 66 2.20 -15.05 2.32
C VAL A 66 2.78 -16.40 1.94
N TYR A 67 1.90 -17.29 1.49
CA TYR A 67 2.31 -18.63 1.09
C TYR A 67 1.99 -18.89 -0.38
N ARG A 68 0.75 -18.62 -0.76
CA ARG A 68 0.31 -18.82 -2.14
C ARG A 68 1.12 -17.94 -3.10
N ALA A 69 1.61 -16.82 -2.59
CA ALA A 69 2.40 -15.88 -3.40
C ALA A 69 3.61 -16.58 -4.02
N ASP A 70 4.53 -15.80 -4.56
CA ASP A 70 5.73 -16.33 -5.18
C ASP A 70 6.98 -15.71 -4.58
N ALA A 71 8.00 -16.53 -4.36
CA ALA A 71 9.27 -16.06 -3.79
C ALA A 71 9.78 -14.82 -4.50
N LYS A 72 9.42 -14.68 -5.77
CA LYS A 72 9.85 -13.52 -6.56
C LYS A 72 9.05 -12.29 -6.19
N GLU A 73 7.79 -12.48 -5.81
CA GLU A 73 6.92 -11.37 -5.42
C GLU A 73 7.20 -10.91 -4.00
N ILE A 74 7.58 -11.85 -3.14
CA ILE A 74 7.87 -11.54 -1.73
C ILE A 74 8.72 -10.28 -1.59
N PRO A 75 9.85 -10.19 -2.31
CA PRO A 75 10.73 -9.01 -2.24
C PRO A 75 10.13 -7.77 -2.90
N ARG A 76 8.97 -7.94 -3.54
CA ARG A 76 8.31 -6.83 -4.21
C ARG A 76 7.03 -6.41 -3.48
N ILE A 77 6.81 -6.98 -2.30
CA ILE A 77 5.63 -6.67 -1.50
C ILE A 77 6.02 -6.00 -0.19
N PHE A 78 5.37 -4.88 0.12
CA PHE A 78 5.64 -4.15 1.35
C PHE A 78 4.36 -3.88 2.13
N GLN A 79 4.47 -3.82 3.45
CA GLN A 79 3.32 -3.58 4.32
C GLN A 79 3.45 -2.25 5.04
N ILE A 80 2.31 -1.59 5.27
CA ILE A 80 2.28 -0.31 5.97
C ILE A 80 1.22 -0.31 7.07
N LEU A 81 1.69 -0.18 8.31
CA LEU A 81 0.78 -0.15 9.46
C LEU A 81 0.31 1.27 9.76
N TYR A 82 -0.97 1.42 10.06
CA TYR A 82 -1.54 2.72 10.37
C TYR A 82 -2.69 2.60 11.37
N ALA A 83 -2.81 3.60 12.23
CA ALA A 83 -3.86 3.61 13.24
C ALA A 83 -5.22 3.91 12.62
N ASN A 84 -6.16 3.00 12.78
CA ASN A 84 -7.50 3.18 12.24
C ASN A 84 -8.46 3.73 13.30
N GLU A 85 -8.36 3.22 14.51
CA GLU A 85 -9.21 3.67 15.60
C GLU A 85 -8.39 4.10 16.81
N GLY A 86 -7.41 3.27 17.18
CA GLY A 86 -6.56 3.58 18.31
C GLY A 86 -5.11 3.25 18.06
N ILE A 87 -4.68 2.08 18.55
CA ILE A 87 -3.30 1.65 18.38
C ILE A 87 -3.23 0.17 18.02
N SER A 88 -3.61 -0.68 18.96
CA SER A 88 -3.61 -2.13 18.75
C SER A 88 -4.48 -2.52 17.58
N SER A 89 -5.55 -1.74 17.36
CA SER A 89 -6.48 -2.02 16.26
C SER A 89 -5.87 -1.60 14.92
N ALA A 90 -4.87 -0.72 14.97
CA ALA A 90 -4.20 -0.24 13.76
C ALA A 90 -3.98 -1.36 12.75
N LYS A 91 -4.59 -1.21 11.57
CA LYS A 91 -4.45 -2.22 10.52
C LYS A 91 -3.24 -1.92 9.64
N ASN A 92 -3.02 -2.78 8.65
CA ASN A 92 -1.89 -2.61 7.73
C ASN A 92 -2.36 -2.71 6.28
N LEU A 93 -1.51 -2.25 5.36
CA LEU A 93 -1.83 -2.28 3.94
C LEU A 93 -0.74 -2.96 3.15
N LEU A 94 -1.06 -4.09 2.54
CA LEU A 94 -0.09 -4.84 1.75
C LEU A 94 -0.14 -4.38 0.30
N LEU A 95 1.00 -3.94 -0.21
CA LEU A 95 1.08 -3.45 -1.59
C LEU A 95 2.20 -4.14 -2.35
N LEU A 96 1.85 -4.79 -3.44
CA LEU A 96 2.82 -5.48 -4.28
C LEU A 96 3.30 -4.58 -5.41
N ALA A 97 4.59 -4.64 -5.70
CA ALA A 97 5.18 -3.82 -6.75
C ALA A 97 5.64 -4.69 -7.92
N ASN A 98 5.20 -4.32 -9.12
CA ASN A 98 5.57 -5.06 -10.32
C ASN A 98 7.07 -5.30 -10.40
N SER A 99 7.83 -4.40 -9.77
CA SER A 99 9.28 -4.51 -9.76
C SER A 99 9.83 -4.26 -8.35
N THR A 100 10.89 -4.98 -8.00
CA THR A 100 11.50 -4.85 -6.69
C THR A 100 11.84 -3.39 -6.40
N GLU A 101 12.41 -2.72 -7.39
CA GLU A 101 12.80 -1.31 -7.26
C GLU A 101 11.61 -0.47 -6.79
N GLU A 102 10.43 -0.77 -7.32
CA GLU A 102 9.22 -0.03 -6.95
C GLU A 102 8.95 -0.15 -5.46
N GLN A 103 9.17 -1.35 -4.91
CA GLN A 103 8.95 -1.59 -3.49
C GLN A 103 9.89 -0.73 -2.65
N GLN A 104 11.12 -0.56 -3.14
CA GLN A 104 12.12 0.24 -2.41
C GLN A 104 11.77 1.72 -2.49
N LYS A 105 11.20 2.12 -3.63
CA LYS A 105 10.82 3.52 -3.84
C LYS A 105 9.57 3.87 -3.04
N TRP A 106 8.51 3.08 -3.23
CA TRP A 106 7.26 3.33 -2.53
C TRP A 106 7.44 3.35 -1.02
N VAL A 107 8.09 2.31 -0.50
CA VAL A 107 8.32 2.18 0.94
C VAL A 107 9.21 3.32 1.45
N SER A 108 10.33 3.54 0.79
CA SER A 108 11.27 4.59 1.19
C SER A 108 10.66 5.99 1.04
N ARG A 109 9.86 6.18 0.00
CA ARG A 109 9.22 7.47 -0.23
C ARG A 109 8.07 7.71 0.74
N LEU A 110 7.13 6.77 0.78
CA LEU A 110 5.97 6.88 1.66
C LEU A 110 6.41 7.00 3.13
N VAL A 111 7.43 6.24 3.50
CA VAL A 111 7.94 6.28 4.87
C VAL A 111 8.64 7.61 5.15
N LYS A 112 9.42 8.07 4.18
CA LYS A 112 10.15 9.32 4.32
C LYS A 112 9.18 10.47 4.56
N LYS A 113 7.97 10.34 4.02
CA LYS A 113 6.94 11.36 4.17
C LYS A 113 6.44 11.41 5.61
N ILE A 114 6.54 10.28 6.31
CA ILE A 114 6.11 10.19 7.70
C ILE A 114 6.83 11.22 8.56
N PRO A 115 6.10 11.90 9.47
CA PRO A 115 6.68 12.91 10.35
C PRO A 115 7.66 12.31 11.36
N LYS A 116 7.27 11.21 11.98
CA LYS A 116 8.11 10.53 12.96
C LYS A 116 8.84 9.36 12.33
N LYS A 117 9.36 9.56 11.12
CA LYS A 117 10.08 8.52 10.41
C LYS A 117 11.30 8.06 11.21
N SER A 1 4.80 15.72 -9.61
CA SER A 1 3.88 14.88 -8.79
C SER A 1 4.62 14.23 -7.62
N ARG A 2 3.92 13.37 -6.91
CA ARG A 2 4.50 12.67 -5.77
C ARG A 2 4.40 11.16 -5.94
N LEU A 3 4.86 10.41 -4.94
CA LEU A 3 4.82 8.95 -4.98
C LEU A 3 3.45 8.44 -5.41
N GLU A 4 3.30 8.19 -6.70
CA GLU A 4 2.04 7.69 -7.23
C GLU A 4 2.25 6.58 -8.25
N GLY A 5 1.20 5.81 -8.50
CA GLY A 5 1.28 4.71 -9.44
C GLY A 5 0.25 3.64 -9.12
N TRP A 6 0.53 2.40 -9.51
CA TRP A 6 -0.38 1.30 -9.24
C TRP A 6 0.29 0.23 -8.42
N LEU A 7 -0.35 -0.12 -7.31
CA LEU A 7 0.18 -1.16 -6.43
C LEU A 7 -0.84 -2.27 -6.30
N SER A 8 -0.37 -3.49 -6.10
CA SER A 8 -1.27 -4.64 -6.02
C SER A 8 -1.72 -4.92 -4.60
N LEU A 9 -2.98 -5.33 -4.48
CA LEU A 9 -3.57 -5.64 -3.20
C LEU A 9 -4.19 -7.03 -3.23
N PRO A 10 -4.29 -7.70 -2.06
CA PRO A 10 -4.86 -9.04 -1.97
C PRO A 10 -6.29 -9.09 -2.50
N VAL A 11 -6.42 -9.49 -3.77
CA VAL A 11 -7.73 -9.59 -4.40
C VAL A 11 -8.42 -10.91 -4.03
N ARG A 12 -9.65 -11.09 -4.49
CA ARG A 12 -10.40 -12.30 -4.20
C ARG A 12 -11.06 -12.84 -5.47
N ASN A 13 -10.31 -13.63 -6.22
CA ASN A 13 -10.82 -14.22 -7.46
C ASN A 13 -12.13 -14.97 -7.21
N ASN A 14 -12.10 -15.90 -6.27
CA ASN A 14 -13.29 -16.68 -5.95
C ASN A 14 -13.78 -16.37 -4.53
N THR A 15 -12.92 -16.62 -3.54
CA THR A 15 -13.25 -16.37 -2.14
C THR A 15 -12.13 -16.82 -1.22
N LYS A 16 -11.54 -17.97 -1.53
CA LYS A 16 -10.45 -18.51 -0.73
C LYS A 16 -9.10 -18.12 -1.30
N LYS A 17 -9.03 -18.04 -2.63
CA LYS A 17 -7.78 -17.67 -3.30
C LYS A 17 -7.69 -16.16 -3.48
N PHE A 18 -6.50 -15.61 -3.22
CA PHE A 18 -6.28 -14.18 -3.34
C PHE A 18 -5.09 -13.88 -4.24
N GLY A 19 -5.34 -13.19 -5.34
CA GLY A 19 -4.28 -12.84 -6.27
C GLY A 19 -3.75 -11.44 -6.03
N TRP A 20 -3.59 -10.68 -7.12
CA TRP A 20 -3.10 -9.31 -7.02
C TRP A 20 -3.77 -8.40 -8.05
N VAL A 21 -4.12 -7.20 -7.62
CA VAL A 21 -4.75 -6.22 -8.49
C VAL A 21 -4.17 -4.84 -8.20
N LYS A 22 -3.49 -4.26 -9.18
CA LYS A 22 -2.91 -2.95 -8.97
C LYS A 22 -3.97 -1.86 -8.97
N LYS A 23 -3.87 -0.98 -8.00
CA LYS A 23 -4.79 0.13 -7.85
C LYS A 23 -4.01 1.43 -7.82
N TYR A 24 -4.57 2.48 -8.38
CA TYR A 24 -3.88 3.76 -8.43
C TYR A 24 -3.70 4.35 -7.02
N VAL A 25 -2.49 4.22 -6.50
CA VAL A 25 -2.16 4.75 -5.19
C VAL A 25 -1.31 6.00 -5.32
N ILE A 26 -1.74 7.07 -4.67
CA ILE A 26 -1.01 8.34 -4.72
C ILE A 26 -0.79 8.88 -3.32
N VAL A 27 0.47 8.95 -2.90
CA VAL A 27 0.81 9.45 -1.58
C VAL A 27 1.06 10.96 -1.63
N SER A 28 0.10 11.72 -1.15
CA SER A 28 0.22 13.18 -1.14
C SER A 28 1.02 13.66 0.07
N SER A 29 1.49 14.90 -0.01
CA SER A 29 2.28 15.48 1.08
C SER A 29 1.53 15.37 2.41
N LYS A 30 2.02 14.50 3.29
CA LYS A 30 1.41 14.30 4.60
C LYS A 30 0.01 13.69 4.47
N LYS A 31 -0.21 12.93 3.41
CA LYS A 31 -1.49 12.29 3.16
C LYS A 31 -1.35 11.14 2.17
N ILE A 32 -2.23 10.15 2.30
CA ILE A 32 -2.22 8.99 1.41
C ILE A 32 -3.56 8.79 0.75
N LEU A 33 -3.57 8.80 -0.59
CA LEU A 33 -4.81 8.63 -1.35
C LEU A 33 -4.82 7.29 -2.07
N PHE A 34 -6.01 6.71 -2.21
CA PHE A 34 -6.15 5.43 -2.89
C PHE A 34 -7.31 5.47 -3.88
N TYR A 35 -7.05 5.01 -5.10
CA TYR A 35 -8.06 4.98 -6.14
C TYR A 35 -8.03 3.66 -6.90
N ASP A 36 -9.08 3.40 -7.67
CA ASP A 36 -9.17 2.18 -8.45
C ASP A 36 -8.96 2.44 -9.93
N SER A 37 -9.17 3.69 -10.35
CA SER A 37 -9.00 4.07 -11.74
C SER A 37 -8.82 5.58 -11.88
N GLU A 38 -8.47 6.03 -13.08
CA GLU A 38 -8.27 7.45 -13.34
C GLU A 38 -9.58 8.21 -13.25
N GLN A 39 -10.67 7.55 -13.61
CA GLN A 39 -11.99 8.16 -13.57
C GLN A 39 -12.36 8.56 -12.15
N ASP A 40 -12.10 7.67 -11.20
CA ASP A 40 -12.40 7.94 -9.79
C ASP A 40 -11.46 9.00 -9.22
N LYS A 41 -10.24 9.04 -9.74
CA LYS A 41 -9.24 9.99 -9.28
C LYS A 41 -9.62 11.41 -9.70
N GLU A 42 -10.02 11.57 -10.96
CA GLU A 42 -10.41 12.86 -11.49
C GLU A 42 -11.74 13.33 -10.87
N GLN A 43 -12.54 12.38 -10.42
CA GLN A 43 -13.83 12.69 -9.81
C GLN A 43 -13.65 13.20 -8.37
N SER A 44 -12.42 13.20 -7.88
CA SER A 44 -12.13 13.67 -6.53
C SER A 44 -12.84 12.80 -5.49
N ASN A 45 -12.89 11.50 -5.76
CA ASN A 45 -13.54 10.56 -4.85
C ASN A 45 -12.60 9.38 -4.53
N PRO A 46 -11.54 9.64 -3.76
CA PRO A 46 -10.56 8.61 -3.37
C PRO A 46 -11.22 7.40 -2.72
N TYR A 47 -10.98 6.23 -3.30
CA TYR A 47 -11.54 4.99 -2.78
C TYR A 47 -11.17 4.82 -1.31
N MET A 48 -10.00 5.32 -0.94
CA MET A 48 -9.52 5.23 0.44
C MET A 48 -8.42 6.25 0.69
N VAL A 49 -8.43 6.86 1.86
CA VAL A 49 -7.43 7.85 2.20
C VAL A 49 -6.90 7.65 3.63
N LEU A 50 -5.58 7.63 3.77
CA LEU A 50 -4.94 7.45 5.06
C LEU A 50 -3.97 8.59 5.35
N ASP A 51 -3.78 8.89 6.63
CA ASP A 51 -2.87 9.96 7.04
C ASP A 51 -1.46 9.43 7.24
N ILE A 52 -0.51 9.99 6.51
CA ILE A 52 0.89 9.56 6.61
C ILE A 52 1.38 9.66 8.05
N ASP A 53 0.95 10.71 8.76
CA ASP A 53 1.35 10.92 10.13
C ASP A 53 0.82 9.80 11.03
N LYS A 54 -0.32 9.25 10.65
CA LYS A 54 -0.95 8.17 11.42
C LYS A 54 -0.15 6.88 11.29
N LEU A 55 0.65 6.77 10.23
CA LEU A 55 1.45 5.57 10.00
C LEU A 55 2.30 5.24 11.22
N PHE A 56 2.45 3.95 11.50
CA PHE A 56 3.24 3.51 12.64
C PHE A 56 4.61 3.00 12.20
N HIS A 57 4.64 2.36 11.03
CA HIS A 57 5.89 1.83 10.49
C HIS A 57 5.68 1.17 9.14
N VAL A 58 6.60 1.43 8.21
CA VAL A 58 6.53 0.85 6.87
C VAL A 58 7.76 0.00 6.60
N ARG A 59 7.54 -1.27 6.26
CA ARG A 59 8.64 -2.18 5.97
C ARG A 59 8.20 -3.32 5.06
N PRO A 60 9.14 -3.91 4.30
CA PRO A 60 8.84 -5.01 3.39
C PRO A 60 8.34 -6.25 4.12
N VAL A 61 7.66 -7.13 3.38
CA VAL A 61 7.13 -8.36 3.96
C VAL A 61 7.99 -9.55 3.60
N THR A 62 7.65 -10.72 4.14
CA THR A 62 8.39 -11.95 3.87
C THR A 62 7.46 -13.06 3.39
N GLN A 63 8.04 -14.23 3.13
CA GLN A 63 7.26 -15.38 2.68
C GLN A 63 6.18 -15.75 3.70
N THR A 64 6.36 -15.32 4.94
CA THR A 64 5.40 -15.62 5.99
C THR A 64 4.14 -14.76 5.87
N ASP A 65 4.28 -13.63 5.16
CA ASP A 65 3.15 -12.72 4.98
C ASP A 65 2.10 -13.33 4.05
N VAL A 66 2.54 -14.13 3.10
CA VAL A 66 1.62 -14.77 2.15
C VAL A 66 2.13 -16.15 1.75
N TYR A 67 1.20 -17.02 1.38
CA TYR A 67 1.54 -18.38 0.96
C TYR A 67 1.23 -18.59 -0.52
N ARG A 68 0.04 -18.18 -0.93
CA ARG A 68 -0.37 -18.33 -2.33
C ARG A 68 0.41 -17.38 -3.25
N ALA A 69 1.13 -16.44 -2.64
CA ALA A 69 1.92 -15.47 -3.41
C ALA A 69 3.09 -16.15 -4.10
N ASP A 70 4.05 -15.35 -4.55
CA ASP A 70 5.24 -15.87 -5.22
C ASP A 70 6.51 -15.39 -4.53
N ALA A 71 7.47 -16.30 -4.38
CA ALA A 71 8.74 -15.98 -3.73
C ALA A 71 9.37 -14.72 -4.34
N LYS A 72 9.17 -14.55 -5.64
CA LYS A 72 9.71 -13.39 -6.35
C LYS A 72 8.91 -12.14 -6.04
N GLU A 73 7.64 -12.32 -5.70
CA GLU A 73 6.76 -11.20 -5.37
C GLU A 73 7.00 -10.71 -3.95
N ILE A 74 7.33 -11.64 -3.05
CA ILE A 74 7.58 -11.30 -1.65
C ILE A 74 8.48 -10.08 -1.51
N PRO A 75 9.66 -10.07 -2.16
CA PRO A 75 10.59 -8.94 -2.09
C PRO A 75 10.03 -7.66 -2.70
N ARG A 76 8.93 -7.79 -3.46
CA ARG A 76 8.30 -6.65 -4.09
C ARG A 76 7.04 -6.22 -3.34
N ILE A 77 6.77 -6.85 -2.20
CA ILE A 77 5.59 -6.53 -1.41
C ILE A 77 5.98 -5.87 -0.08
N PHE A 78 5.38 -4.72 0.19
CA PHE A 78 5.66 -3.99 1.42
C PHE A 78 4.37 -3.72 2.20
N GLN A 79 4.49 -3.63 3.52
CA GLN A 79 3.32 -3.39 4.37
C GLN A 79 3.43 -2.05 5.09
N ILE A 80 2.29 -1.39 5.26
CA ILE A 80 2.23 -0.10 5.94
C ILE A 80 1.20 -0.11 7.06
N LEU A 81 1.67 -0.01 8.30
CA LEU A 81 0.77 -0.01 9.45
C LEU A 81 0.32 1.40 9.80
N TYR A 82 -0.97 1.56 10.09
CA TYR A 82 -1.53 2.85 10.44
C TYR A 82 -2.65 2.71 11.45
N ALA A 83 -2.82 3.73 12.27
CA ALA A 83 -3.87 3.72 13.29
C ALA A 83 -5.24 3.95 12.69
N ASN A 84 -6.13 2.97 12.84
CA ASN A 84 -7.48 3.07 12.29
C ASN A 84 -8.45 3.58 13.36
N GLU A 85 -8.33 3.02 14.56
CA GLU A 85 -9.21 3.41 15.66
C GLU A 85 -8.38 3.92 16.85
N GLY A 86 -7.27 3.24 17.12
CA GLY A 86 -6.40 3.63 18.21
C GLY A 86 -4.95 3.30 17.96
N ILE A 87 -4.50 2.17 18.49
CA ILE A 87 -3.11 1.74 18.30
C ILE A 87 -3.04 0.25 18.01
N SER A 88 -3.41 -0.55 19.02
CA SER A 88 -3.38 -2.01 18.87
C SER A 88 -4.26 -2.46 17.71
N SER A 89 -5.34 -1.73 17.46
CA SER A 89 -6.26 -2.06 16.38
C SER A 89 -5.69 -1.63 15.03
N ALA A 90 -4.72 -0.71 15.07
CA ALA A 90 -4.08 -0.20 13.85
C ALA A 90 -3.87 -1.31 12.81
N LYS A 91 -4.51 -1.15 11.66
CA LYS A 91 -4.40 -2.14 10.59
C LYS A 91 -3.19 -1.84 9.70
N ASN A 92 -3.02 -2.64 8.66
CA ASN A 92 -1.91 -2.47 7.73
C ASN A 92 -2.37 -2.57 6.28
N LEU A 93 -1.50 -2.19 5.36
CA LEU A 93 -1.82 -2.24 3.93
C LEU A 93 -0.73 -2.96 3.15
N LEU A 94 -1.09 -4.04 2.49
CA LEU A 94 -0.14 -4.81 1.71
C LEU A 94 -0.17 -4.38 0.25
N LEU A 95 0.97 -3.95 -0.27
CA LEU A 95 1.07 -3.50 -1.64
C LEU A 95 2.16 -4.23 -2.41
N LEU A 96 1.76 -4.94 -3.45
CA LEU A 96 2.69 -5.69 -4.28
C LEU A 96 3.16 -4.85 -5.46
N ALA A 97 4.46 -4.62 -5.54
CA ALA A 97 5.04 -3.83 -6.62
C ALA A 97 5.45 -4.71 -7.79
N ASN A 98 5.04 -4.33 -9.00
CA ASN A 98 5.38 -5.09 -10.20
C ASN A 98 6.89 -5.34 -10.28
N SER A 99 7.66 -4.47 -9.66
CA SER A 99 9.12 -4.59 -9.66
C SER A 99 9.67 -4.34 -8.26
N THR A 100 10.75 -5.06 -7.92
CA THR A 100 11.38 -4.90 -6.61
C THR A 100 11.76 -3.45 -6.36
N GLU A 101 12.34 -2.81 -7.38
CA GLU A 101 12.77 -1.42 -7.26
C GLU A 101 11.61 -0.52 -6.81
N GLU A 102 10.43 -0.78 -7.34
CA GLU A 102 9.24 -0.01 -6.99
C GLU A 102 8.98 -0.06 -5.49
N GLN A 103 9.13 -1.26 -4.91
CA GLN A 103 8.90 -1.45 -3.49
C GLN A 103 9.90 -0.63 -2.66
N GLN A 104 11.14 -0.57 -3.12
CA GLN A 104 12.18 0.18 -2.42
C GLN A 104 11.87 1.67 -2.44
N LYS A 105 11.36 2.15 -3.57
CA LYS A 105 11.02 3.56 -3.73
C LYS A 105 9.77 3.92 -2.94
N TRP A 106 8.70 3.16 -3.14
CA TRP A 106 7.44 3.42 -2.45
C TRP A 106 7.63 3.45 -0.93
N VAL A 107 8.25 2.41 -0.41
CA VAL A 107 8.48 2.30 1.03
C VAL A 107 9.37 3.43 1.55
N SER A 108 10.53 3.60 0.95
CA SER A 108 11.47 4.63 1.36
C SER A 108 10.88 6.03 1.20
N ARG A 109 10.12 6.24 0.14
CA ARG A 109 9.52 7.55 -0.12
C ARG A 109 8.34 7.80 0.81
N LEU A 110 7.39 6.88 0.81
CA LEU A 110 6.20 7.00 1.64
C LEU A 110 6.57 7.08 3.13
N VAL A 111 7.58 6.30 3.53
CA VAL A 111 8.02 6.30 4.92
C VAL A 111 8.74 7.60 5.26
N LYS A 112 9.59 8.06 4.34
CA LYS A 112 10.34 9.29 4.54
C LYS A 112 9.39 10.47 4.72
N LYS A 113 8.22 10.38 4.10
CA LYS A 113 7.22 11.43 4.20
C LYS A 113 6.62 11.49 5.60
N ILE A 114 6.71 10.38 6.32
CA ILE A 114 6.18 10.32 7.69
C ILE A 114 6.95 11.25 8.62
N PRO A 115 6.24 12.00 9.48
CA PRO A 115 6.86 12.93 10.42
C PRO A 115 7.48 12.21 11.62
N LYS A 116 6.75 11.24 12.16
CA LYS A 116 7.23 10.47 13.30
C LYS A 116 7.85 9.14 12.85
N LYS A 117 8.54 9.17 11.72
CA LYS A 117 9.18 7.97 11.19
C LYS A 117 10.19 7.41 12.18
N SER A 1 3.87 15.99 -9.39
CA SER A 1 3.09 14.91 -8.72
C SER A 1 3.85 14.32 -7.55
N ARG A 2 3.39 13.17 -7.06
CA ARG A 2 4.04 12.50 -5.94
C ARG A 2 3.96 10.98 -6.09
N LEU A 3 4.45 10.26 -5.09
CA LEU A 3 4.45 8.80 -5.11
C LEU A 3 3.09 8.27 -5.53
N GLU A 4 2.94 7.96 -6.81
CA GLU A 4 1.68 7.45 -7.33
C GLU A 4 1.90 6.32 -8.32
N GLY A 5 0.86 5.56 -8.59
CA GLY A 5 0.94 4.45 -9.52
C GLY A 5 -0.05 3.37 -9.19
N TRP A 6 0.23 2.14 -9.60
CA TRP A 6 -0.66 1.02 -9.33
C TRP A 6 0.04 -0.04 -8.49
N LEU A 7 -0.55 -0.36 -7.35
CA LEU A 7 0.00 -1.37 -6.47
C LEU A 7 -1.02 -2.47 -6.30
N SER A 8 -0.55 -3.68 -6.12
CA SER A 8 -1.44 -4.83 -5.99
C SER A 8 -1.81 -5.09 -4.53
N LEU A 9 -3.10 -5.34 -4.31
CA LEU A 9 -3.61 -5.62 -2.98
C LEU A 9 -4.25 -6.99 -2.93
N PRO A 10 -4.34 -7.61 -1.74
CA PRO A 10 -4.93 -8.94 -1.58
C PRO A 10 -6.39 -8.98 -2.00
N VAL A 11 -6.65 -9.56 -3.17
CA VAL A 11 -8.00 -9.66 -3.70
C VAL A 11 -8.66 -10.96 -3.22
N ARG A 12 -9.91 -11.18 -3.64
CA ARG A 12 -10.63 -12.38 -3.24
C ARG A 12 -11.38 -12.97 -4.43
N ASN A 13 -10.69 -13.76 -5.23
CA ASN A 13 -11.29 -14.38 -6.40
C ASN A 13 -12.34 -15.43 -5.99
N ASN A 14 -11.86 -16.58 -5.56
CA ASN A 14 -12.75 -17.66 -5.13
C ASN A 14 -13.36 -17.36 -3.78
N THR A 15 -12.54 -17.36 -2.74
CA THR A 15 -13.01 -17.08 -1.38
C THR A 15 -11.84 -17.07 -0.40
N LYS A 16 -10.98 -18.07 -0.50
CA LYS A 16 -9.81 -18.18 0.38
C LYS A 16 -8.53 -17.81 -0.37
N LYS A 17 -8.52 -18.07 -1.67
CA LYS A 17 -7.36 -17.75 -2.51
C LYS A 17 -7.35 -16.28 -2.88
N PHE A 18 -6.49 -15.51 -2.22
CA PHE A 18 -6.37 -14.08 -2.47
C PHE A 18 -5.27 -13.80 -3.49
N GLY A 19 -5.65 -13.26 -4.64
CA GLY A 19 -4.69 -12.96 -5.68
C GLY A 19 -4.12 -11.56 -5.53
N TRP A 20 -4.15 -10.79 -6.61
CA TRP A 20 -3.65 -9.43 -6.58
C TRP A 20 -4.37 -8.54 -7.59
N VAL A 21 -4.50 -7.27 -7.25
CA VAL A 21 -5.15 -6.29 -8.12
C VAL A 21 -4.51 -4.93 -7.94
N LYS A 22 -3.85 -4.42 -8.97
CA LYS A 22 -3.19 -3.13 -8.88
C LYS A 22 -4.19 -1.98 -8.89
N LYS A 23 -4.29 -1.30 -7.76
CA LYS A 23 -5.17 -0.16 -7.63
C LYS A 23 -4.34 1.11 -7.67
N TYR A 24 -4.93 2.20 -8.16
CA TYR A 24 -4.20 3.45 -8.26
C TYR A 24 -3.96 4.07 -6.90
N VAL A 25 -2.75 3.88 -6.38
CA VAL A 25 -2.37 4.42 -5.08
C VAL A 25 -1.55 5.69 -5.26
N ILE A 26 -1.93 6.74 -4.56
CA ILE A 26 -1.22 8.00 -4.65
C ILE A 26 -1.00 8.60 -3.26
N VAL A 27 0.25 8.70 -2.85
CA VAL A 27 0.59 9.25 -1.55
C VAL A 27 0.76 10.77 -1.63
N SER A 28 -0.22 11.49 -1.14
CA SER A 28 -0.18 12.95 -1.15
C SER A 28 0.68 13.47 0.00
N SER A 29 1.08 14.73 -0.11
CA SER A 29 1.92 15.35 0.92
C SER A 29 1.28 15.21 2.30
N LYS A 30 1.85 14.34 3.12
CA LYS A 30 1.34 14.10 4.47
C LYS A 30 -0.03 13.46 4.44
N LYS A 31 -0.30 12.70 3.38
CA LYS A 31 -1.59 12.02 3.23
C LYS A 31 -1.51 10.90 2.19
N ILE A 32 -2.42 9.95 2.28
CA ILE A 32 -2.47 8.83 1.35
C ILE A 32 -3.87 8.66 0.78
N LEU A 33 -3.95 8.28 -0.49
CA LEU A 33 -5.24 8.08 -1.14
C LEU A 33 -5.23 6.87 -2.07
N PHE A 34 -6.38 6.22 -2.18
CA PHE A 34 -6.53 5.05 -3.03
C PHE A 34 -7.61 5.28 -4.07
N TYR A 35 -7.25 5.11 -5.34
CA TYR A 35 -8.20 5.31 -6.43
C TYR A 35 -8.30 4.05 -7.30
N ASP A 36 -9.34 3.98 -8.11
CA ASP A 36 -9.56 2.84 -8.98
C ASP A 36 -9.12 3.16 -10.42
N SER A 37 -9.13 4.45 -10.76
CA SER A 37 -8.73 4.88 -12.10
C SER A 37 -8.47 6.38 -12.13
N GLU A 38 -7.84 6.84 -13.20
CA GLU A 38 -7.53 8.26 -13.35
C GLU A 38 -8.80 9.09 -13.48
N GLN A 39 -9.81 8.53 -14.15
CA GLN A 39 -11.08 9.21 -14.35
C GLN A 39 -11.72 9.56 -13.01
N ASP A 40 -11.61 8.66 -12.04
CA ASP A 40 -12.17 8.87 -10.71
C ASP A 40 -11.30 9.83 -9.91
N LYS A 41 -10.00 9.79 -10.16
CA LYS A 41 -9.06 10.65 -9.44
C LYS A 41 -9.30 12.12 -9.79
N GLU A 42 -9.40 12.41 -11.09
CA GLU A 42 -9.63 13.77 -11.56
C GLU A 42 -10.94 14.32 -10.99
N GLN A 43 -11.88 13.42 -10.69
CA GLN A 43 -13.17 13.83 -10.16
C GLN A 43 -13.11 14.02 -8.64
N SER A 44 -11.92 13.87 -8.07
CA SER A 44 -11.74 14.02 -6.62
C SER A 44 -12.58 13.01 -5.85
N ASN A 45 -12.66 11.80 -6.39
CA ASN A 45 -13.42 10.73 -5.76
C ASN A 45 -12.50 9.63 -5.24
N PRO A 46 -11.89 9.84 -4.06
CA PRO A 46 -10.97 8.86 -3.47
C PRO A 46 -11.70 7.63 -2.93
N TYR A 47 -11.06 6.47 -3.02
CA TYR A 47 -11.65 5.23 -2.55
C TYR A 47 -11.21 4.94 -1.12
N MET A 48 -9.91 5.06 -0.86
CA MET A 48 -9.36 4.80 0.46
C MET A 48 -8.26 5.80 0.80
N VAL A 49 -8.53 6.69 1.73
CA VAL A 49 -7.55 7.70 2.13
C VAL A 49 -6.98 7.41 3.52
N LEU A 50 -5.66 7.36 3.60
CA LEU A 50 -4.97 7.10 4.86
C LEU A 50 -4.10 8.29 5.27
N ASP A 51 -3.84 8.41 6.57
CA ASP A 51 -3.02 9.51 7.07
C ASP A 51 -1.57 9.06 7.25
N ILE A 52 -0.67 9.68 6.50
CA ILE A 52 0.75 9.35 6.58
C ILE A 52 1.27 9.51 8.01
N ASP A 53 0.76 10.50 8.71
CA ASP A 53 1.16 10.76 10.08
C ASP A 53 0.69 9.65 11.01
N LYS A 54 -0.44 9.04 10.66
CA LYS A 54 -1.01 7.95 11.45
C LYS A 54 -0.20 6.67 11.29
N LEU A 55 0.65 6.62 10.27
CA LEU A 55 1.47 5.44 10.01
C LEU A 55 2.30 5.08 11.25
N PHE A 56 2.57 3.79 11.40
CA PHE A 56 3.36 3.31 12.54
C PHE A 56 4.72 2.80 12.05
N HIS A 57 4.72 2.10 10.93
CA HIS A 57 5.94 1.55 10.36
C HIS A 57 5.65 0.83 9.04
N VAL A 58 6.34 1.25 7.99
CA VAL A 58 6.17 0.64 6.67
C VAL A 58 7.48 0.04 6.18
N ARG A 59 7.48 -1.28 5.98
CA ARG A 59 8.68 -1.98 5.51
C ARG A 59 8.30 -3.18 4.66
N PRO A 60 9.24 -3.68 3.83
CA PRO A 60 9.00 -4.83 2.97
C PRO A 60 8.51 -6.05 3.75
N VAL A 61 7.70 -6.89 3.11
CA VAL A 61 7.16 -8.08 3.75
C VAL A 61 8.03 -9.29 3.45
N THR A 62 7.67 -10.42 4.05
CA THR A 62 8.41 -11.66 3.86
C THR A 62 7.48 -12.80 3.46
N GLN A 63 8.03 -14.02 3.39
CA GLN A 63 7.25 -15.18 3.03
C GLN A 63 6.18 -15.50 4.08
N THR A 64 6.31 -14.88 5.26
CA THR A 64 5.35 -15.11 6.34
C THR A 64 4.09 -14.26 6.14
N ASP A 65 4.24 -13.13 5.46
CA ASP A 65 3.12 -12.24 5.21
C ASP A 65 2.11 -12.87 4.25
N VAL A 66 2.61 -13.77 3.39
CA VAL A 66 1.74 -14.44 2.42
C VAL A 66 2.08 -15.92 2.34
N TYR A 67 1.37 -16.63 1.47
CA TYR A 67 1.59 -18.07 1.29
C TYR A 67 1.43 -18.45 -0.17
N ARG A 68 0.35 -17.98 -0.79
CA ARG A 68 0.08 -18.28 -2.19
C ARG A 68 1.01 -17.50 -3.09
N ALA A 69 1.47 -16.34 -2.61
CA ALA A 69 2.37 -15.49 -3.38
C ALA A 69 3.61 -16.26 -3.83
N ASP A 70 4.54 -15.55 -4.46
CA ASP A 70 5.77 -16.17 -4.94
C ASP A 70 6.99 -15.54 -4.27
N ALA A 71 7.98 -16.36 -3.94
CA ALA A 71 9.19 -15.89 -3.30
C ALA A 71 9.77 -14.68 -4.03
N LYS A 72 9.52 -14.60 -5.34
CA LYS A 72 10.02 -13.50 -6.14
C LYS A 72 9.19 -12.24 -5.91
N GLU A 73 7.90 -12.42 -5.63
CA GLU A 73 7.01 -11.30 -5.38
C GLU A 73 7.16 -10.76 -3.97
N ILE A 74 7.47 -11.66 -3.03
CA ILE A 74 7.65 -11.28 -1.63
C ILE A 74 8.51 -10.02 -1.49
N PRO A 75 9.72 -10.02 -2.09
CA PRO A 75 10.63 -8.87 -2.01
C PRO A 75 10.06 -7.63 -2.71
N ARG A 76 9.02 -7.83 -3.52
CA ARG A 76 8.40 -6.73 -4.24
C ARG A 76 7.14 -6.23 -3.52
N ILE A 77 6.85 -6.80 -2.35
CA ILE A 77 5.68 -6.41 -1.58
C ILE A 77 6.08 -5.74 -0.27
N PHE A 78 5.40 -4.66 0.07
CA PHE A 78 5.68 -3.93 1.30
C PHE A 78 4.41 -3.73 2.11
N GLN A 79 4.55 -3.70 3.44
CA GLN A 79 3.42 -3.53 4.33
C GLN A 79 3.48 -2.17 5.05
N ILE A 80 2.33 -1.52 5.17
CA ILE A 80 2.25 -0.23 5.83
C ILE A 80 1.27 -0.27 7.00
N LEU A 81 1.78 -0.13 8.21
CA LEU A 81 0.94 -0.15 9.40
C LEU A 81 0.45 1.25 9.75
N TYR A 82 -0.85 1.37 10.03
CA TYR A 82 -1.43 2.66 10.39
C TYR A 82 -2.53 2.48 11.43
N ALA A 83 -2.67 3.47 12.31
CA ALA A 83 -3.68 3.42 13.36
C ALA A 83 -5.07 3.64 12.78
N ASN A 84 -5.96 2.68 13.01
CA ASN A 84 -7.32 2.77 12.52
C ASN A 84 -8.27 3.26 13.61
N GLU A 85 -8.12 2.71 14.81
CA GLU A 85 -8.96 3.08 15.94
C GLU A 85 -8.11 3.60 17.09
N GLY A 86 -6.98 2.94 17.33
CA GLY A 86 -6.10 3.35 18.41
C GLY A 86 -4.64 3.05 18.10
N ILE A 87 -4.15 1.94 18.64
CA ILE A 87 -2.76 1.54 18.42
C ILE A 87 -2.66 0.04 18.12
N SER A 88 -2.97 -0.77 19.12
CA SER A 88 -2.92 -2.22 18.97
C SER A 88 -3.82 -2.69 17.83
N SER A 89 -4.91 -1.97 17.61
CA SER A 89 -5.87 -2.30 16.56
C SER A 89 -5.35 -1.89 15.19
N ALA A 90 -4.40 -0.94 15.17
CA ALA A 90 -3.81 -0.44 13.93
C ALA A 90 -3.58 -1.55 12.92
N LYS A 91 -4.25 -1.45 11.78
CA LYS A 91 -4.11 -2.44 10.72
C LYS A 91 -2.95 -2.10 9.80
N ASN A 92 -2.74 -2.92 8.78
CA ASN A 92 -1.65 -2.70 7.83
C ASN A 92 -2.16 -2.75 6.40
N LEU A 93 -1.33 -2.27 5.47
CA LEU A 93 -1.69 -2.26 4.06
C LEU A 93 -0.62 -2.97 3.22
N LEU A 94 -1.01 -4.08 2.60
CA LEU A 94 -0.10 -4.85 1.76
C LEU A 94 -0.20 -4.42 0.31
N LEU A 95 0.93 -3.99 -0.25
CA LEU A 95 0.98 -3.54 -1.63
C LEU A 95 2.07 -4.25 -2.42
N LEU A 96 1.66 -5.02 -3.42
CA LEU A 96 2.60 -5.75 -4.27
C LEU A 96 3.08 -4.87 -5.43
N ALA A 97 4.39 -4.77 -5.58
CA ALA A 97 4.97 -3.96 -6.66
C ALA A 97 5.43 -4.85 -7.82
N ASN A 98 5.18 -4.39 -9.03
CA ASN A 98 5.56 -5.14 -10.23
C ASN A 98 7.07 -5.42 -10.22
N SER A 99 7.83 -4.53 -9.60
CA SER A 99 9.28 -4.69 -9.52
C SER A 99 9.78 -4.38 -8.12
N THR A 100 10.85 -5.06 -7.71
CA THR A 100 11.42 -4.87 -6.39
C THR A 100 11.77 -3.39 -6.16
N GLU A 101 12.40 -2.78 -7.16
CA GLU A 101 12.80 -1.38 -7.08
C GLU A 101 11.61 -0.50 -6.71
N GLU A 102 10.45 -0.82 -7.25
CA GLU A 102 9.23 -0.06 -6.98
C GLU A 102 8.91 -0.08 -5.49
N GLN A 103 9.07 -1.23 -4.86
CA GLN A 103 8.80 -1.39 -3.43
C GLN A 103 9.76 -0.55 -2.60
N GLN A 104 11.01 -0.44 -3.08
CA GLN A 104 12.02 0.33 -2.37
C GLN A 104 11.70 1.82 -2.41
N LYS A 105 11.29 2.30 -3.59
CA LYS A 105 10.94 3.70 -3.77
C LYS A 105 9.63 4.04 -3.06
N TRP A 106 8.61 3.22 -3.29
CA TRP A 106 7.31 3.44 -2.66
C TRP A 106 7.42 3.53 -1.14
N VAL A 107 8.07 2.53 -0.56
CA VAL A 107 8.24 2.47 0.89
C VAL A 107 9.17 3.59 1.39
N SER A 108 10.34 3.69 0.78
CA SER A 108 11.32 4.70 1.17
C SER A 108 10.73 6.11 1.05
N ARG A 109 9.92 6.32 0.01
CA ARG A 109 9.31 7.64 -0.21
C ARG A 109 8.18 7.89 0.77
N LEU A 110 7.22 6.96 0.83
CA LEU A 110 6.08 7.09 1.72
C LEU A 110 6.52 7.15 3.18
N VAL A 111 7.53 6.37 3.53
CA VAL A 111 8.04 6.34 4.89
C VAL A 111 8.77 7.63 5.23
N LYS A 112 9.55 8.12 4.26
CA LYS A 112 10.29 9.37 4.45
C LYS A 112 9.33 10.53 4.66
N LYS A 113 8.15 10.42 4.09
CA LYS A 113 7.13 11.46 4.22
C LYS A 113 6.55 11.48 5.63
N ILE A 114 6.62 10.34 6.31
CA ILE A 114 6.11 10.23 7.67
C ILE A 114 6.77 11.24 8.60
N PRO A 115 5.98 11.92 9.45
CA PRO A 115 6.52 12.93 10.39
C PRO A 115 7.32 12.28 11.52
N LYS A 116 6.81 11.18 12.04
CA LYS A 116 7.48 10.47 13.14
C LYS A 116 8.41 9.39 12.59
N LYS A 117 9.24 9.76 11.62
CA LYS A 117 10.17 8.83 11.01
C LYS A 117 11.26 8.42 12.00
N SER A 1 5.09 15.88 -9.64
CA SER A 1 4.17 14.99 -8.88
C SER A 1 4.89 14.33 -7.71
N ARG A 2 4.24 13.32 -7.13
CA ARG A 2 4.82 12.60 -5.99
C ARG A 2 4.60 11.09 -6.14
N LEU A 3 4.98 10.35 -5.11
CA LEU A 3 4.82 8.89 -5.12
C LEU A 3 3.44 8.49 -5.63
N GLU A 4 3.39 7.91 -6.82
CA GLU A 4 2.12 7.50 -7.41
C GLU A 4 2.32 6.39 -8.44
N GLY A 5 1.26 5.65 -8.72
CA GLY A 5 1.32 4.58 -9.69
C GLY A 5 0.29 3.51 -9.40
N TRP A 6 0.61 2.27 -9.72
CA TRP A 6 -0.29 1.17 -9.49
C TRP A 6 0.35 0.09 -8.64
N LEU A 7 -0.31 -0.25 -7.54
CA LEU A 7 0.19 -1.28 -6.66
C LEU A 7 -0.85 -2.39 -6.55
N SER A 8 -0.39 -3.60 -6.33
CA SER A 8 -1.29 -4.74 -6.26
C SER A 8 -1.72 -5.03 -4.82
N LEU A 9 -3.02 -5.26 -4.66
CA LEU A 9 -3.59 -5.56 -3.36
C LEU A 9 -4.25 -6.94 -3.36
N PRO A 10 -4.37 -7.59 -2.20
CA PRO A 10 -4.98 -8.91 -2.09
C PRO A 10 -6.47 -8.88 -2.40
N VAL A 11 -6.84 -9.39 -3.57
CA VAL A 11 -8.24 -9.42 -3.99
C VAL A 11 -8.77 -10.85 -4.06
N ARG A 12 -10.09 -10.99 -4.10
CA ARG A 12 -10.72 -12.30 -4.17
C ARG A 12 -11.36 -12.52 -5.54
N ASN A 13 -11.09 -11.62 -6.48
CA ASN A 13 -11.63 -11.72 -7.83
C ASN A 13 -13.15 -11.81 -7.82
N ASN A 14 -13.67 -13.03 -7.66
CA ASN A 14 -15.12 -13.25 -7.64
C ASN A 14 -15.60 -13.54 -6.22
N THR A 15 -15.01 -14.56 -5.59
CA THR A 15 -15.39 -14.93 -4.24
C THR A 15 -14.34 -15.87 -3.61
N LYS A 16 -14.28 -17.08 -4.13
CA LYS A 16 -13.32 -18.07 -3.64
C LYS A 16 -11.92 -17.79 -4.16
N LYS A 17 -11.84 -17.34 -5.41
CA LYS A 17 -10.57 -17.03 -6.04
C LYS A 17 -9.93 -15.79 -5.40
N PHE A 18 -8.71 -15.48 -5.83
CA PHE A 18 -8.00 -14.31 -5.30
C PHE A 18 -6.68 -14.12 -6.03
N GLY A 19 -5.95 -13.08 -5.63
CA GLY A 19 -4.67 -12.80 -6.26
C GLY A 19 -4.21 -11.38 -6.01
N TRP A 20 -3.94 -10.65 -7.09
CA TRP A 20 -3.48 -9.27 -6.99
C TRP A 20 -4.25 -8.36 -7.92
N VAL A 21 -4.26 -7.06 -7.61
CA VAL A 21 -4.97 -6.09 -8.45
C VAL A 21 -4.31 -4.72 -8.36
N LYS A 22 -3.80 -4.23 -9.50
CA LYS A 22 -3.14 -2.94 -9.54
C LYS A 22 -4.15 -1.79 -9.37
N LYS A 23 -4.10 -1.14 -8.22
CA LYS A 23 -4.96 -0.01 -7.94
C LYS A 23 -4.12 1.25 -7.91
N TYR A 24 -4.66 2.35 -8.40
CA TYR A 24 -3.92 3.59 -8.44
C TYR A 24 -3.70 4.18 -7.06
N VAL A 25 -2.47 4.06 -6.58
CA VAL A 25 -2.10 4.59 -5.28
C VAL A 25 -1.23 5.82 -5.45
N ILE A 26 -1.54 6.88 -4.70
CA ILE A 26 -0.76 8.10 -4.79
C ILE A 26 -0.56 8.71 -3.40
N VAL A 27 0.70 8.74 -2.97
CA VAL A 27 1.04 9.29 -1.67
C VAL A 27 1.24 10.79 -1.73
N SER A 28 0.26 11.54 -1.25
CA SER A 28 0.33 13.00 -1.25
C SER A 28 1.12 13.50 -0.04
N SER A 29 1.52 14.76 -0.09
CA SER A 29 2.28 15.37 1.00
C SER A 29 1.54 15.24 2.33
N LYS A 30 2.08 14.42 3.23
CA LYS A 30 1.47 14.20 4.53
C LYS A 30 0.07 13.60 4.40
N LYS A 31 -0.12 12.76 3.40
CA LYS A 31 -1.41 12.12 3.18
C LYS A 31 -1.32 11.05 2.09
N ILE A 32 -2.08 9.98 2.26
CA ILE A 32 -2.09 8.89 1.28
C ILE A 32 -3.46 8.76 0.62
N LEU A 33 -3.48 8.76 -0.70
CA LEU A 33 -4.72 8.67 -1.45
C LEU A 33 -4.83 7.33 -2.19
N PHE A 34 -6.06 6.87 -2.38
CA PHE A 34 -6.30 5.61 -3.06
C PHE A 34 -7.44 5.75 -4.06
N TYR A 35 -7.18 5.40 -5.31
CA TYR A 35 -8.19 5.48 -6.36
C TYR A 35 -8.22 4.20 -7.19
N ASP A 36 -9.28 4.05 -7.99
CA ASP A 36 -9.42 2.87 -8.84
C ASP A 36 -9.09 3.21 -10.30
N SER A 37 -9.22 4.48 -10.65
CA SER A 37 -8.93 4.92 -12.01
C SER A 37 -8.83 6.45 -12.07
N GLU A 38 -8.55 6.97 -13.26
CA GLU A 38 -8.43 8.40 -13.46
C GLU A 38 -9.81 9.06 -13.52
N GLN A 39 -10.79 8.32 -14.03
CA GLN A 39 -12.15 8.83 -14.15
C GLN A 39 -12.72 9.18 -12.77
N ASP A 40 -12.47 8.30 -11.79
CA ASP A 40 -12.96 8.51 -10.44
C ASP A 40 -12.11 9.54 -9.70
N LYS A 41 -10.82 9.57 -10.03
CA LYS A 41 -9.90 10.52 -9.41
C LYS A 41 -10.33 11.95 -9.67
N GLU A 42 -10.62 12.25 -10.94
CA GLU A 42 -11.04 13.60 -11.33
C GLU A 42 -12.36 13.98 -10.64
N GLN A 43 -13.13 12.97 -10.25
CA GLN A 43 -14.41 13.21 -9.58
C GLN A 43 -14.22 13.62 -8.12
N SER A 44 -12.97 13.60 -7.66
CA SER A 44 -12.66 13.96 -6.28
C SER A 44 -13.32 13.00 -5.30
N ASN A 45 -13.30 11.71 -5.62
CA ASN A 45 -13.90 10.69 -4.77
C ASN A 45 -12.89 9.57 -4.49
N PRO A 46 -11.86 9.87 -3.66
CA PRO A 46 -10.84 8.88 -3.31
C PRO A 46 -11.44 7.61 -2.72
N TYR A 47 -11.12 6.47 -3.33
CA TYR A 47 -11.63 5.19 -2.87
C TYR A 47 -11.20 4.93 -1.42
N MET A 48 -10.03 5.45 -1.05
CA MET A 48 -9.51 5.30 0.29
C MET A 48 -8.37 6.28 0.55
N VAL A 49 -8.34 6.84 1.75
CA VAL A 49 -7.30 7.80 2.10
C VAL A 49 -6.74 7.52 3.49
N LEU A 50 -5.42 7.40 3.58
CA LEU A 50 -4.75 7.13 4.84
C LEU A 50 -3.89 8.32 5.26
N ASP A 51 -3.64 8.44 6.57
CA ASP A 51 -2.83 9.53 7.08
C ASP A 51 -1.39 9.08 7.31
N ILE A 52 -0.45 9.72 6.63
CA ILE A 52 0.96 9.38 6.76
C ILE A 52 1.40 9.48 8.22
N ASP A 53 0.91 10.49 8.92
CA ASP A 53 1.26 10.69 10.32
C ASP A 53 0.73 9.56 11.19
N LYS A 54 -0.34 8.92 10.73
CA LYS A 54 -0.95 7.81 11.46
C LYS A 54 -0.12 6.54 11.32
N LEU A 55 0.68 6.47 10.26
CA LEU A 55 1.51 5.30 10.01
C LEU A 55 2.36 4.95 11.23
N PHE A 56 2.47 3.66 11.51
CA PHE A 56 3.26 3.19 12.65
C PHE A 56 4.58 2.60 12.19
N HIS A 57 4.57 1.98 11.02
CA HIS A 57 5.77 1.37 10.47
C HIS A 57 5.48 0.71 9.12
N VAL A 58 6.29 1.04 8.12
CA VAL A 58 6.14 0.49 6.77
C VAL A 58 7.45 -0.10 6.27
N ARG A 59 7.42 -1.39 5.95
CA ARG A 59 8.61 -2.08 5.46
C ARG A 59 8.23 -3.31 4.65
N PRO A 60 9.18 -3.84 3.85
CA PRO A 60 8.94 -5.02 3.00
C PRO A 60 8.47 -6.21 3.83
N VAL A 61 7.63 -7.05 3.22
CA VAL A 61 7.11 -8.24 3.89
C VAL A 61 7.97 -9.47 3.59
N THR A 62 7.77 -10.52 4.37
CA THR A 62 8.52 -11.76 4.17
C THR A 62 7.59 -12.91 3.79
N GLN A 63 8.14 -14.11 3.72
CA GLN A 63 7.37 -15.29 3.36
C GLN A 63 6.33 -15.61 4.44
N THR A 64 6.48 -15.01 5.62
CA THR A 64 5.56 -15.24 6.72
C THR A 64 4.30 -14.40 6.56
N ASP A 65 4.42 -13.26 5.88
CA ASP A 65 3.30 -12.36 5.66
C ASP A 65 2.29 -12.97 4.69
N VAL A 66 2.77 -13.85 3.81
CA VAL A 66 1.91 -14.50 2.83
C VAL A 66 2.21 -15.99 2.74
N TYR A 67 1.49 -16.68 1.87
CA TYR A 67 1.68 -18.12 1.69
C TYR A 67 1.44 -18.52 0.23
N ARG A 68 0.34 -18.02 -0.34
CA ARG A 68 0.00 -18.32 -1.72
C ARG A 68 0.91 -17.55 -2.67
N ALA A 69 1.44 -16.42 -2.21
CA ALA A 69 2.33 -15.60 -3.02
C ALA A 69 3.54 -16.39 -3.50
N ASP A 70 4.53 -15.69 -4.03
CA ASP A 70 5.74 -16.33 -4.52
C ASP A 70 6.98 -15.70 -3.90
N ALA A 71 7.98 -16.52 -3.61
CA ALA A 71 9.23 -16.05 -3.01
C ALA A 71 9.77 -14.83 -3.76
N LYS A 72 9.47 -14.74 -5.05
CA LYS A 72 9.93 -13.64 -5.87
C LYS A 72 9.09 -12.39 -5.63
N GLU A 73 7.82 -12.59 -5.29
CA GLU A 73 6.91 -11.48 -5.04
C GLU A 73 7.11 -10.90 -3.64
N ILE A 74 7.49 -11.76 -2.70
CA ILE A 74 7.72 -11.33 -1.32
C ILE A 74 8.57 -10.06 -1.25
N PRO A 75 9.76 -10.05 -1.90
CA PRO A 75 10.64 -8.89 -1.89
C PRO A 75 10.05 -7.69 -2.62
N ARG A 76 8.98 -7.92 -3.39
CA ARG A 76 8.33 -6.85 -4.13
C ARG A 76 7.04 -6.40 -3.45
N ILE A 77 6.80 -6.91 -2.24
CA ILE A 77 5.59 -6.56 -1.48
C ILE A 77 5.95 -5.88 -0.17
N PHE A 78 5.39 -4.70 0.07
CA PHE A 78 5.64 -3.95 1.29
C PHE A 78 4.35 -3.72 2.07
N GLN A 79 4.44 -3.79 3.40
CA GLN A 79 3.28 -3.59 4.25
C GLN A 79 3.37 -2.26 5.00
N ILE A 80 2.24 -1.56 5.09
CA ILE A 80 2.19 -0.27 5.78
C ILE A 80 1.17 -0.30 6.91
N LEU A 81 1.64 -0.19 8.14
CA LEU A 81 0.77 -0.19 9.31
C LEU A 81 0.29 1.21 9.63
N TYR A 82 -1.01 1.36 9.86
CA TYR A 82 -1.58 2.66 10.19
C TYR A 82 -2.66 2.52 11.26
N ALA A 83 -2.73 3.49 12.17
CA ALA A 83 -3.71 3.48 13.23
C ALA A 83 -5.11 3.78 12.70
N ASN A 84 -6.02 2.83 12.88
CA ASN A 84 -7.40 3.00 12.40
C ASN A 84 -8.29 3.53 13.52
N GLU A 85 -8.15 2.96 14.71
CA GLU A 85 -8.95 3.38 15.86
C GLU A 85 -8.06 3.79 17.02
N GLY A 86 -7.00 3.02 17.25
CA GLY A 86 -6.07 3.32 18.33
C GLY A 86 -4.64 2.98 17.98
N ILE A 87 -4.18 1.83 18.47
CA ILE A 87 -2.80 1.39 18.20
C ILE A 87 -2.77 -0.09 17.85
N SER A 88 -3.10 -0.94 18.81
CA SER A 88 -3.10 -2.38 18.60
C SER A 88 -4.04 -2.77 17.46
N SER A 89 -5.12 -2.02 17.32
CA SER A 89 -6.09 -2.28 16.27
C SER A 89 -5.58 -1.83 14.90
N ALA A 90 -4.59 -0.93 14.91
CA ALA A 90 -4.00 -0.41 13.68
C ALA A 90 -3.80 -1.50 12.63
N LYS A 91 -4.50 -1.35 11.50
CA LYS A 91 -4.41 -2.33 10.42
C LYS A 91 -3.19 -2.05 9.55
N ASN A 92 -3.02 -2.85 8.51
CA ASN A 92 -1.89 -2.68 7.60
C ASN A 92 -2.35 -2.72 6.15
N LEU A 93 -1.49 -2.25 5.24
CA LEU A 93 -1.81 -2.24 3.82
C LEU A 93 -0.74 -2.97 3.01
N LEU A 94 -1.15 -4.05 2.34
CA LEU A 94 -0.24 -4.83 1.53
C LEU A 94 -0.28 -4.37 0.08
N LEU A 95 0.88 -3.98 -0.44
CA LEU A 95 0.98 -3.51 -1.81
C LEU A 95 2.10 -4.21 -2.56
N LEU A 96 1.72 -4.95 -3.61
CA LEU A 96 2.69 -5.67 -4.42
C LEU A 96 3.18 -4.80 -5.57
N ALA A 97 4.50 -4.72 -5.73
CA ALA A 97 5.09 -3.92 -6.79
C ALA A 97 5.57 -4.80 -7.94
N ASN A 98 5.32 -4.34 -9.17
CA ASN A 98 5.73 -5.09 -10.36
C ASN A 98 7.22 -5.35 -10.35
N SER A 99 7.98 -4.50 -9.66
CA SER A 99 9.43 -4.64 -9.58
C SER A 99 9.91 -4.36 -8.17
N THR A 100 10.98 -5.06 -7.77
CA THR A 100 11.55 -4.88 -6.43
C THR A 100 11.92 -3.43 -6.18
N GLU A 101 12.56 -2.81 -7.17
CA GLU A 101 12.97 -1.42 -7.06
C GLU A 101 11.80 -0.52 -6.66
N GLU A 102 10.63 -0.81 -7.23
CA GLU A 102 9.44 -0.02 -6.93
C GLU A 102 9.11 -0.06 -5.44
N GLN A 103 9.23 -1.25 -4.86
CA GLN A 103 8.96 -1.43 -3.43
C GLN A 103 9.92 -0.60 -2.58
N GLN A 104 11.16 -0.49 -3.04
CA GLN A 104 12.17 0.27 -2.31
C GLN A 104 11.87 1.76 -2.37
N LYS A 105 11.43 2.23 -3.53
CA LYS A 105 11.10 3.64 -3.71
C LYS A 105 9.80 4.00 -2.99
N TRP A 106 8.76 3.19 -3.24
CA TRP A 106 7.45 3.44 -2.63
C TRP A 106 7.56 3.51 -1.11
N VAL A 107 8.19 2.51 -0.52
CA VAL A 107 8.35 2.44 0.94
C VAL A 107 9.26 3.55 1.45
N SER A 108 10.42 3.71 0.80
CA SER A 108 11.38 4.73 1.20
C SER A 108 10.78 6.12 1.08
N ARG A 109 9.96 6.34 0.06
CA ARG A 109 9.33 7.64 -0.15
C ARG A 109 8.19 7.87 0.83
N LEU A 110 7.25 6.93 0.87
CA LEU A 110 6.11 7.03 1.75
C LEU A 110 6.54 7.09 3.22
N VAL A 111 7.57 6.32 3.56
CA VAL A 111 8.07 6.30 4.93
C VAL A 111 8.78 7.60 5.26
N LYS A 112 9.54 8.12 4.31
CA LYS A 112 10.27 9.37 4.50
C LYS A 112 9.29 10.51 4.76
N LYS A 113 8.09 10.38 4.18
CA LYS A 113 7.06 11.39 4.36
C LYS A 113 6.52 11.39 5.79
N ILE A 114 6.64 10.24 6.46
CA ILE A 114 6.17 10.10 7.83
C ILE A 114 6.85 11.12 8.75
N PRO A 115 6.09 11.75 9.65
CA PRO A 115 6.62 12.75 10.58
C PRO A 115 7.58 12.13 11.60
N LYS A 116 7.18 11.00 12.18
CA LYS A 116 8.00 10.31 13.17
C LYS A 116 8.70 9.10 12.55
N LYS A 117 9.34 9.32 11.41
CA LYS A 117 10.05 8.25 10.72
C LYS A 117 11.13 7.66 11.60
N SER A 1 4.51 16.00 -9.10
CA SER A 1 3.65 14.99 -8.43
C SER A 1 4.38 14.35 -7.25
N ARG A 2 3.77 13.31 -6.69
CA ARG A 2 4.34 12.61 -5.55
C ARG A 2 4.32 11.09 -5.78
N LEU A 3 4.78 10.35 -4.77
CA LEU A 3 4.81 8.89 -4.86
C LEU A 3 3.43 8.33 -5.23
N GLU A 4 3.19 8.18 -6.52
CA GLU A 4 1.93 7.66 -7.00
C GLU A 4 2.14 6.56 -8.04
N GLY A 5 1.09 5.82 -8.33
CA GLY A 5 1.17 4.74 -9.28
C GLY A 5 0.15 3.65 -8.99
N TRP A 6 0.43 2.43 -9.44
CA TRP A 6 -0.46 1.31 -9.20
C TRP A 6 0.23 0.22 -8.39
N LEU A 7 -0.37 -0.15 -7.28
CA LEU A 7 0.16 -1.21 -6.44
C LEU A 7 -0.87 -2.31 -6.32
N SER A 8 -0.39 -3.54 -6.15
CA SER A 8 -1.29 -4.68 -6.07
C SER A 8 -1.72 -4.97 -4.64
N LEU A 9 -2.99 -5.31 -4.48
CA LEU A 9 -3.55 -5.62 -3.17
C LEU A 9 -4.26 -6.97 -3.21
N PRO A 10 -4.38 -7.64 -2.04
CA PRO A 10 -5.04 -8.94 -1.96
C PRO A 10 -6.48 -8.89 -2.45
N VAL A 11 -6.67 -9.26 -3.71
CA VAL A 11 -8.00 -9.26 -4.32
C VAL A 11 -8.76 -10.53 -3.95
N ARG A 12 -9.97 -10.69 -4.47
CA ARG A 12 -10.78 -11.86 -4.19
C ARG A 12 -11.37 -12.43 -5.48
N ASN A 13 -10.58 -13.27 -6.15
CA ASN A 13 -11.01 -13.90 -7.39
C ASN A 13 -12.32 -14.65 -7.20
N ASN A 14 -12.33 -15.58 -6.27
CA ASN A 14 -13.53 -16.38 -5.99
C ASN A 14 -14.06 -16.10 -4.58
N THR A 15 -13.33 -16.55 -3.57
CA THR A 15 -13.73 -16.34 -2.18
C THR A 15 -12.69 -16.92 -1.23
N LYS A 16 -12.23 -18.13 -1.51
CA LYS A 16 -11.23 -18.78 -0.67
C LYS A 16 -9.83 -18.60 -1.25
N LYS A 17 -9.63 -17.49 -1.95
CA LYS A 17 -8.34 -17.19 -2.56
C LYS A 17 -8.21 -15.69 -2.83
N PHE A 18 -6.97 -15.20 -2.85
CA PHE A 18 -6.73 -13.79 -3.10
C PHE A 18 -5.52 -13.58 -4.01
N GLY A 19 -5.77 -13.01 -5.18
CA GLY A 19 -4.70 -12.76 -6.13
C GLY A 19 -4.10 -11.37 -5.95
N TRP A 20 -4.05 -10.60 -7.02
CA TRP A 20 -3.50 -9.25 -6.96
C TRP A 20 -4.20 -8.32 -7.95
N VAL A 21 -4.38 -7.08 -7.53
CA VAL A 21 -5.01 -6.07 -8.37
C VAL A 21 -4.37 -4.71 -8.12
N LYS A 22 -3.67 -4.18 -9.12
CA LYS A 22 -3.00 -2.90 -8.96
C LYS A 22 -3.99 -1.74 -8.92
N LYS A 23 -4.14 -1.15 -7.74
CA LYS A 23 -5.03 -0.01 -7.57
C LYS A 23 -4.20 1.26 -7.52
N TYR A 24 -4.73 2.34 -8.07
CA TYR A 24 -4.00 3.59 -8.10
C TYR A 24 -3.78 4.14 -6.69
N VAL A 25 -2.53 4.11 -6.26
CA VAL A 25 -2.16 4.62 -4.94
C VAL A 25 -1.33 5.89 -5.08
N ILE A 26 -1.78 6.96 -4.44
CA ILE A 26 -1.07 8.23 -4.51
C ILE A 26 -0.78 8.74 -3.11
N VAL A 27 0.50 8.81 -2.76
CA VAL A 27 0.91 9.29 -1.44
C VAL A 27 1.22 10.78 -1.48
N SER A 28 0.32 11.58 -0.95
CA SER A 28 0.50 13.03 -0.92
C SER A 28 1.60 13.42 0.06
N SER A 29 2.01 14.67 0.00
CA SER A 29 3.07 15.18 0.88
C SER A 29 2.84 14.77 2.34
N LYS A 30 1.59 14.86 2.79
CA LYS A 30 1.24 14.50 4.16
C LYS A 30 -0.13 13.84 4.23
N LYS A 31 -0.38 12.91 3.31
CA LYS A 31 -1.66 12.20 3.28
C LYS A 31 -1.67 11.16 2.16
N ILE A 32 -2.10 9.96 2.49
CA ILE A 32 -2.17 8.88 1.52
C ILE A 32 -3.55 8.79 0.89
N LEU A 33 -3.60 8.52 -0.41
CA LEU A 33 -4.87 8.42 -1.13
C LEU A 33 -4.97 7.09 -1.87
N PHE A 34 -6.19 6.63 -2.07
CA PHE A 34 -6.43 5.37 -2.78
C PHE A 34 -7.57 5.52 -3.78
N TYR A 35 -7.32 5.07 -5.01
CA TYR A 35 -8.32 5.15 -6.07
C TYR A 35 -8.45 3.82 -6.79
N ASP A 36 -9.42 3.73 -7.70
CA ASP A 36 -9.64 2.50 -8.47
C ASP A 36 -9.33 2.71 -9.94
N SER A 37 -9.34 3.96 -10.38
CA SER A 37 -9.07 4.28 -11.78
C SER A 37 -8.89 5.78 -11.98
N GLU A 38 -8.43 6.16 -13.16
CA GLU A 38 -8.22 7.57 -13.48
C GLU A 38 -9.54 8.33 -13.51
N GLN A 39 -10.58 7.65 -13.98
CA GLN A 39 -11.91 8.26 -14.05
C GLN A 39 -12.38 8.71 -12.68
N ASP A 40 -12.15 7.88 -11.67
CA ASP A 40 -12.55 8.19 -10.31
C ASP A 40 -11.67 9.28 -9.72
N LYS A 41 -10.41 9.32 -10.15
CA LYS A 41 -9.46 10.31 -9.67
C LYS A 41 -9.87 11.71 -10.12
N GLU A 42 -10.22 11.84 -11.39
CA GLU A 42 -10.63 13.12 -11.94
C GLU A 42 -11.85 13.67 -11.20
N GLN A 43 -12.67 12.77 -10.66
CA GLN A 43 -13.86 13.17 -9.92
C GLN A 43 -13.52 13.60 -8.49
N SER A 44 -12.25 13.47 -8.12
CA SER A 44 -11.80 13.85 -6.79
C SER A 44 -12.48 12.99 -5.72
N ASN A 45 -12.80 11.75 -6.09
CA ASN A 45 -13.46 10.83 -5.16
C ASN A 45 -12.52 9.69 -4.78
N PRO A 46 -11.69 9.88 -3.75
CA PRO A 46 -10.75 8.86 -3.29
C PRO A 46 -11.44 7.68 -2.62
N TYR A 47 -11.21 6.48 -3.14
CA TYR A 47 -11.81 5.28 -2.60
C TYR A 47 -11.44 5.10 -1.13
N MET A 48 -10.22 5.47 -0.79
CA MET A 48 -9.74 5.37 0.58
C MET A 48 -8.57 6.33 0.81
N VAL A 49 -8.61 7.04 1.93
CA VAL A 49 -7.56 7.99 2.26
C VAL A 49 -7.00 7.76 3.66
N LEU A 50 -5.68 7.60 3.74
CA LEU A 50 -5.01 7.36 5.01
C LEU A 50 -4.14 8.57 5.38
N ASP A 51 -3.89 8.73 6.68
CA ASP A 51 -3.06 9.83 7.16
C ASP A 51 -1.62 9.41 7.31
N ILE A 52 -0.73 10.02 6.52
CA ILE A 52 0.69 9.71 6.58
C ILE A 52 1.24 9.93 7.98
N ASP A 53 0.65 10.86 8.72
CA ASP A 53 1.08 11.16 10.07
C ASP A 53 0.61 10.09 11.05
N LYS A 54 -0.47 9.40 10.70
CA LYS A 54 -1.02 8.35 11.55
C LYS A 54 -0.21 7.05 11.42
N LEU A 55 0.58 6.95 10.36
CA LEU A 55 1.40 5.75 10.12
C LEU A 55 2.21 5.40 11.36
N PHE A 56 2.53 4.12 11.52
CA PHE A 56 3.31 3.65 12.65
C PHE A 56 4.67 3.14 12.20
N HIS A 57 4.70 2.46 11.06
CA HIS A 57 5.94 1.93 10.52
C HIS A 57 5.71 1.25 9.17
N VAL A 58 6.63 1.47 8.24
CA VAL A 58 6.54 0.88 6.91
C VAL A 58 7.78 0.07 6.59
N ARG A 59 7.59 -1.17 6.13
CA ARG A 59 8.71 -2.05 5.80
C ARG A 59 8.25 -3.19 4.89
N PRO A 60 9.19 -3.77 4.12
CA PRO A 60 8.88 -4.88 3.21
C PRO A 60 8.39 -6.11 3.95
N VAL A 61 7.58 -6.92 3.28
CA VAL A 61 7.04 -8.13 3.88
C VAL A 61 7.90 -9.35 3.54
N THR A 62 7.69 -10.44 4.26
CA THR A 62 8.45 -11.67 4.03
C THR A 62 7.54 -12.77 3.50
N GLN A 63 8.13 -13.93 3.22
CA GLN A 63 7.37 -15.07 2.70
C GLN A 63 6.25 -15.46 3.65
N THR A 64 6.39 -15.09 4.92
CA THR A 64 5.38 -15.40 5.92
C THR A 64 4.10 -14.60 5.69
N ASP A 65 4.24 -13.43 5.09
CA ASP A 65 3.10 -12.57 4.82
C ASP A 65 2.13 -13.24 3.85
N VAL A 66 2.66 -14.11 2.99
CA VAL A 66 1.83 -14.81 2.01
C VAL A 66 2.18 -16.31 1.98
N TYR A 67 1.55 -17.02 1.06
CA TYR A 67 1.76 -18.46 0.93
C TYR A 67 1.74 -18.86 -0.55
N ARG A 68 0.57 -18.75 -1.16
CA ARG A 68 0.43 -19.10 -2.58
C ARG A 68 1.25 -18.16 -3.46
N ALA A 69 1.67 -17.02 -2.89
CA ALA A 69 2.46 -16.05 -3.63
C ALA A 69 3.72 -16.68 -4.19
N ASP A 70 4.62 -15.85 -4.73
CA ASP A 70 5.86 -16.33 -5.31
C ASP A 70 7.07 -15.69 -4.61
N ALA A 71 8.08 -16.49 -4.34
CA ALA A 71 9.30 -16.02 -3.68
C ALA A 71 9.82 -14.76 -4.35
N LYS A 72 9.56 -14.62 -5.64
CA LYS A 72 10.02 -13.46 -6.39
C LYS A 72 9.17 -12.24 -6.08
N GLU A 73 7.89 -12.47 -5.79
CA GLU A 73 6.96 -11.39 -5.47
C GLU A 73 7.15 -10.91 -4.02
N ILE A 74 7.51 -11.84 -3.14
CA ILE A 74 7.71 -11.52 -1.73
C ILE A 74 8.54 -10.25 -1.54
N PRO A 75 9.74 -10.18 -2.17
CA PRO A 75 10.61 -9.01 -2.05
C PRO A 75 10.01 -7.76 -2.71
N ARG A 76 8.95 -7.95 -3.50
CA ARG A 76 8.30 -6.83 -4.18
C ARG A 76 7.04 -6.38 -3.44
N ILE A 77 6.77 -6.99 -2.29
CA ILE A 77 5.59 -6.63 -1.50
C ILE A 77 5.98 -5.98 -0.19
N PHE A 78 5.38 -4.83 0.10
CA PHE A 78 5.66 -4.11 1.34
C PHE A 78 4.37 -3.86 2.12
N GLN A 79 4.51 -3.66 3.43
CA GLN A 79 3.36 -3.43 4.29
C GLN A 79 3.47 -2.09 5.01
N ILE A 80 2.32 -1.45 5.23
CA ILE A 80 2.27 -0.16 5.92
C ILE A 80 1.23 -0.19 7.04
N LEU A 81 1.70 -0.05 8.27
CA LEU A 81 0.81 -0.06 9.43
C LEU A 81 0.35 1.36 9.78
N TYR A 82 -0.93 1.50 10.08
CA TYR A 82 -1.50 2.80 10.43
C TYR A 82 -2.63 2.64 11.45
N ALA A 83 -2.80 3.64 12.30
CA ALA A 83 -3.84 3.61 13.33
C ALA A 83 -5.21 3.87 12.71
N ASN A 84 -6.12 2.91 12.90
CA ASN A 84 -7.47 3.03 12.35
C ASN A 84 -8.45 3.48 13.44
N GLU A 85 -8.31 2.91 14.64
CA GLU A 85 -9.18 3.25 15.75
C GLU A 85 -8.37 3.83 16.90
N GLY A 86 -7.24 3.19 17.21
CA GLY A 86 -6.40 3.66 18.30
C GLY A 86 -4.94 3.35 18.05
N ILE A 87 -4.47 2.22 18.57
CA ILE A 87 -3.08 1.81 18.41
C ILE A 87 -2.97 0.34 18.07
N SER A 88 -3.32 -0.51 19.04
CA SER A 88 -3.26 -1.96 18.85
C SER A 88 -4.14 -2.40 17.69
N SER A 89 -5.24 -1.67 17.48
CA SER A 89 -6.17 -1.98 16.39
C SER A 89 -5.59 -1.59 15.05
N ALA A 90 -4.64 -0.66 15.06
CA ALA A 90 -3.98 -0.17 13.84
C ALA A 90 -3.77 -1.30 12.83
N LYS A 91 -4.44 -1.19 11.68
CA LYS A 91 -4.31 -2.19 10.64
C LYS A 91 -3.12 -1.90 9.73
N ASN A 92 -2.94 -2.73 8.71
CA ASN A 92 -1.83 -2.55 7.77
C ASN A 92 -2.32 -2.65 6.33
N LEU A 93 -1.46 -2.25 5.39
CA LEU A 93 -1.79 -2.29 3.98
C LEU A 93 -0.71 -3.00 3.17
N LEU A 94 -1.08 -4.11 2.54
CA LEU A 94 -0.14 -4.87 1.73
C LEU A 94 -0.21 -4.43 0.27
N LEU A 95 0.93 -3.99 -0.25
CA LEU A 95 1.00 -3.51 -1.64
C LEU A 95 2.09 -4.24 -2.42
N LEU A 96 1.67 -5.02 -3.40
CA LEU A 96 2.60 -5.77 -4.23
C LEU A 96 3.08 -4.91 -5.41
N ALA A 97 4.39 -4.75 -5.52
CA ALA A 97 4.97 -3.94 -6.58
C ALA A 97 5.39 -4.81 -7.76
N ASN A 98 5.09 -4.35 -8.97
CA ASN A 98 5.44 -5.09 -10.17
C ASN A 98 6.93 -5.39 -10.22
N SER A 99 7.73 -4.53 -9.60
CA SER A 99 9.17 -4.70 -9.56
C SER A 99 9.71 -4.44 -8.16
N THR A 100 10.78 -5.14 -7.79
CA THR A 100 11.39 -4.99 -6.48
C THR A 100 11.77 -3.53 -6.23
N GLU A 101 12.38 -2.90 -7.23
CA GLU A 101 12.80 -1.52 -7.11
C GLU A 101 11.64 -0.62 -6.68
N GLU A 102 10.45 -0.88 -7.21
CA GLU A 102 9.27 -0.11 -6.88
C GLU A 102 8.99 -0.16 -5.38
N GLN A 103 9.14 -1.35 -4.80
CA GLN A 103 8.91 -1.54 -3.38
C GLN A 103 9.90 -0.74 -2.55
N GLN A 104 11.14 -0.65 -3.04
CA GLN A 104 12.18 0.10 -2.34
C GLN A 104 11.89 1.59 -2.36
N LYS A 105 11.40 2.07 -3.49
CA LYS A 105 11.08 3.48 -3.65
C LYS A 105 9.80 3.85 -2.89
N TRP A 106 8.75 3.06 -3.09
CA TRP A 106 7.48 3.31 -2.43
C TRP A 106 7.63 3.33 -0.91
N VAL A 107 8.25 2.28 -0.38
CA VAL A 107 8.44 2.16 1.07
C VAL A 107 9.34 3.28 1.61
N SER A 108 10.50 3.46 0.99
CA SER A 108 11.45 4.48 1.43
C SER A 108 10.89 5.89 1.25
N ARG A 109 10.15 6.10 0.17
CA ARG A 109 9.57 7.41 -0.12
C ARG A 109 8.38 7.71 0.79
N LEU A 110 7.41 6.81 0.80
CA LEU A 110 6.21 6.98 1.62
C LEU A 110 6.57 7.10 3.11
N VAL A 111 7.57 6.32 3.53
CA VAL A 111 8.00 6.34 4.92
C VAL A 111 8.75 7.64 5.23
N LYS A 112 9.60 8.05 4.29
CA LYS A 112 10.37 9.28 4.46
C LYS A 112 9.45 10.48 4.62
N LYS A 113 8.26 10.39 4.01
CA LYS A 113 7.29 11.47 4.08
C LYS A 113 6.61 11.51 5.46
N ILE A 114 6.73 10.41 6.20
CA ILE A 114 6.11 10.32 7.53
C ILE A 114 6.82 11.23 8.53
N PRO A 115 6.07 11.84 9.46
CA PRO A 115 6.65 12.73 10.48
C PRO A 115 7.52 11.97 11.46
N LYS A 116 7.00 10.85 11.96
CA LYS A 116 7.71 10.02 12.91
C LYS A 116 8.64 9.03 12.20
N LYS A 117 9.47 9.55 11.30
CA LYS A 117 10.41 8.73 10.55
C LYS A 117 11.39 8.03 11.48
#